data_2FDN
# 
_entry.id   2FDN 
# 
_audit_conform.dict_name       mmcif_pdbx.dic 
_audit_conform.dict_version    5.387 
_audit_conform.dict_location   http://mmcif.pdb.org/dictionaries/ascii/mmcif_pdbx.dic 
# 
loop_
_database_2.database_id 
_database_2.database_code 
_database_2.pdbx_database_accession 
_database_2.pdbx_DOI 
PDB   2FDN         pdb_00002fdn 10.2210/pdb2fdn/pdb 
WWPDB D_1000178086 ?            ?                   
# 
loop_
_pdbx_audit_revision_history.ordinal 
_pdbx_audit_revision_history.data_content_type 
_pdbx_audit_revision_history.major_revision 
_pdbx_audit_revision_history.minor_revision 
_pdbx_audit_revision_history.revision_date 
1 'Structure model' 1 0 1998-04-08 
2 'Structure model' 1 1 2008-03-24 
3 'Structure model' 1 2 2011-07-13 
4 'Structure model' 1 3 2024-02-14 
# 
_pdbx_audit_revision_details.ordinal             1 
_pdbx_audit_revision_details.revision_ordinal    1 
_pdbx_audit_revision_details.data_content_type   'Structure model' 
_pdbx_audit_revision_details.provider            repository 
_pdbx_audit_revision_details.type                'Initial release' 
_pdbx_audit_revision_details.description         ? 
_pdbx_audit_revision_details.details             ? 
# 
loop_
_pdbx_audit_revision_group.ordinal 
_pdbx_audit_revision_group.revision_ordinal 
_pdbx_audit_revision_group.data_content_type 
_pdbx_audit_revision_group.group 
1 2 'Structure model' 'Version format compliance' 
2 3 'Structure model' 'Version format compliance' 
3 4 'Structure model' 'Data collection'           
4 4 'Structure model' 'Database references'       
5 4 'Structure model' 'Derived calculations'      
6 4 'Structure model' Other                       
# 
loop_
_pdbx_audit_revision_category.ordinal 
_pdbx_audit_revision_category.revision_ordinal 
_pdbx_audit_revision_category.data_content_type 
_pdbx_audit_revision_category.category 
1 4 'Structure model' chem_comp_atom         
2 4 'Structure model' chem_comp_bond         
3 4 'Structure model' database_2             
4 4 'Structure model' diffrn_source          
5 4 'Structure model' pdbx_database_status   
6 4 'Structure model' pdbx_struct_conn_angle 
7 4 'Structure model' struct_conn            
8 4 'Structure model' struct_site            
# 
loop_
_pdbx_audit_revision_item.ordinal 
_pdbx_audit_revision_item.revision_ordinal 
_pdbx_audit_revision_item.data_content_type 
_pdbx_audit_revision_item.item 
1  4 'Structure model' '_database_2.pdbx_DOI'                        
2  4 'Structure model' '_database_2.pdbx_database_accession'         
3  4 'Structure model' '_diffrn_source.pdbx_synchrotron_site'        
4  4 'Structure model' '_pdbx_database_status.process_site'          
5  4 'Structure model' '_pdbx_struct_conn_angle.ptnr1_auth_seq_id'   
6  4 'Structure model' '_pdbx_struct_conn_angle.ptnr1_label_asym_id' 
7  4 'Structure model' '_pdbx_struct_conn_angle.ptnr1_label_seq_id'  
8  4 'Structure model' '_pdbx_struct_conn_angle.ptnr2_auth_seq_id'   
9  4 'Structure model' '_pdbx_struct_conn_angle.ptnr2_label_asym_id' 
10 4 'Structure model' '_pdbx_struct_conn_angle.ptnr3_auth_seq_id'   
11 4 'Structure model' '_pdbx_struct_conn_angle.ptnr3_label_asym_id' 
12 4 'Structure model' '_pdbx_struct_conn_angle.value'               
13 4 'Structure model' '_struct_conn.pdbx_dist_value'                
14 4 'Structure model' '_struct_conn.ptnr1_auth_comp_id'             
15 4 'Structure model' '_struct_conn.ptnr1_auth_seq_id'              
16 4 'Structure model' '_struct_conn.ptnr1_label_asym_id'            
17 4 'Structure model' '_struct_conn.ptnr1_label_atom_id'            
18 4 'Structure model' '_struct_conn.ptnr1_label_comp_id'            
19 4 'Structure model' '_struct_conn.ptnr1_label_seq_id'             
20 4 'Structure model' '_struct_conn.ptnr2_auth_comp_id'             
21 4 'Structure model' '_struct_conn.ptnr2_auth_seq_id'              
22 4 'Structure model' '_struct_conn.ptnr2_label_asym_id'            
23 4 'Structure model' '_struct_conn.ptnr2_label_atom_id'            
24 4 'Structure model' '_struct_conn.ptnr2_label_comp_id'            
25 4 'Structure model' '_struct_conn.ptnr2_label_seq_id'             
26 4 'Structure model' '_struct_site.pdbx_auth_asym_id'              
27 4 'Structure model' '_struct_site.pdbx_auth_comp_id'              
28 4 'Structure model' '_struct_site.pdbx_auth_seq_id'               
# 
_pdbx_database_status.status_code                     REL 
_pdbx_database_status.entry_id                        2FDN 
_pdbx_database_status.recvd_initial_deposition_date   1997-10-01 
_pdbx_database_status.deposit_site                    ? 
_pdbx_database_status.process_site                    BNL 
_pdbx_database_status.status_code_sf                  REL 
_pdbx_database_status.status_code_mr                  ? 
_pdbx_database_status.SG_entry                        ? 
_pdbx_database_status.pdb_format_compatible           Y 
_pdbx_database_status.status_code_cs                  ? 
_pdbx_database_status.status_code_nmr_data            ? 
_pdbx_database_status.methods_development_category    ? 
# 
loop_
_audit_author.name 
_audit_author.pdbx_ordinal 
'Dauter, Z.'   1 
'Wilson, K.S.' 2 
'Sieker, L.C.' 3 
'Meyer, J.'    4 
'Moulis, J.M.' 5 
# 
loop_
_citation.id 
_citation.title 
_citation.journal_abbrev 
_citation.journal_volume 
_citation.page_first 
_citation.page_last 
_citation.year 
_citation.journal_id_ASTM 
_citation.country 
_citation.journal_id_ISSN 
_citation.journal_id_CSD 
_citation.book_publisher 
_citation.pdbx_database_id_PubMed 
_citation.pdbx_database_id_DOI 
primary 
'Atomic resolution (0.94 A) structure of Clostridium acidurici ferredoxin. Detailed geometry of [4Fe-4S] clusters in a protein.' 
Biochemistry 36  16065 16073 1997 BICHAW US 0006-2960 0033 ? 9405040 10.1021/bi972155y 
1       'Refined Crystal Structure of the 2[4Fe-4S] Ferredoxin from Clostridium Acidurici at 1.84 A Resolution' J.Mol.Biol.  243 
683   ?     1994 JMOBAK UK 0022-2836 0070 ? ?       ?                 
# 
loop_
_citation_author.citation_id 
_citation_author.name 
_citation_author.ordinal 
_citation_author.identifier_ORCID 
primary 'Dauter, Z.'   1  ? 
primary 'Wilson, K.S.' 2  ? 
primary 'Sieker, L.C.' 3  ? 
primary 'Meyer, J.'    4  ? 
primary 'Moulis, J.M.' 5  ? 
1       'Duee, E.D.'   6  ? 
1       'Fanchon, E.'  7  ? 
1       'Vicat, J.'    8  ? 
1       'Sieker, L.C.' 9  ? 
1       'Meyer, J.'    10 ? 
1       'Moulis, J.M.' 11 ? 
# 
loop_
_entity.id 
_entity.type 
_entity.src_method 
_entity.pdbx_description 
_entity.formula_weight 
_entity.pdbx_number_of_molecules 
_entity.pdbx_ec 
_entity.pdbx_mutation 
_entity.pdbx_fragment 
_entity.details 
1 polymer     nat FERREDOXIN            5540.179 1  ? ? ? ? 
2 non-polymer syn 'IRON/SULFUR CLUSTER' 351.640  2  ? ? ? ? 
3 water       nat water                 18.015   94 ? ? ? ? 
# 
_entity_poly.entity_id                      1 
_entity_poly.type                           'polypeptide(L)' 
_entity_poly.nstd_linkage                   no 
_entity_poly.nstd_monomer                   no 
_entity_poly.pdbx_seq_one_letter_code       AYVINEACISCGACEPECPVNAISSGDDRYVIDADTCIDCGACAGVCPVDAPVQA 
_entity_poly.pdbx_seq_one_letter_code_can   AYVINEACISCGACEPECPVNAISSGDDRYVIDADTCIDCGACAGVCPVDAPVQA 
_entity_poly.pdbx_strand_id                 A 
_entity_poly.pdbx_target_identifier         ? 
# 
loop_
_pdbx_entity_nonpoly.entity_id 
_pdbx_entity_nonpoly.name 
_pdbx_entity_nonpoly.comp_id 
2 'IRON/SULFUR CLUSTER' SF4 
3 water                 HOH 
# 
loop_
_entity_poly_seq.entity_id 
_entity_poly_seq.num 
_entity_poly_seq.mon_id 
_entity_poly_seq.hetero 
1 1  ALA n 
1 2  TYR n 
1 3  VAL n 
1 4  ILE n 
1 5  ASN n 
1 6  GLU n 
1 7  ALA n 
1 8  CYS n 
1 9  ILE n 
1 10 SER n 
1 11 CYS n 
1 12 GLY n 
1 13 ALA n 
1 14 CYS n 
1 15 GLU n 
1 16 PRO n 
1 17 GLU n 
1 18 CYS n 
1 19 PRO n 
1 20 VAL n 
1 21 ASN n 
1 22 ALA n 
1 23 ILE n 
1 24 SER n 
1 25 SER n 
1 26 GLY n 
1 27 ASP n 
1 28 ASP n 
1 29 ARG n 
1 30 TYR n 
1 31 VAL n 
1 32 ILE n 
1 33 ASP n 
1 34 ALA n 
1 35 ASP n 
1 36 THR n 
1 37 CYS n 
1 38 ILE n 
1 39 ASP n 
1 40 CYS n 
1 41 GLY n 
1 42 ALA n 
1 43 CYS n 
1 44 ALA n 
1 45 GLY n 
1 46 VAL n 
1 47 CYS n 
1 48 PRO n 
1 49 VAL n 
1 50 ASP n 
1 51 ALA n 
1 52 PRO n 
1 53 VAL n 
1 54 GLN n 
1 55 ALA n 
# 
_entity_src_nat.entity_id                  1 
_entity_src_nat.pdbx_src_id                1 
_entity_src_nat.pdbx_alt_source_flag       sample 
_entity_src_nat.pdbx_beg_seq_num           ? 
_entity_src_nat.pdbx_end_seq_num           ? 
_entity_src_nat.common_name                ? 
_entity_src_nat.pdbx_organism_scientific   'Clostridium acidurici' 
_entity_src_nat.pdbx_ncbi_taxonomy_id      1556 
_entity_src_nat.genus                      Clostridium 
_entity_src_nat.species                    ? 
_entity_src_nat.strain                     ? 
_entity_src_nat.tissue                     ? 
_entity_src_nat.tissue_fraction            ? 
_entity_src_nat.pdbx_secretion             ? 
_entity_src_nat.pdbx_fragment              ? 
_entity_src_nat.pdbx_variant               ? 
_entity_src_nat.pdbx_cell_line             ? 
_entity_src_nat.pdbx_atcc                  7906 
_entity_src_nat.pdbx_cellular_location     ? 
_entity_src_nat.pdbx_organ                 ? 
_entity_src_nat.pdbx_organelle             ? 
_entity_src_nat.pdbx_cell                  ? 
_entity_src_nat.pdbx_plasmid_name          ? 
_entity_src_nat.pdbx_plasmid_details       ? 
_entity_src_nat.details                    ? 
# 
loop_
_chem_comp.id 
_chem_comp.type 
_chem_comp.mon_nstd_flag 
_chem_comp.name 
_chem_comp.pdbx_synonyms 
_chem_comp.formula 
_chem_comp.formula_weight 
ALA 'L-peptide linking' y ALANINE               ? 'C3 H7 N O2'     89.093  
ARG 'L-peptide linking' y ARGININE              ? 'C6 H15 N4 O2 1' 175.209 
ASN 'L-peptide linking' y ASPARAGINE            ? 'C4 H8 N2 O3'    132.118 
ASP 'L-peptide linking' y 'ASPARTIC ACID'       ? 'C4 H7 N O4'     133.103 
CYS 'L-peptide linking' y CYSTEINE              ? 'C3 H7 N O2 S'   121.158 
GLN 'L-peptide linking' y GLUTAMINE             ? 'C5 H10 N2 O3'   146.144 
GLU 'L-peptide linking' y 'GLUTAMIC ACID'       ? 'C5 H9 N O4'     147.129 
GLY 'peptide linking'   y GLYCINE               ? 'C2 H5 N O2'     75.067  
HOH non-polymer         . WATER                 ? 'H2 O'           18.015  
ILE 'L-peptide linking' y ISOLEUCINE            ? 'C6 H13 N O2'    131.173 
PRO 'L-peptide linking' y PROLINE               ? 'C5 H9 N O2'     115.130 
SER 'L-peptide linking' y SERINE                ? 'C3 H7 N O3'     105.093 
SF4 non-polymer         . 'IRON/SULFUR CLUSTER' ? 'Fe4 S4'         351.640 
THR 'L-peptide linking' y THREONINE             ? 'C4 H9 N O3'     119.119 
TYR 'L-peptide linking' y TYROSINE              ? 'C9 H11 N O3'    181.189 
VAL 'L-peptide linking' y VALINE                ? 'C5 H11 N O2'    117.146 
# 
loop_
_pdbx_poly_seq_scheme.asym_id 
_pdbx_poly_seq_scheme.entity_id 
_pdbx_poly_seq_scheme.seq_id 
_pdbx_poly_seq_scheme.mon_id 
_pdbx_poly_seq_scheme.ndb_seq_num 
_pdbx_poly_seq_scheme.pdb_seq_num 
_pdbx_poly_seq_scheme.auth_seq_num 
_pdbx_poly_seq_scheme.pdb_mon_id 
_pdbx_poly_seq_scheme.auth_mon_id 
_pdbx_poly_seq_scheme.pdb_strand_id 
_pdbx_poly_seq_scheme.pdb_ins_code 
_pdbx_poly_seq_scheme.hetero 
A 1 1  ALA 1  1  1  ALA ALA A . n 
A 1 2  TYR 2  2  2  TYR TYR A . n 
A 1 3  VAL 3  3  3  VAL VAL A . n 
A 1 4  ILE 4  4  4  ILE ILE A . n 
A 1 5  ASN 5  5  5  ASN ASN A . n 
A 1 6  GLU 6  6  6  GLU GLU A . n 
A 1 7  ALA 7  7  7  ALA ALA A . n 
A 1 8  CYS 8  8  8  CYS CYS A . n 
A 1 9  ILE 9  9  9  ILE ILE A . n 
A 1 10 SER 10 10 10 SER SER A . n 
A 1 11 CYS 11 11 11 CYS CYS A . n 
A 1 12 GLY 12 12 12 GLY GLY A . n 
A 1 13 ALA 13 13 13 ALA ALA A . n 
A 1 14 CYS 14 14 14 CYS CYS A . n 
A 1 15 GLU 15 15 15 GLU GLU A . n 
A 1 16 PRO 16 16 16 PRO PRO A . n 
A 1 17 GLU 17 17 17 GLU GLU A . n 
A 1 18 CYS 18 18 18 CYS CYS A . n 
A 1 19 PRO 19 19 19 PRO PRO A . n 
A 1 20 VAL 20 20 20 VAL VAL A . n 
A 1 21 ASN 21 21 21 ASN ASN A . n 
A 1 22 ALA 22 22 22 ALA ALA A . n 
A 1 23 ILE 23 23 23 ILE ILE A . n 
A 1 24 SER 24 24 24 SER SER A . n 
A 1 25 SER 25 25 25 SER SER A . n 
A 1 26 GLY 26 26 26 GLY GLY A . n 
A 1 27 ASP 27 27 27 ASP ASP A . n 
A 1 28 ASP 28 28 28 ASP ASP A . n 
A 1 29 ARG 29 29 29 ARG ARG A . n 
A 1 30 TYR 30 30 30 TYR TYR A . n 
A 1 31 VAL 31 31 31 VAL VAL A . n 
A 1 32 ILE 32 32 32 ILE ILE A . n 
A 1 33 ASP 33 33 33 ASP ASP A . n 
A 1 34 ALA 34 34 34 ALA ALA A . n 
A 1 35 ASP 35 35 35 ASP ASP A . n 
A 1 36 THR 36 36 36 THR THR A . n 
A 1 37 CYS 37 37 37 CYS CYS A . n 
A 1 38 ILE 38 38 38 ILE ILE A . n 
A 1 39 ASP 39 39 39 ASP ASP A . n 
A 1 40 CYS 40 40 40 CYS CYS A . n 
A 1 41 GLY 41 41 41 GLY GLY A . n 
A 1 42 ALA 42 42 42 ALA ALA A . n 
A 1 43 CYS 43 43 43 CYS CYS A . n 
A 1 44 ALA 44 44 44 ALA ALA A . n 
A 1 45 GLY 45 45 45 GLY GLY A . n 
A 1 46 VAL 46 46 46 VAL VAL A . n 
A 1 47 CYS 47 47 47 CYS CYS A . n 
A 1 48 PRO 48 48 48 PRO PRO A . n 
A 1 49 VAL 49 49 49 VAL VAL A . n 
A 1 50 ASP 50 50 50 ASP ASP A . n 
A 1 51 ALA 51 51 51 ALA ALA A . n 
A 1 52 PRO 52 52 52 PRO PRO A . n 
A 1 53 VAL 53 53 53 VAL VAL A . n 
A 1 54 GLN 54 54 54 GLN GLN A . n 
A 1 55 ALA 55 55 55 ALA ALA A . n 
# 
loop_
_pdbx_nonpoly_scheme.asym_id 
_pdbx_nonpoly_scheme.entity_id 
_pdbx_nonpoly_scheme.mon_id 
_pdbx_nonpoly_scheme.ndb_seq_num 
_pdbx_nonpoly_scheme.pdb_seq_num 
_pdbx_nonpoly_scheme.auth_seq_num 
_pdbx_nonpoly_scheme.pdb_mon_id 
_pdbx_nonpoly_scheme.auth_mon_id 
_pdbx_nonpoly_scheme.pdb_strand_id 
_pdbx_nonpoly_scheme.pdb_ins_code 
B 2 SF4 1  61  61  SF4 FS4 A . 
C 2 SF4 1  62  62  SF4 FS4 A . 
D 3 HOH 1  101 101 HOH HOH A . 
D 3 HOH 2  102 102 HOH HOH A . 
D 3 HOH 3  103 103 HOH HOH A . 
D 3 HOH 4  104 104 HOH HOH A . 
D 3 HOH 5  105 105 HOH HOH A . 
D 3 HOH 6  106 106 HOH HOH A . 
D 3 HOH 7  107 107 HOH HOH A . 
D 3 HOH 8  108 108 HOH HOH A . 
D 3 HOH 9  109 109 HOH HOH A . 
D 3 HOH 10 110 110 HOH HOH A . 
D 3 HOH 11 111 111 HOH HOH A . 
D 3 HOH 12 112 112 HOH HOH A . 
D 3 HOH 13 113 113 HOH HOH A . 
D 3 HOH 14 114 114 HOH HOH A . 
D 3 HOH 15 115 115 HOH HOH A . 
D 3 HOH 16 116 116 HOH HOH A . 
D 3 HOH 17 117 117 HOH HOH A . 
D 3 HOH 18 118 118 HOH HOH A . 
D 3 HOH 19 119 119 HOH HOH A . 
D 3 HOH 20 120 120 HOH HOH A . 
D 3 HOH 21 121 121 HOH HOH A . 
D 3 HOH 22 122 122 HOH HOH A . 
D 3 HOH 23 123 123 HOH HOH A . 
D 3 HOH 24 124 124 HOH HOH A . 
D 3 HOH 25 125 125 HOH HOH A . 
D 3 HOH 26 126 126 HOH HOH A . 
D 3 HOH 27 127 127 HOH HOH A . 
D 3 HOH 28 128 128 HOH HOH A . 
D 3 HOH 29 129 129 HOH HOH A . 
D 3 HOH 30 130 130 HOH HOH A . 
D 3 HOH 31 131 131 HOH HOH A . 
D 3 HOH 32 132 132 HOH HOH A . 
D 3 HOH 33 133 133 HOH HOH A . 
D 3 HOH 34 134 134 HOH HOH A . 
D 3 HOH 35 135 135 HOH HOH A . 
D 3 HOH 36 136 136 HOH HOH A . 
D 3 HOH 37 137 137 HOH HOH A . 
D 3 HOH 38 138 138 HOH HOH A . 
D 3 HOH 39 139 139 HOH HOH A . 
D 3 HOH 40 140 140 HOH HOH A . 
D 3 HOH 41 141 141 HOH HOH A . 
D 3 HOH 42 142 142 HOH HOH A . 
D 3 HOH 43 143 143 HOH HOH A . 
D 3 HOH 44 144 144 HOH HOH A . 
D 3 HOH 45 145 145 HOH HOH A . 
D 3 HOH 46 146 146 HOH HOH A . 
D 3 HOH 47 147 147 HOH HOH A . 
D 3 HOH 48 148 148 HOH HOH A . 
D 3 HOH 49 149 149 HOH HOH A . 
D 3 HOH 50 150 150 HOH HOH A . 
D 3 HOH 51 151 151 HOH HOH A . 
D 3 HOH 52 152 152 HOH HOH A . 
D 3 HOH 53 153 153 HOH HOH A . 
D 3 HOH 54 154 154 HOH HOH A . 
D 3 HOH 55 155 155 HOH HOH A . 
D 3 HOH 56 156 156 HOH HOH A . 
D 3 HOH 57 157 157 HOH HOH A . 
D 3 HOH 58 158 158 HOH HOH A . 
D 3 HOH 59 159 159 HOH HOH A . 
D 3 HOH 60 160 160 HOH HOH A . 
D 3 HOH 61 161 161 HOH HOH A . 
D 3 HOH 62 162 162 HOH HOH A . 
D 3 HOH 63 163 163 HOH HOH A . 
D 3 HOH 64 164 164 HOH HOH A . 
D 3 HOH 65 165 165 HOH HOH A . 
D 3 HOH 66 166 166 HOH HOH A . 
D 3 HOH 67 167 167 HOH HOH A . 
D 3 HOH 68 168 168 HOH HOH A . 
D 3 HOH 69 169 169 HOH HOH A . 
D 3 HOH 70 170 170 HOH HOH A . 
D 3 HOH 71 171 171 HOH HOH A . 
D 3 HOH 72 172 172 HOH HOH A . 
D 3 HOH 73 173 173 HOH HOH A . 
D 3 HOH 74 174 174 HOH HOH A . 
D 3 HOH 75 175 175 HOH HOH A . 
D 3 HOH 76 177 177 HOH HOH A . 
D 3 HOH 77 179 179 HOH HOH A . 
D 3 HOH 78 180 180 HOH HOH A . 
D 3 HOH 79 181 181 HOH HOH A . 
D 3 HOH 80 182 182 HOH HOH A . 
D 3 HOH 81 183 183 HOH HOH A . 
D 3 HOH 82 184 184 HOH HOH A . 
D 3 HOH 83 185 185 HOH HOH A . 
D 3 HOH 84 186 186 HOH HOH A . 
D 3 HOH 85 187 187 HOH HOH A . 
D 3 HOH 86 188 188 HOH HOH A . 
D 3 HOH 87 189 189 HOH HOH A . 
D 3 HOH 88 190 190 HOH HOH A . 
D 3 HOH 89 191 191 HOH HOH A . 
D 3 HOH 90 192 192 HOH HOH A . 
D 3 HOH 91 193 193 HOH HOH A . 
D 3 HOH 92 194 194 HOH HOH A . 
D 3 HOH 93 195 195 HOH HOH A . 
D 3 HOH 94 196 196 HOH HOH A . 
# 
loop_
_software.name 
_software.classification 
_software.version 
_software.citation_id 
_software.pdbx_ordinal 
SHELX     'model building' . ? 1 
SHELX     refinement       . ? 2 
DENZO     'data reduction' . ? 3 
SCALEPACK 'data scaling'   . ? 4 
SHELX     phasing          . ? 5 
# 
_cell.entry_id           2FDN 
_cell.length_a           33.950 
_cell.length_b           33.950 
_cell.length_c           74.820 
_cell.angle_alpha        90.00 
_cell.angle_beta         90.00 
_cell.angle_gamma        90.00 
_cell.Z_PDB              8 
_cell.pdbx_unique_axis   ? 
# 
_symmetry.entry_id                         2FDN 
_symmetry.space_group_name_H-M             'P 43 21 2' 
_symmetry.pdbx_full_space_group_name_H-M   ? 
_symmetry.cell_setting                     ? 
_symmetry.Int_Tables_number                96 
# 
_exptl.entry_id          2FDN 
_exptl.method            'X-RAY DIFFRACTION' 
_exptl.crystals_number   1 
# 
_exptl_crystal.id                    1 
_exptl_crystal.density_meas          ? 
_exptl_crystal.density_Matthews      1.85 
_exptl_crystal.density_percent_sol   35. 
_exptl_crystal.description           ? 
# 
_exptl_crystal_grow.crystal_id      1 
_exptl_crystal_grow.method          ? 
_exptl_crystal_grow.temp            ? 
_exptl_crystal_grow.temp_details    ? 
_exptl_crystal_grow.pH              7.0 
_exptl_crystal_grow.pdbx_pH_range   6.6-7.0 
_exptl_crystal_grow.pdbx_details    
'55-60% AMMONIUM SULFATE, 100 MM TRISMALEATE PH 6.6-7.0 MIXED 1:1 WITH 10 MG/ML PROTEIN SOLUTION.' 
# 
_diffrn.id                     1 
_diffrn.ambient_temp           100 
_diffrn.ambient_temp_details   ? 
_diffrn.crystal_id             1 
# 
_diffrn_detector.diffrn_id              1 
_diffrn_detector.detector               'IMAGE PLATE' 
_diffrn_detector.type                   MARRESEARCH 
_diffrn_detector.pdbx_collection_date   1995-08-01 
_diffrn_detector.details                MIRRORS 
# 
_diffrn_radiation.diffrn_id                        1 
_diffrn_radiation.wavelength_id                    1 
_diffrn_radiation.pdbx_monochromatic_or_laue_m_l   M 
_diffrn_radiation.monochromator                    'SI(111)' 
_diffrn_radiation.pdbx_diffrn_protocol             ? 
_diffrn_radiation.pdbx_scattering_type             x-ray 
# 
_diffrn_radiation_wavelength.id           1 
_diffrn_radiation_wavelength.wavelength   0.883 
_diffrn_radiation_wavelength.wt           1.0 
# 
_diffrn_source.diffrn_id                   1 
_diffrn_source.source                      SYNCHROTRON 
_diffrn_source.type                        'EMBL/DESY, HAMBURG BEAMLINE BW7B' 
_diffrn_source.pdbx_synchrotron_site       'EMBL/DESY, HAMBURG' 
_diffrn_source.pdbx_synchrotron_beamline   BW7B 
_diffrn_source.pdbx_wavelength             0.883 
_diffrn_source.pdbx_wavelength_list        ? 
# 
_reflns.entry_id                     2FDN 
_reflns.observed_criterion_sigma_I   ? 
_reflns.observed_criterion_sigma_F   ? 
_reflns.d_resolution_low             20.0 
_reflns.d_resolution_high            0.94 
_reflns.number_obs                   28084 
_reflns.number_all                   ? 
_reflns.percent_possible_obs         98.7 
_reflns.pdbx_Rmerge_I_obs            0.073 
_reflns.pdbx_Rsym_value              0.073 
_reflns.pdbx_netI_over_sigmaI        15.0 
_reflns.B_iso_Wilson_estimate        ? 
_reflns.pdbx_redundancy              4.0 
_reflns.pdbx_diffrn_id               1 
_reflns.pdbx_ordinal                 1 
# 
_reflns_shell.d_res_high             0.94 
_reflns_shell.d_res_low              0.95 
_reflns_shell.percent_possible_all   93.7 
_reflns_shell.Rmerge_I_obs           0.483 
_reflns_shell.pdbx_Rsym_value        0.483 
_reflns_shell.meanI_over_sigI_obs    2.0 
_reflns_shell.pdbx_redundancy        4.0 
_reflns_shell.pdbx_diffrn_id         ? 
_reflns_shell.pdbx_ordinal           1 
# 
_refine.entry_id                                 2FDN 
_refine.ls_number_reflns_obs                     ? 
_refine.ls_number_reflns_all                     47452 
_refine.pdbx_ls_sigma_I                          ? 
_refine.pdbx_ls_sigma_F                          ? 
_refine.pdbx_data_cutoff_high_absF               ? 
_refine.pdbx_data_cutoff_low_absF                ? 
_refine.pdbx_data_cutoff_high_rms_absF           ? 
_refine.ls_d_res_low                             20.0 
_refine.ls_d_res_high                            0.94 
_refine.ls_percent_reflns_obs                    98.7 
_refine.ls_R_factor_obs                          0.1003 
_refine.ls_R_factor_all                          ? 
_refine.ls_R_factor_R_work                       ? 
_refine.ls_R_factor_R_free                       ? 
_refine.ls_R_factor_R_free_error                 ? 
_refine.ls_R_factor_R_free_error_details         ? 
_refine.ls_percent_reflns_R_free                 ? 
_refine.ls_number_reflns_R_free                  ? 
_refine.ls_number_parameters                     5145 
_refine.ls_number_restraints                     5081 
_refine.occupancy_min                            ? 
_refine.occupancy_max                            ? 
_refine.B_iso_mean                               ? 
_refine.aniso_B[1][1]                            ? 
_refine.aniso_B[2][2]                            ? 
_refine.aniso_B[3][3]                            ? 
_refine.aniso_B[1][2]                            ? 
_refine.aniso_B[1][3]                            ? 
_refine.aniso_B[2][3]                            ? 
_refine.solvent_model_details                    'SHELX SWAT' 
_refine.solvent_model_param_ksol                 ? 
_refine.solvent_model_param_bsol                 ? 
_refine.pdbx_ls_cross_valid_method               ? 
_refine.details                                  'NO RESTRAINTS ON [4FE-4S] CLUSTERS' 
_refine.pdbx_starting_model                      ? 
_refine.pdbx_method_to_determine_struct          'TAKEN FROM PDB ENTRY 1FDN' 
_refine.pdbx_isotropic_thermal_model             ? 
_refine.pdbx_stereochemistry_target_values       'ENGH AND HUBER' 
_refine.pdbx_stereochem_target_val_spec_case     ? 
_refine.pdbx_R_Free_selection_details            ? 
_refine.pdbx_overall_ESU_R                       ? 
_refine.pdbx_overall_ESU_R_Free                  ? 
_refine.overall_SU_ML                            ? 
_refine.overall_SU_B                             ? 
_refine.pdbx_refine_id                           'X-RAY DIFFRACTION' 
_refine.pdbx_diffrn_id                           1 
_refine.pdbx_TLS_residual_ADP_flag               ? 
_refine.correlation_coeff_Fo_to_Fc               ? 
_refine.correlation_coeff_Fo_to_Fc_free          ? 
_refine.pdbx_solvent_vdw_probe_radii             ? 
_refine.pdbx_solvent_ion_probe_radii             ? 
_refine.pdbx_solvent_shrinkage_radii             ? 
_refine.pdbx_overall_phase_error                 ? 
_refine.overall_SU_R_Cruickshank_DPI             ? 
_refine.pdbx_overall_SU_R_free_Cruickshank_DPI   ? 
_refine.pdbx_overall_SU_R_Blow_DPI               ? 
_refine.pdbx_overall_SU_R_free_Blow_DPI          ? 
# 
_refine_analyze.entry_id                        2FDN 
_refine_analyze.Luzzati_coordinate_error_obs    ? 
_refine_analyze.Luzzati_sigma_a_obs             ? 
_refine_analyze.Luzzati_d_res_low_obs           ? 
_refine_analyze.Luzzati_coordinate_error_free   ? 
_refine_analyze.Luzzati_sigma_a_free            ? 
_refine_analyze.Luzzati_d_res_low_free          ? 
_refine_analyze.number_disordered_residues      6 
_refine_analyze.occupancy_sum_hydrogen          272 
_refine_analyze.occupancy_sum_non_hydrogen      472 
_refine_analyze.pdbx_refine_id                  'X-RAY DIFFRACTION' 
# 
_refine_hist.pdbx_refine_id                   'X-RAY DIFFRACTION' 
_refine_hist.cycle_id                         LAST 
_refine_hist.pdbx_number_atoms_protein        381 
_refine_hist.pdbx_number_atoms_nucleic_acid   0 
_refine_hist.pdbx_number_atoms_ligand         16 
_refine_hist.number_atoms_solvent             96 
_refine_hist.number_atoms_total               493 
_refine_hist.d_res_high                       0.94 
_refine_hist.d_res_low                        20.0 
# 
loop_
_refine_ls_restr.type 
_refine_ls_restr.dev_ideal 
_refine_ls_restr.dev_ideal_target 
_refine_ls_restr.weight 
_refine_ls_restr.number 
_refine_ls_restr.pdbx_refine_id 
_refine_ls_restr.pdbx_restraint_function 
s_bond_d               0.027 ? ? ? 'X-RAY DIFFRACTION' ? 
s_angle_d              0.038 ? ? ? 'X-RAY DIFFRACTION' ? 
s_similar_dist         ?     ? ? ? 'X-RAY DIFFRACTION' ? 
s_from_restr_planes    0.017 ? ? ? 'X-RAY DIFFRACTION' ? 
s_zero_chiral_vol      ?     ? ? ? 'X-RAY DIFFRACTION' ? 
s_non_zero_chiral_vol  0.360 ? ? ? 'X-RAY DIFFRACTION' ? 
s_anti_bump_dis_restr  ?     ? ? ? 'X-RAY DIFFRACTION' ? 
s_rigid_bond_adp_cmpnt 0.006 ? ? ? 'X-RAY DIFFRACTION' ? 
s_similar_adp_cmpnt    0.033 ? ? ? 'X-RAY DIFFRACTION' ? 
s_approx_iso_adps      0.075 ? ? ? 'X-RAY DIFFRACTION' ? 
# 
_pdbx_refine.entry_id                                    2FDN 
_pdbx_refine.R_factor_all_no_cutoff                      ? 
_pdbx_refine.R_factor_obs_no_cutoff                      0.1003 
_pdbx_refine.free_R_factor_no_cutoff                     ? 
_pdbx_refine.free_R_val_test_set_size_perc_no_cutoff     ? 
_pdbx_refine.free_R_val_test_set_ct_no_cutoff            ? 
_pdbx_refine.R_factor_all_4sig_cutoff                    ? 
_pdbx_refine.R_factor_obs_4sig_cutoff                    0.0866 
_pdbx_refine.free_R_factor_4sig_cutoff                   ? 
_pdbx_refine.free_R_val_test_set_size_perc_4sig_cutoff   ? 
_pdbx_refine.free_R_val_test_set_ct_4sig_cutoff          ? 
_pdbx_refine.number_reflns_obs_4sig_cutoff               37200 
_pdbx_refine.pdbx_refine_id                              'X-RAY DIFFRACTION' 
_pdbx_refine.free_R_error_no_cutoff                      ? 
# 
_struct.entry_id                  2FDN 
_struct.title                     '2[4FE-4S] FERREDOXIN FROM CLOSTRIDIUM ACIDI-URICI' 
_struct.pdbx_model_details        ? 
_struct.pdbx_CASP_flag            ? 
_struct.pdbx_model_type_details   ? 
# 
_struct_keywords.entry_id        2FDN 
_struct_keywords.pdbx_keywords   'ELECTRON TRANSPORT' 
_struct_keywords.text            'ELECTRON TRANSPORT, IRON-SULFUR, 4FE-4S' 
# 
loop_
_struct_asym.id 
_struct_asym.pdbx_blank_PDB_chainid_flag 
_struct_asym.pdbx_modified 
_struct_asym.entity_id 
_struct_asym.details 
A N N 1 ? 
B N N 2 ? 
C N N 2 ? 
D N N 3 ? 
# 
_struct_ref.id                         1 
_struct_ref.db_name                    UNP 
_struct_ref.db_code                    FER_CLOAC 
_struct_ref.entity_id                  1 
_struct_ref.pdbx_db_accession          P00198 
_struct_ref.pdbx_align_begin           1 
_struct_ref.pdbx_seq_one_letter_code   AYVINEACISCGACEPECPVNAISSGDDRYVIDADTCIDCGACAGVCPVDAPVQA 
_struct_ref.pdbx_db_isoform            ? 
# 
_struct_ref_seq.align_id                      1 
_struct_ref_seq.ref_id                        1 
_struct_ref_seq.pdbx_PDB_id_code              2FDN 
_struct_ref_seq.pdbx_strand_id                A 
_struct_ref_seq.seq_align_beg                 1 
_struct_ref_seq.pdbx_seq_align_beg_ins_code   ? 
_struct_ref_seq.seq_align_end                 55 
_struct_ref_seq.pdbx_seq_align_end_ins_code   ? 
_struct_ref_seq.pdbx_db_accession             P00198 
_struct_ref_seq.db_align_beg                  1 
_struct_ref_seq.pdbx_db_align_beg_ins_code    ? 
_struct_ref_seq.db_align_end                  55 
_struct_ref_seq.pdbx_db_align_end_ins_code    ? 
_struct_ref_seq.pdbx_auth_seq_align_beg       1 
_struct_ref_seq.pdbx_auth_seq_align_end       55 
# 
_pdbx_struct_assembly.id                   1 
_pdbx_struct_assembly.details              author_defined_assembly 
_pdbx_struct_assembly.method_details       ? 
_pdbx_struct_assembly.oligomeric_details   monomeric 
_pdbx_struct_assembly.oligomeric_count     1 
# 
_pdbx_struct_assembly_gen.assembly_id       1 
_pdbx_struct_assembly_gen.oper_expression   1 
_pdbx_struct_assembly_gen.asym_id_list      A,B,C,D 
# 
_pdbx_struct_oper_list.id                   1 
_pdbx_struct_oper_list.type                 'identity operation' 
_pdbx_struct_oper_list.name                 1_555 
_pdbx_struct_oper_list.symmetry_operation   x,y,z 
_pdbx_struct_oper_list.matrix[1][1]         1.0000000000 
_pdbx_struct_oper_list.matrix[1][2]         0.0000000000 
_pdbx_struct_oper_list.matrix[1][3]         0.0000000000 
_pdbx_struct_oper_list.vector[1]            0.0000000000 
_pdbx_struct_oper_list.matrix[2][1]         0.0000000000 
_pdbx_struct_oper_list.matrix[2][2]         1.0000000000 
_pdbx_struct_oper_list.matrix[2][3]         0.0000000000 
_pdbx_struct_oper_list.vector[2]            0.0000000000 
_pdbx_struct_oper_list.matrix[3][1]         0.0000000000 
_pdbx_struct_oper_list.matrix[3][2]         0.0000000000 
_pdbx_struct_oper_list.matrix[3][3]         1.0000000000 
_pdbx_struct_oper_list.vector[3]            0.0000000000 
# 
_struct_biol.id   1 
# 
loop_
_struct_conf.conf_type_id 
_struct_conf.id 
_struct_conf.pdbx_PDB_helix_id 
_struct_conf.beg_label_comp_id 
_struct_conf.beg_label_asym_id 
_struct_conf.beg_label_seq_id 
_struct_conf.pdbx_beg_PDB_ins_code 
_struct_conf.end_label_comp_id 
_struct_conf.end_label_asym_id 
_struct_conf.end_label_seq_id 
_struct_conf.pdbx_end_PDB_ins_code 
_struct_conf.beg_auth_comp_id 
_struct_conf.beg_auth_asym_id 
_struct_conf.beg_auth_seq_id 
_struct_conf.end_auth_comp_id 
_struct_conf.end_auth_asym_id 
_struct_conf.end_auth_seq_id 
_struct_conf.pdbx_PDB_helix_class 
_struct_conf.details 
_struct_conf.pdbx_PDB_helix_length 
HELX_P HELX_P1 1 GLU A 15 ? GLU A 17 ? GLU A 15 GLU A 17 5 ? 3 
HELX_P HELX_P2 2 ALA A 42 ? VAL A 46 ? ALA A 42 VAL A 46 1 ? 5 
# 
_struct_conf_type.id          HELX_P 
_struct_conf_type.criteria    ? 
_struct_conf_type.reference   ? 
# 
loop_
_struct_conn.id 
_struct_conn.conn_type_id 
_struct_conn.pdbx_leaving_atom_flag 
_struct_conn.pdbx_PDB_id 
_struct_conn.ptnr1_label_asym_id 
_struct_conn.ptnr1_label_comp_id 
_struct_conn.ptnr1_label_seq_id 
_struct_conn.ptnr1_label_atom_id 
_struct_conn.pdbx_ptnr1_label_alt_id 
_struct_conn.pdbx_ptnr1_PDB_ins_code 
_struct_conn.pdbx_ptnr1_standard_comp_id 
_struct_conn.ptnr1_symmetry 
_struct_conn.ptnr2_label_asym_id 
_struct_conn.ptnr2_label_comp_id 
_struct_conn.ptnr2_label_seq_id 
_struct_conn.ptnr2_label_atom_id 
_struct_conn.pdbx_ptnr2_label_alt_id 
_struct_conn.pdbx_ptnr2_PDB_ins_code 
_struct_conn.ptnr1_auth_asym_id 
_struct_conn.ptnr1_auth_comp_id 
_struct_conn.ptnr1_auth_seq_id 
_struct_conn.ptnr2_auth_asym_id 
_struct_conn.ptnr2_auth_comp_id 
_struct_conn.ptnr2_auth_seq_id 
_struct_conn.ptnr2_symmetry 
_struct_conn.pdbx_ptnr3_label_atom_id 
_struct_conn.pdbx_ptnr3_label_seq_id 
_struct_conn.pdbx_ptnr3_label_comp_id 
_struct_conn.pdbx_ptnr3_label_asym_id 
_struct_conn.pdbx_ptnr3_label_alt_id 
_struct_conn.pdbx_ptnr3_PDB_ins_code 
_struct_conn.details 
_struct_conn.pdbx_dist_value 
_struct_conn.pdbx_value_order 
_struct_conn.pdbx_role 
metalc1 metalc ? ? A CYS 8  SG ? ? ? 1_555 B SF4 . FE1 ? ? A CYS 8  A SF4 61 1_555 ? ? ? ? ? ? ? 2.264 ? ? 
metalc2 metalc ? ? A CYS 11 SG ? ? ? 1_555 B SF4 . FE2 ? ? A CYS 11 A SF4 61 1_555 ? ? ? ? ? ? ? 2.271 ? ? 
metalc3 metalc ? ? A CYS 14 SG ? ? ? 1_555 B SF4 . FE3 ? ? A CYS 14 A SF4 61 1_555 ? ? ? ? ? ? ? 2.233 ? ? 
metalc4 metalc ? ? A CYS 18 SG ? ? ? 1_555 C SF4 . FE4 ? ? A CYS 18 A SF4 62 1_555 ? ? ? ? ? ? ? 2.277 ? ? 
metalc5 metalc ? ? A CYS 37 SG ? ? ? 1_555 C SF4 . FE1 ? ? A CYS 37 A SF4 62 1_555 ? ? ? ? ? ? ? 2.275 ? ? 
metalc6 metalc ? ? A CYS 40 SG ? ? ? 1_555 C SF4 . FE2 ? ? A CYS 40 A SF4 62 1_555 ? ? ? ? ? ? ? 2.279 ? ? 
metalc7 metalc ? ? A CYS 43 SG ? ? ? 1_555 C SF4 . FE3 ? ? A CYS 43 A SF4 62 1_555 ? ? ? ? ? ? ? 2.258 ? ? 
metalc8 metalc ? ? A CYS 47 SG ? ? ? 1_555 B SF4 . FE4 ? ? A CYS 47 A SF4 61 1_555 ? ? ? ? ? ? ? 2.252 ? ? 
# 
_struct_conn_type.id          metalc 
_struct_conn_type.criteria    ? 
_struct_conn_type.reference   ? 
# 
loop_
_pdbx_struct_conn_angle.id 
_pdbx_struct_conn_angle.ptnr1_label_atom_id 
_pdbx_struct_conn_angle.ptnr1_label_alt_id 
_pdbx_struct_conn_angle.ptnr1_label_asym_id 
_pdbx_struct_conn_angle.ptnr1_label_comp_id 
_pdbx_struct_conn_angle.ptnr1_label_seq_id 
_pdbx_struct_conn_angle.ptnr1_auth_atom_id 
_pdbx_struct_conn_angle.ptnr1_auth_asym_id 
_pdbx_struct_conn_angle.ptnr1_auth_comp_id 
_pdbx_struct_conn_angle.ptnr1_auth_seq_id 
_pdbx_struct_conn_angle.ptnr1_PDB_ins_code 
_pdbx_struct_conn_angle.ptnr1_symmetry 
_pdbx_struct_conn_angle.ptnr2_label_atom_id 
_pdbx_struct_conn_angle.ptnr2_label_alt_id 
_pdbx_struct_conn_angle.ptnr2_label_asym_id 
_pdbx_struct_conn_angle.ptnr2_label_comp_id 
_pdbx_struct_conn_angle.ptnr2_label_seq_id 
_pdbx_struct_conn_angle.ptnr2_auth_atom_id 
_pdbx_struct_conn_angle.ptnr2_auth_asym_id 
_pdbx_struct_conn_angle.ptnr2_auth_comp_id 
_pdbx_struct_conn_angle.ptnr2_auth_seq_id 
_pdbx_struct_conn_angle.ptnr2_PDB_ins_code 
_pdbx_struct_conn_angle.ptnr2_symmetry 
_pdbx_struct_conn_angle.ptnr3_label_atom_id 
_pdbx_struct_conn_angle.ptnr3_label_alt_id 
_pdbx_struct_conn_angle.ptnr3_label_asym_id 
_pdbx_struct_conn_angle.ptnr3_label_comp_id 
_pdbx_struct_conn_angle.ptnr3_label_seq_id 
_pdbx_struct_conn_angle.ptnr3_auth_atom_id 
_pdbx_struct_conn_angle.ptnr3_auth_asym_id 
_pdbx_struct_conn_angle.ptnr3_auth_comp_id 
_pdbx_struct_conn_angle.ptnr3_auth_seq_id 
_pdbx_struct_conn_angle.ptnr3_PDB_ins_code 
_pdbx_struct_conn_angle.ptnr3_symmetry 
_pdbx_struct_conn_angle.value 
_pdbx_struct_conn_angle.value_esd 
1  SG ? A CYS 8  ? A CYS 8  ? 1_555 FE1 ? B SF4 . ? A SF4 61 ? 1_555 S2 ? B SF4 . ? A SF4 61 ? 1_555 116.5 ? 
2  SG ? A CYS 8  ? A CYS 8  ? 1_555 FE1 ? B SF4 . ? A SF4 61 ? 1_555 S3 ? B SF4 . ? A SF4 61 ? 1_555 115.9 ? 
3  S2 ? B SF4 .  ? A SF4 61 ? 1_555 FE1 ? B SF4 . ? A SF4 61 ? 1_555 S3 ? B SF4 . ? A SF4 61 ? 1_555 104.7 ? 
4  SG ? A CYS 8  ? A CYS 8  ? 1_555 FE1 ? B SF4 . ? A SF4 61 ? 1_555 S4 ? B SF4 . ? A SF4 61 ? 1_555 109.8 ? 
5  S2 ? B SF4 .  ? A SF4 61 ? 1_555 FE1 ? B SF4 . ? A SF4 61 ? 1_555 S4 ? B SF4 . ? A SF4 61 ? 1_555 105.2 ? 
6  S3 ? B SF4 .  ? A SF4 61 ? 1_555 FE1 ? B SF4 . ? A SF4 61 ? 1_555 S4 ? B SF4 . ? A SF4 61 ? 1_555 103.5 ? 
7  SG ? A CYS 11 ? A CYS 11 ? 1_555 FE2 ? B SF4 . ? A SF4 61 ? 1_555 S1 ? B SF4 . ? A SF4 61 ? 1_555 100.3 ? 
8  SG ? A CYS 11 ? A CYS 11 ? 1_555 FE2 ? B SF4 . ? A SF4 61 ? 1_555 S3 ? B SF4 . ? A SF4 61 ? 1_555 119.2 ? 
9  S1 ? B SF4 .  ? A SF4 61 ? 1_555 FE2 ? B SF4 . ? A SF4 61 ? 1_555 S3 ? B SF4 . ? A SF4 61 ? 1_555 104.5 ? 
10 SG ? A CYS 11 ? A CYS 11 ? 1_555 FE2 ? B SF4 . ? A SF4 61 ? 1_555 S4 ? B SF4 . ? A SF4 61 ? 1_555 124.2 ? 
11 S1 ? B SF4 .  ? A SF4 61 ? 1_555 FE2 ? B SF4 . ? A SF4 61 ? 1_555 S4 ? B SF4 . ? A SF4 61 ? 1_555 102.9 ? 
12 S3 ? B SF4 .  ? A SF4 61 ? 1_555 FE2 ? B SF4 . ? A SF4 61 ? 1_555 S4 ? B SF4 . ? A SF4 61 ? 1_555 102.8 ? 
13 SG ? A CYS 14 ? A CYS 14 ? 1_555 FE3 ? B SF4 . ? A SF4 61 ? 1_555 S1 ? B SF4 . ? A SF4 61 ? 1_555 111.7 ? 
14 SG ? A CYS 14 ? A CYS 14 ? 1_555 FE3 ? B SF4 . ? A SF4 61 ? 1_555 S2 ? B SF4 . ? A SF4 61 ? 1_555 118.6 ? 
15 S1 ? B SF4 .  ? A SF4 61 ? 1_555 FE3 ? B SF4 . ? A SF4 61 ? 1_555 S2 ? B SF4 . ? A SF4 61 ? 1_555 104.6 ? 
16 SG ? A CYS 14 ? A CYS 14 ? 1_555 FE3 ? B SF4 . ? A SF4 61 ? 1_555 S4 ? B SF4 . ? A SF4 61 ? 1_555 112.1 ? 
17 S1 ? B SF4 .  ? A SF4 61 ? 1_555 FE3 ? B SF4 . ? A SF4 61 ? 1_555 S4 ? B SF4 . ? A SF4 61 ? 1_555 104.2 ? 
18 S2 ? B SF4 .  ? A SF4 61 ? 1_555 FE3 ? B SF4 . ? A SF4 61 ? 1_555 S4 ? B SF4 . ? A SF4 61 ? 1_555 104.4 ? 
19 SG ? A CYS 18 ? A CYS 18 ? 1_555 FE4 ? C SF4 . ? A SF4 62 ? 1_555 S1 ? C SF4 . ? A SF4 62 ? 1_555 109.5 ? 
20 SG ? A CYS 18 ? A CYS 18 ? 1_555 FE4 ? C SF4 . ? A SF4 62 ? 1_555 S2 ? C SF4 . ? A SF4 62 ? 1_555 121.1 ? 
21 S1 ? C SF4 .  ? A SF4 62 ? 1_555 FE4 ? C SF4 . ? A SF4 62 ? 1_555 S2 ? C SF4 . ? A SF4 62 ? 1_555 104.1 ? 
22 SG ? A CYS 18 ? A CYS 18 ? 1_555 FE4 ? C SF4 . ? A SF4 62 ? 1_555 S3 ? C SF4 . ? A SF4 62 ? 1_555 109.7 ? 
23 S1 ? C SF4 .  ? A SF4 62 ? 1_555 FE4 ? C SF4 . ? A SF4 62 ? 1_555 S3 ? C SF4 . ? A SF4 62 ? 1_555 106.8 ? 
24 S2 ? C SF4 .  ? A SF4 62 ? 1_555 FE4 ? C SF4 . ? A SF4 62 ? 1_555 S3 ? C SF4 . ? A SF4 62 ? 1_555 104.7 ? 
25 SG ? A CYS 37 ? A CYS 37 ? 1_555 FE1 ? C SF4 . ? A SF4 62 ? 1_555 S2 ? C SF4 . ? A SF4 62 ? 1_555 117.8 ? 
26 SG ? A CYS 37 ? A CYS 37 ? 1_555 FE1 ? C SF4 . ? A SF4 62 ? 1_555 S3 ? C SF4 . ? A SF4 62 ? 1_555 117.4 ? 
27 S2 ? C SF4 .  ? A SF4 62 ? 1_555 FE1 ? C SF4 . ? A SF4 62 ? 1_555 S3 ? C SF4 . ? A SF4 62 ? 1_555 104.6 ? 
28 SG ? A CYS 37 ? A CYS 37 ? 1_555 FE1 ? C SF4 . ? A SF4 62 ? 1_555 S4 ? C SF4 . ? A SF4 62 ? 1_555 105.4 ? 
29 S2 ? C SF4 .  ? A SF4 62 ? 1_555 FE1 ? C SF4 . ? A SF4 62 ? 1_555 S4 ? C SF4 . ? A SF4 62 ? 1_555 106.2 ? 
30 S3 ? C SF4 .  ? A SF4 62 ? 1_555 FE1 ? C SF4 . ? A SF4 62 ? 1_555 S4 ? C SF4 . ? A SF4 62 ? 1_555 104.1 ? 
31 SG ? A CYS 40 ? A CYS 40 ? 1_555 FE2 ? C SF4 . ? A SF4 62 ? 1_555 S1 ? C SF4 . ? A SF4 62 ? 1_555 98.3  ? 
32 SG ? A CYS 40 ? A CYS 40 ? 1_555 FE2 ? C SF4 . ? A SF4 62 ? 1_555 S3 ? C SF4 . ? A SF4 62 ? 1_555 119.3 ? 
33 S1 ? C SF4 .  ? A SF4 62 ? 1_555 FE2 ? C SF4 . ? A SF4 62 ? 1_555 S3 ? C SF4 . ? A SF4 62 ? 1_555 105.6 ? 
34 SG ? A CYS 40 ? A CYS 40 ? 1_555 FE2 ? C SF4 . ? A SF4 62 ? 1_555 S4 ? C SF4 . ? A SF4 62 ? 1_555 124.5 ? 
35 S1 ? C SF4 .  ? A SF4 62 ? 1_555 FE2 ? C SF4 . ? A SF4 62 ? 1_555 S4 ? C SF4 . ? A SF4 62 ? 1_555 102.8 ? 
36 S3 ? C SF4 .  ? A SF4 62 ? 1_555 FE2 ? C SF4 . ? A SF4 62 ? 1_555 S4 ? C SF4 . ? A SF4 62 ? 1_555 103.3 ? 
37 SG ? A CYS 43 ? A CYS 43 ? 1_555 FE3 ? C SF4 . ? A SF4 62 ? 1_555 S1 ? C SF4 . ? A SF4 62 ? 1_555 111.9 ? 
38 SG ? A CYS 43 ? A CYS 43 ? 1_555 FE3 ? C SF4 . ? A SF4 62 ? 1_555 S2 ? C SF4 . ? A SF4 62 ? 1_555 122.2 ? 
39 S1 ? C SF4 .  ? A SF4 62 ? 1_555 FE3 ? C SF4 . ? A SF4 62 ? 1_555 S2 ? C SF4 . ? A SF4 62 ? 1_555 103.1 ? 
40 SG ? A CYS 43 ? A CYS 43 ? 1_555 FE3 ? C SF4 . ? A SF4 62 ? 1_555 S4 ? C SF4 . ? A SF4 62 ? 1_555 108.2 ? 
41 S1 ? C SF4 .  ? A SF4 62 ? 1_555 FE3 ? C SF4 . ? A SF4 62 ? 1_555 S4 ? C SF4 . ? A SF4 62 ? 1_555 104.6 ? 
42 S2 ? C SF4 .  ? A SF4 62 ? 1_555 FE3 ? C SF4 . ? A SF4 62 ? 1_555 S4 ? C SF4 . ? A SF4 62 ? 1_555 105.3 ? 
43 SG ? A CYS 47 ? A CYS 47 ? 1_555 FE4 ? B SF4 . ? A SF4 61 ? 1_555 S1 ? B SF4 . ? A SF4 61 ? 1_555 114.3 ? 
44 SG ? A CYS 47 ? A CYS 47 ? 1_555 FE4 ? B SF4 . ? A SF4 61 ? 1_555 S2 ? B SF4 . ? A SF4 61 ? 1_555 118.2 ? 
45 S1 ? B SF4 .  ? A SF4 61 ? 1_555 FE4 ? B SF4 . ? A SF4 61 ? 1_555 S2 ? B SF4 . ? A SF4 61 ? 1_555 105.2 ? 
46 SG ? A CYS 47 ? A CYS 47 ? 1_555 FE4 ? B SF4 . ? A SF4 61 ? 1_555 S3 ? B SF4 . ? A SF4 61 ? 1_555 106.9 ? 
47 S1 ? B SF4 .  ? A SF4 61 ? 1_555 FE4 ? B SF4 . ? A SF4 61 ? 1_555 S3 ? B SF4 . ? A SF4 61 ? 1_555 105.4 ? 
48 S2 ? B SF4 .  ? A SF4 61 ? 1_555 FE4 ? B SF4 . ? A SF4 61 ? 1_555 S3 ? B SF4 . ? A SF4 61 ? 1_555 105.8 ? 
# 
_struct_sheet.id               A 
_struct_sheet.type             ? 
_struct_sheet.number_strands   2 
_struct_sheet.details          ? 
# 
_struct_sheet_order.sheet_id     A 
_struct_sheet_order.range_id_1   1 
_struct_sheet_order.range_id_2   2 
_struct_sheet_order.offset       ? 
_struct_sheet_order.sense        anti-parallel 
# 
loop_
_struct_sheet_range.sheet_id 
_struct_sheet_range.id 
_struct_sheet_range.beg_label_comp_id 
_struct_sheet_range.beg_label_asym_id 
_struct_sheet_range.beg_label_seq_id 
_struct_sheet_range.pdbx_beg_PDB_ins_code 
_struct_sheet_range.end_label_comp_id 
_struct_sheet_range.end_label_asym_id 
_struct_sheet_range.end_label_seq_id 
_struct_sheet_range.pdbx_end_PDB_ins_code 
_struct_sheet_range.beg_auth_comp_id 
_struct_sheet_range.beg_auth_asym_id 
_struct_sheet_range.beg_auth_seq_id 
_struct_sheet_range.end_auth_comp_id 
_struct_sheet_range.end_auth_asym_id 
_struct_sheet_range.end_auth_seq_id 
A 1 TYR A 2  ? ILE A 4  ? TYR A 2  ILE A 4  
A 2 PRO A 52 ? GLN A 54 ? PRO A 52 GLN A 54 
# 
_pdbx_struct_sheet_hbond.sheet_id                A 
_pdbx_struct_sheet_hbond.range_id_1              1 
_pdbx_struct_sheet_hbond.range_id_2              2 
_pdbx_struct_sheet_hbond.range_1_label_atom_id   O 
_pdbx_struct_sheet_hbond.range_1_label_comp_id   VAL 
_pdbx_struct_sheet_hbond.range_1_label_asym_id   A 
_pdbx_struct_sheet_hbond.range_1_label_seq_id    3 
_pdbx_struct_sheet_hbond.range_1_PDB_ins_code    ? 
_pdbx_struct_sheet_hbond.range_1_auth_atom_id    O 
_pdbx_struct_sheet_hbond.range_1_auth_comp_id    VAL 
_pdbx_struct_sheet_hbond.range_1_auth_asym_id    A 
_pdbx_struct_sheet_hbond.range_1_auth_seq_id     3 
_pdbx_struct_sheet_hbond.range_2_label_atom_id   N 
_pdbx_struct_sheet_hbond.range_2_label_comp_id   VAL 
_pdbx_struct_sheet_hbond.range_2_label_asym_id   A 
_pdbx_struct_sheet_hbond.range_2_label_seq_id    53 
_pdbx_struct_sheet_hbond.range_2_PDB_ins_code    ? 
_pdbx_struct_sheet_hbond.range_2_auth_atom_id    N 
_pdbx_struct_sheet_hbond.range_2_auth_comp_id    VAL 
_pdbx_struct_sheet_hbond.range_2_auth_asym_id    A 
_pdbx_struct_sheet_hbond.range_2_auth_seq_id     53 
# 
loop_
_struct_site.id 
_struct_site.pdbx_evidence_code 
_struct_site.pdbx_auth_asym_id 
_struct_site.pdbx_auth_comp_id 
_struct_site.pdbx_auth_seq_id 
_struct_site.pdbx_auth_ins_code 
_struct_site.pdbx_num_residues 
_struct_site.details 
AC1 Software A SF4 61 ? 7 'BINDING SITE FOR RESIDUE SF4 A 61' 
AC2 Software A SF4 62 ? 8 'BINDING SITE FOR RESIDUE SF4 A 62' 
# 
loop_
_struct_site_gen.id 
_struct_site_gen.site_id 
_struct_site_gen.pdbx_num_res 
_struct_site_gen.label_comp_id 
_struct_site_gen.label_asym_id 
_struct_site_gen.label_seq_id 
_struct_site_gen.pdbx_auth_ins_code 
_struct_site_gen.auth_comp_id 
_struct_site_gen.auth_asym_id 
_struct_site_gen.auth_seq_id 
_struct_site_gen.label_atom_id 
_struct_site_gen.label_alt_id 
_struct_site_gen.symmetry 
_struct_site_gen.details 
1  AC1 7 CYS A 8  ? CYS A 8  . ? 1_555 ? 
2  AC1 7 ILE A 9  ? ILE A 9  . ? 1_555 ? 
3  AC1 7 CYS A 11 ? CYS A 11 . ? 1_555 ? 
4  AC1 7 GLY A 12 ? GLY A 12 . ? 1_555 ? 
5  AC1 7 CYS A 14 ? CYS A 14 . ? 1_555 ? 
6  AC1 7 TYR A 30 ? TYR A 30 . ? 1_555 ? 
7  AC1 7 CYS A 47 ? CYS A 47 . ? 1_555 ? 
8  AC2 8 CYS A 18 ? CYS A 18 . ? 1_555 ? 
9  AC2 8 VAL A 20 ? VAL A 20 . ? 1_555 ? 
10 AC2 8 ILE A 32 ? ILE A 32 . ? 1_555 ? 
11 AC2 8 CYS A 37 ? CYS A 37 . ? 1_555 ? 
12 AC2 8 ILE A 38 ? ILE A 38 . ? 1_555 ? 
13 AC2 8 CYS A 40 ? CYS A 40 . ? 1_555 ? 
14 AC2 8 GLY A 41 ? GLY A 41 . ? 1_555 ? 
15 AC2 8 CYS A 43 ? CYS A 43 . ? 1_555 ? 
# 
_pdbx_validate_close_contact.id               1 
_pdbx_validate_close_contact.PDB_model_num    1 
_pdbx_validate_close_contact.auth_atom_id_1   C 
_pdbx_validate_close_contact.auth_asym_id_1   A 
_pdbx_validate_close_contact.auth_comp_id_1   GLU 
_pdbx_validate_close_contact.auth_seq_id_1    6 
_pdbx_validate_close_contact.PDB_ins_code_1   ? 
_pdbx_validate_close_contact.label_alt_id_1   B 
_pdbx_validate_close_contact.auth_atom_id_2   H 
_pdbx_validate_close_contact.auth_asym_id_2   A 
_pdbx_validate_close_contact.auth_comp_id_2   ALA 
_pdbx_validate_close_contact.auth_seq_id_2    7 
_pdbx_validate_close_contact.PDB_ins_code_2   ? 
_pdbx_validate_close_contact.label_alt_id_2   ? 
_pdbx_validate_close_contact.dist             1.58 
# 
loop_
_pdbx_validate_rmsd_bond.id 
_pdbx_validate_rmsd_bond.PDB_model_num 
_pdbx_validate_rmsd_bond.auth_atom_id_1 
_pdbx_validate_rmsd_bond.auth_asym_id_1 
_pdbx_validate_rmsd_bond.auth_comp_id_1 
_pdbx_validate_rmsd_bond.auth_seq_id_1 
_pdbx_validate_rmsd_bond.PDB_ins_code_1 
_pdbx_validate_rmsd_bond.label_alt_id_1 
_pdbx_validate_rmsd_bond.auth_atom_id_2 
_pdbx_validate_rmsd_bond.auth_asym_id_2 
_pdbx_validate_rmsd_bond.auth_comp_id_2 
_pdbx_validate_rmsd_bond.auth_seq_id_2 
_pdbx_validate_rmsd_bond.PDB_ins_code_2 
_pdbx_validate_rmsd_bond.label_alt_id_2 
_pdbx_validate_rmsd_bond.bond_value 
_pdbx_validate_rmsd_bond.bond_target_value 
_pdbx_validate_rmsd_bond.bond_deviation 
_pdbx_validate_rmsd_bond.bond_standard_deviation 
_pdbx_validate_rmsd_bond.linker_flag 
1 1 C  A ILE 4  ? ? N  A ASN 5  ? B 1.494 1.336 0.158 0.023 Y 
2 1 CA A SER 10 ? ? CB A SER 10 ? B 1.951 1.525 0.426 0.015 N 
3 1 CA A SER 24 ? ? CB A SER 24 ? B 1.675 1.525 0.150 0.015 N 
4 1 CA A VAL 31 ? ? CB A VAL 31 ? B 1.710 1.543 0.167 0.021 N 
# 
loop_
_pdbx_validate_rmsd_angle.id 
_pdbx_validate_rmsd_angle.PDB_model_num 
_pdbx_validate_rmsd_angle.auth_atom_id_1 
_pdbx_validate_rmsd_angle.auth_asym_id_1 
_pdbx_validate_rmsd_angle.auth_comp_id_1 
_pdbx_validate_rmsd_angle.auth_seq_id_1 
_pdbx_validate_rmsd_angle.PDB_ins_code_1 
_pdbx_validate_rmsd_angle.label_alt_id_1 
_pdbx_validate_rmsd_angle.auth_atom_id_2 
_pdbx_validate_rmsd_angle.auth_asym_id_2 
_pdbx_validate_rmsd_angle.auth_comp_id_2 
_pdbx_validate_rmsd_angle.auth_seq_id_2 
_pdbx_validate_rmsd_angle.PDB_ins_code_2 
_pdbx_validate_rmsd_angle.label_alt_id_2 
_pdbx_validate_rmsd_angle.auth_atom_id_3 
_pdbx_validate_rmsd_angle.auth_asym_id_3 
_pdbx_validate_rmsd_angle.auth_comp_id_3 
_pdbx_validate_rmsd_angle.auth_seq_id_3 
_pdbx_validate_rmsd_angle.PDB_ins_code_3 
_pdbx_validate_rmsd_angle.label_alt_id_3 
_pdbx_validate_rmsd_angle.angle_value 
_pdbx_validate_rmsd_angle.angle_target_value 
_pdbx_validate_rmsd_angle.angle_deviation 
_pdbx_validate_rmsd_angle.angle_standard_deviation 
_pdbx_validate_rmsd_angle.linker_flag 
1  1 CA A GLU 6  ? B C  A GLU 6  ? B N   A ALA 7  ? ? 135.52 117.20 18.32  2.20 Y 
2  1 O  A GLU 6  ? B C  A GLU 6  ? B N   A ALA 7  ? ? 99.34  122.70 -23.36 1.60 Y 
3  1 C  A GLU 6  ? B N  A ALA 7  ? ? CA  A ALA 7  ? ? 138.38 121.70 16.68  2.50 Y 
4  1 CB A SER 10 ? B CA A SER 10 ? ? C   A SER 10 ? ? 93.84  110.10 -16.26 1.90 N 
5  1 CB A SER 24 ? B CA A SER 24 ? ? C   A SER 24 ? ? 98.49  110.10 -11.61 1.90 N 
6  1 N  A SER 24 ? ? CA A SER 24 ? ? CB  A SER 24 ? B 101.33 110.50 -9.17  1.50 N 
7  1 CB A ASP 27 ? B CG A ASP 27 ? B OD1 A ASP 27 ? B 112.32 118.30 -5.98  0.90 N 
8  1 CB A ASP 28 ? A CG A ASP 28 ? A OD2 A ASP 28 ? A 109.96 118.30 -8.34  0.90 N 
9  1 CD A ARG 29 ? A NE A ARG 29 ? A CZ  A ARG 29 ? A 133.37 123.60 9.77   1.40 N 
10 1 NE A ARG 29 ? A CZ A ARG 29 ? A NH1 A ARG 29 ? A 126.97 120.30 6.67   0.50 N 
11 1 NE A ARG 29 ? A CZ A ARG 29 ? A NH2 A ARG 29 ? A 113.54 120.30 -6.76  0.50 N 
12 1 NE A ARG 29 ? B CZ A ARG 29 ? B NH2 A ARG 29 ? B 116.91 120.30 -3.39  0.50 N 
13 1 C  A ARG 29 ? B N  A TYR 30 ? ? CA  A TYR 30 ? ? 103.81 121.70 -17.89 2.50 Y 
14 1 CB A VAL 31 ? B CA A VAL 31 ? ? C   A VAL 31 ? ? 97.60  111.40 -13.80 1.90 N 
15 1 N  A VAL 31 ? ? CA A VAL 31 ? ? CB  A VAL 31 ? B 98.13  111.50 -13.37 2.20 N 
16 1 CA A VAL 31 ? ? CB A VAL 31 ? B CG2 A VAL 31 ? B 101.30 110.90 -9.60  1.50 N 
# 
loop_
_pdbx_validate_torsion.id 
_pdbx_validate_torsion.PDB_model_num 
_pdbx_validate_torsion.auth_comp_id 
_pdbx_validate_torsion.auth_asym_id 
_pdbx_validate_torsion.auth_seq_id 
_pdbx_validate_torsion.PDB_ins_code 
_pdbx_validate_torsion.label_alt_id 
_pdbx_validate_torsion.phi 
_pdbx_validate_torsion.psi 
1 1 GLU A 6  ? B -66.43 9.76   
2 1 ASP A 27 ? A -57.90 -70.17 
# 
_pdbx_validate_planes.id              1 
_pdbx_validate_planes.PDB_model_num   1 
_pdbx_validate_planes.auth_comp_id    GLU 
_pdbx_validate_planes.auth_asym_id    A 
_pdbx_validate_planes.auth_seq_id     17 
_pdbx_validate_planes.PDB_ins_code    ? 
_pdbx_validate_planes.label_alt_id    ? 
_pdbx_validate_planes.rmsd            0.123 
_pdbx_validate_planes.type            'SIDE CHAIN' 
# 
_pdbx_struct_special_symmetry.id              1 
_pdbx_struct_special_symmetry.PDB_model_num   1 
_pdbx_struct_special_symmetry.auth_asym_id    A 
_pdbx_struct_special_symmetry.auth_comp_id    HOH 
_pdbx_struct_special_symmetry.auth_seq_id     149 
_pdbx_struct_special_symmetry.PDB_ins_code    ? 
_pdbx_struct_special_symmetry.label_asym_id   D 
_pdbx_struct_special_symmetry.label_comp_id   HOH 
_pdbx_struct_special_symmetry.label_seq_id    . 
# 
loop_
_chem_comp_atom.comp_id 
_chem_comp_atom.atom_id 
_chem_comp_atom.type_symbol 
_chem_comp_atom.pdbx_aromatic_flag 
_chem_comp_atom.pdbx_stereo_config 
_chem_comp_atom.pdbx_ordinal 
ALA N    N  N N 1   
ALA CA   C  N S 2   
ALA C    C  N N 3   
ALA O    O  N N 4   
ALA CB   C  N N 5   
ALA OXT  O  N N 6   
ALA H    H  N N 7   
ALA H2   H  N N 8   
ALA HA   H  N N 9   
ALA HB1  H  N N 10  
ALA HB2  H  N N 11  
ALA HB3  H  N N 12  
ALA HXT  H  N N 13  
ARG N    N  N N 14  
ARG CA   C  N S 15  
ARG C    C  N N 16  
ARG O    O  N N 17  
ARG CB   C  N N 18  
ARG CG   C  N N 19  
ARG CD   C  N N 20  
ARG NE   N  N N 21  
ARG CZ   C  N N 22  
ARG NH1  N  N N 23  
ARG NH2  N  N N 24  
ARG OXT  O  N N 25  
ARG H    H  N N 26  
ARG H2   H  N N 27  
ARG HA   H  N N 28  
ARG HB2  H  N N 29  
ARG HB3  H  N N 30  
ARG HG2  H  N N 31  
ARG HG3  H  N N 32  
ARG HD2  H  N N 33  
ARG HD3  H  N N 34  
ARG HE   H  N N 35  
ARG HH11 H  N N 36  
ARG HH12 H  N N 37  
ARG HH21 H  N N 38  
ARG HH22 H  N N 39  
ARG HXT  H  N N 40  
ASN N    N  N N 41  
ASN CA   C  N S 42  
ASN C    C  N N 43  
ASN O    O  N N 44  
ASN CB   C  N N 45  
ASN CG   C  N N 46  
ASN OD1  O  N N 47  
ASN ND2  N  N N 48  
ASN OXT  O  N N 49  
ASN H    H  N N 50  
ASN H2   H  N N 51  
ASN HA   H  N N 52  
ASN HB2  H  N N 53  
ASN HB3  H  N N 54  
ASN HD21 H  N N 55  
ASN HD22 H  N N 56  
ASN HXT  H  N N 57  
ASP N    N  N N 58  
ASP CA   C  N S 59  
ASP C    C  N N 60  
ASP O    O  N N 61  
ASP CB   C  N N 62  
ASP CG   C  N N 63  
ASP OD1  O  N N 64  
ASP OD2  O  N N 65  
ASP OXT  O  N N 66  
ASP H    H  N N 67  
ASP H2   H  N N 68  
ASP HA   H  N N 69  
ASP HB2  H  N N 70  
ASP HB3  H  N N 71  
ASP HD2  H  N N 72  
ASP HXT  H  N N 73  
CYS N    N  N N 74  
CYS CA   C  N R 75  
CYS C    C  N N 76  
CYS O    O  N N 77  
CYS CB   C  N N 78  
CYS SG   S  N N 79  
CYS OXT  O  N N 80  
CYS H    H  N N 81  
CYS H2   H  N N 82  
CYS HA   H  N N 83  
CYS HB2  H  N N 84  
CYS HB3  H  N N 85  
CYS HG   H  N N 86  
CYS HXT  H  N N 87  
GLN N    N  N N 88  
GLN CA   C  N S 89  
GLN C    C  N N 90  
GLN O    O  N N 91  
GLN CB   C  N N 92  
GLN CG   C  N N 93  
GLN CD   C  N N 94  
GLN OE1  O  N N 95  
GLN NE2  N  N N 96  
GLN OXT  O  N N 97  
GLN H    H  N N 98  
GLN H2   H  N N 99  
GLN HA   H  N N 100 
GLN HB2  H  N N 101 
GLN HB3  H  N N 102 
GLN HG2  H  N N 103 
GLN HG3  H  N N 104 
GLN HE21 H  N N 105 
GLN HE22 H  N N 106 
GLN HXT  H  N N 107 
GLU N    N  N N 108 
GLU CA   C  N S 109 
GLU C    C  N N 110 
GLU O    O  N N 111 
GLU CB   C  N N 112 
GLU CG   C  N N 113 
GLU CD   C  N N 114 
GLU OE1  O  N N 115 
GLU OE2  O  N N 116 
GLU OXT  O  N N 117 
GLU H    H  N N 118 
GLU H2   H  N N 119 
GLU HA   H  N N 120 
GLU HB2  H  N N 121 
GLU HB3  H  N N 122 
GLU HG2  H  N N 123 
GLU HG3  H  N N 124 
GLU HE2  H  N N 125 
GLU HXT  H  N N 126 
GLY N    N  N N 127 
GLY CA   C  N N 128 
GLY C    C  N N 129 
GLY O    O  N N 130 
GLY OXT  O  N N 131 
GLY H    H  N N 132 
GLY H2   H  N N 133 
GLY HA2  H  N N 134 
GLY HA3  H  N N 135 
GLY HXT  H  N N 136 
HOH O    O  N N 137 
HOH H1   H  N N 138 
HOH H2   H  N N 139 
ILE N    N  N N 140 
ILE CA   C  N S 141 
ILE C    C  N N 142 
ILE O    O  N N 143 
ILE CB   C  N S 144 
ILE CG1  C  N N 145 
ILE CG2  C  N N 146 
ILE CD1  C  N N 147 
ILE OXT  O  N N 148 
ILE H    H  N N 149 
ILE H2   H  N N 150 
ILE HA   H  N N 151 
ILE HB   H  N N 152 
ILE HG12 H  N N 153 
ILE HG13 H  N N 154 
ILE HG21 H  N N 155 
ILE HG22 H  N N 156 
ILE HG23 H  N N 157 
ILE HD11 H  N N 158 
ILE HD12 H  N N 159 
ILE HD13 H  N N 160 
ILE HXT  H  N N 161 
PRO N    N  N N 162 
PRO CA   C  N S 163 
PRO C    C  N N 164 
PRO O    O  N N 165 
PRO CB   C  N N 166 
PRO CG   C  N N 167 
PRO CD   C  N N 168 
PRO OXT  O  N N 169 
PRO H    H  N N 170 
PRO HA   H  N N 171 
PRO HB2  H  N N 172 
PRO HB3  H  N N 173 
PRO HG2  H  N N 174 
PRO HG3  H  N N 175 
PRO HD2  H  N N 176 
PRO HD3  H  N N 177 
PRO HXT  H  N N 178 
SER N    N  N N 179 
SER CA   C  N S 180 
SER C    C  N N 181 
SER O    O  N N 182 
SER CB   C  N N 183 
SER OG   O  N N 184 
SER OXT  O  N N 185 
SER H    H  N N 186 
SER H2   H  N N 187 
SER HA   H  N N 188 
SER HB2  H  N N 189 
SER HB3  H  N N 190 
SER HG   H  N N 191 
SER HXT  H  N N 192 
SF4 FE1  FE N N 193 
SF4 FE2  FE N N 194 
SF4 FE3  FE N N 195 
SF4 FE4  FE N N 196 
SF4 S1   S  N N 197 
SF4 S2   S  N N 198 
SF4 S3   S  N N 199 
SF4 S4   S  N N 200 
THR N    N  N N 201 
THR CA   C  N S 202 
THR C    C  N N 203 
THR O    O  N N 204 
THR CB   C  N R 205 
THR OG1  O  N N 206 
THR CG2  C  N N 207 
THR OXT  O  N N 208 
THR H    H  N N 209 
THR H2   H  N N 210 
THR HA   H  N N 211 
THR HB   H  N N 212 
THR HG1  H  N N 213 
THR HG21 H  N N 214 
THR HG22 H  N N 215 
THR HG23 H  N N 216 
THR HXT  H  N N 217 
TYR N    N  N N 218 
TYR CA   C  N S 219 
TYR C    C  N N 220 
TYR O    O  N N 221 
TYR CB   C  N N 222 
TYR CG   C  Y N 223 
TYR CD1  C  Y N 224 
TYR CD2  C  Y N 225 
TYR CE1  C  Y N 226 
TYR CE2  C  Y N 227 
TYR CZ   C  Y N 228 
TYR OH   O  N N 229 
TYR OXT  O  N N 230 
TYR H    H  N N 231 
TYR H2   H  N N 232 
TYR HA   H  N N 233 
TYR HB2  H  N N 234 
TYR HB3  H  N N 235 
TYR HD1  H  N N 236 
TYR HD2  H  N N 237 
TYR HE1  H  N N 238 
TYR HE2  H  N N 239 
TYR HH   H  N N 240 
TYR HXT  H  N N 241 
VAL N    N  N N 242 
VAL CA   C  N S 243 
VAL C    C  N N 244 
VAL O    O  N N 245 
VAL CB   C  N N 246 
VAL CG1  C  N N 247 
VAL CG2  C  N N 248 
VAL OXT  O  N N 249 
VAL H    H  N N 250 
VAL H2   H  N N 251 
VAL HA   H  N N 252 
VAL HB   H  N N 253 
VAL HG11 H  N N 254 
VAL HG12 H  N N 255 
VAL HG13 H  N N 256 
VAL HG21 H  N N 257 
VAL HG22 H  N N 258 
VAL HG23 H  N N 259 
VAL HXT  H  N N 260 
# 
loop_
_chem_comp_bond.comp_id 
_chem_comp_bond.atom_id_1 
_chem_comp_bond.atom_id_2 
_chem_comp_bond.value_order 
_chem_comp_bond.pdbx_aromatic_flag 
_chem_comp_bond.pdbx_stereo_config 
_chem_comp_bond.pdbx_ordinal 
ALA N   CA   sing N N 1   
ALA N   H    sing N N 2   
ALA N   H2   sing N N 3   
ALA CA  C    sing N N 4   
ALA CA  CB   sing N N 5   
ALA CA  HA   sing N N 6   
ALA C   O    doub N N 7   
ALA C   OXT  sing N N 8   
ALA CB  HB1  sing N N 9   
ALA CB  HB2  sing N N 10  
ALA CB  HB3  sing N N 11  
ALA OXT HXT  sing N N 12  
ARG N   CA   sing N N 13  
ARG N   H    sing N N 14  
ARG N   H2   sing N N 15  
ARG CA  C    sing N N 16  
ARG CA  CB   sing N N 17  
ARG CA  HA   sing N N 18  
ARG C   O    doub N N 19  
ARG C   OXT  sing N N 20  
ARG CB  CG   sing N N 21  
ARG CB  HB2  sing N N 22  
ARG CB  HB3  sing N N 23  
ARG CG  CD   sing N N 24  
ARG CG  HG2  sing N N 25  
ARG CG  HG3  sing N N 26  
ARG CD  NE   sing N N 27  
ARG CD  HD2  sing N N 28  
ARG CD  HD3  sing N N 29  
ARG NE  CZ   sing N N 30  
ARG NE  HE   sing N N 31  
ARG CZ  NH1  sing N N 32  
ARG CZ  NH2  doub N N 33  
ARG NH1 HH11 sing N N 34  
ARG NH1 HH12 sing N N 35  
ARG NH2 HH21 sing N N 36  
ARG NH2 HH22 sing N N 37  
ARG OXT HXT  sing N N 38  
ASN N   CA   sing N N 39  
ASN N   H    sing N N 40  
ASN N   H2   sing N N 41  
ASN CA  C    sing N N 42  
ASN CA  CB   sing N N 43  
ASN CA  HA   sing N N 44  
ASN C   O    doub N N 45  
ASN C   OXT  sing N N 46  
ASN CB  CG   sing N N 47  
ASN CB  HB2  sing N N 48  
ASN CB  HB3  sing N N 49  
ASN CG  OD1  doub N N 50  
ASN CG  ND2  sing N N 51  
ASN ND2 HD21 sing N N 52  
ASN ND2 HD22 sing N N 53  
ASN OXT HXT  sing N N 54  
ASP N   CA   sing N N 55  
ASP N   H    sing N N 56  
ASP N   H2   sing N N 57  
ASP CA  C    sing N N 58  
ASP CA  CB   sing N N 59  
ASP CA  HA   sing N N 60  
ASP C   O    doub N N 61  
ASP C   OXT  sing N N 62  
ASP CB  CG   sing N N 63  
ASP CB  HB2  sing N N 64  
ASP CB  HB3  sing N N 65  
ASP CG  OD1  doub N N 66  
ASP CG  OD2  sing N N 67  
ASP OD2 HD2  sing N N 68  
ASP OXT HXT  sing N N 69  
CYS N   CA   sing N N 70  
CYS N   H    sing N N 71  
CYS N   H2   sing N N 72  
CYS CA  C    sing N N 73  
CYS CA  CB   sing N N 74  
CYS CA  HA   sing N N 75  
CYS C   O    doub N N 76  
CYS C   OXT  sing N N 77  
CYS CB  SG   sing N N 78  
CYS CB  HB2  sing N N 79  
CYS CB  HB3  sing N N 80  
CYS SG  HG   sing N N 81  
CYS OXT HXT  sing N N 82  
GLN N   CA   sing N N 83  
GLN N   H    sing N N 84  
GLN N   H2   sing N N 85  
GLN CA  C    sing N N 86  
GLN CA  CB   sing N N 87  
GLN CA  HA   sing N N 88  
GLN C   O    doub N N 89  
GLN C   OXT  sing N N 90  
GLN CB  CG   sing N N 91  
GLN CB  HB2  sing N N 92  
GLN CB  HB3  sing N N 93  
GLN CG  CD   sing N N 94  
GLN CG  HG2  sing N N 95  
GLN CG  HG3  sing N N 96  
GLN CD  OE1  doub N N 97  
GLN CD  NE2  sing N N 98  
GLN NE2 HE21 sing N N 99  
GLN NE2 HE22 sing N N 100 
GLN OXT HXT  sing N N 101 
GLU N   CA   sing N N 102 
GLU N   H    sing N N 103 
GLU N   H2   sing N N 104 
GLU CA  C    sing N N 105 
GLU CA  CB   sing N N 106 
GLU CA  HA   sing N N 107 
GLU C   O    doub N N 108 
GLU C   OXT  sing N N 109 
GLU CB  CG   sing N N 110 
GLU CB  HB2  sing N N 111 
GLU CB  HB3  sing N N 112 
GLU CG  CD   sing N N 113 
GLU CG  HG2  sing N N 114 
GLU CG  HG3  sing N N 115 
GLU CD  OE1  doub N N 116 
GLU CD  OE2  sing N N 117 
GLU OE2 HE2  sing N N 118 
GLU OXT HXT  sing N N 119 
GLY N   CA   sing N N 120 
GLY N   H    sing N N 121 
GLY N   H2   sing N N 122 
GLY CA  C    sing N N 123 
GLY CA  HA2  sing N N 124 
GLY CA  HA3  sing N N 125 
GLY C   O    doub N N 126 
GLY C   OXT  sing N N 127 
GLY OXT HXT  sing N N 128 
HOH O   H1   sing N N 129 
HOH O   H2   sing N N 130 
ILE N   CA   sing N N 131 
ILE N   H    sing N N 132 
ILE N   H2   sing N N 133 
ILE CA  C    sing N N 134 
ILE CA  CB   sing N N 135 
ILE CA  HA   sing N N 136 
ILE C   O    doub N N 137 
ILE C   OXT  sing N N 138 
ILE CB  CG1  sing N N 139 
ILE CB  CG2  sing N N 140 
ILE CB  HB   sing N N 141 
ILE CG1 CD1  sing N N 142 
ILE CG1 HG12 sing N N 143 
ILE CG1 HG13 sing N N 144 
ILE CG2 HG21 sing N N 145 
ILE CG2 HG22 sing N N 146 
ILE CG2 HG23 sing N N 147 
ILE CD1 HD11 sing N N 148 
ILE CD1 HD12 sing N N 149 
ILE CD1 HD13 sing N N 150 
ILE OXT HXT  sing N N 151 
PRO N   CA   sing N N 152 
PRO N   CD   sing N N 153 
PRO N   H    sing N N 154 
PRO CA  C    sing N N 155 
PRO CA  CB   sing N N 156 
PRO CA  HA   sing N N 157 
PRO C   O    doub N N 158 
PRO C   OXT  sing N N 159 
PRO CB  CG   sing N N 160 
PRO CB  HB2  sing N N 161 
PRO CB  HB3  sing N N 162 
PRO CG  CD   sing N N 163 
PRO CG  HG2  sing N N 164 
PRO CG  HG3  sing N N 165 
PRO CD  HD2  sing N N 166 
PRO CD  HD3  sing N N 167 
PRO OXT HXT  sing N N 168 
SER N   CA   sing N N 169 
SER N   H    sing N N 170 
SER N   H2   sing N N 171 
SER CA  C    sing N N 172 
SER CA  CB   sing N N 173 
SER CA  HA   sing N N 174 
SER C   O    doub N N 175 
SER C   OXT  sing N N 176 
SER CB  OG   sing N N 177 
SER CB  HB2  sing N N 178 
SER CB  HB3  sing N N 179 
SER OG  HG   sing N N 180 
SER OXT HXT  sing N N 181 
SF4 FE1 S2   sing N N 182 
SF4 FE1 S3   sing N N 183 
SF4 FE1 S4   sing N N 184 
SF4 FE2 S1   sing N N 185 
SF4 FE2 S3   sing N N 186 
SF4 FE2 S4   sing N N 187 
SF4 FE3 S1   sing N N 188 
SF4 FE3 S2   sing N N 189 
SF4 FE3 S4   sing N N 190 
SF4 FE4 S1   sing N N 191 
SF4 FE4 S2   sing N N 192 
SF4 FE4 S3   sing N N 193 
THR N   CA   sing N N 194 
THR N   H    sing N N 195 
THR N   H2   sing N N 196 
THR CA  C    sing N N 197 
THR CA  CB   sing N N 198 
THR CA  HA   sing N N 199 
THR C   O    doub N N 200 
THR C   OXT  sing N N 201 
THR CB  OG1  sing N N 202 
THR CB  CG2  sing N N 203 
THR CB  HB   sing N N 204 
THR OG1 HG1  sing N N 205 
THR CG2 HG21 sing N N 206 
THR CG2 HG22 sing N N 207 
THR CG2 HG23 sing N N 208 
THR OXT HXT  sing N N 209 
TYR N   CA   sing N N 210 
TYR N   H    sing N N 211 
TYR N   H2   sing N N 212 
TYR CA  C    sing N N 213 
TYR CA  CB   sing N N 214 
TYR CA  HA   sing N N 215 
TYR C   O    doub N N 216 
TYR C   OXT  sing N N 217 
TYR CB  CG   sing N N 218 
TYR CB  HB2  sing N N 219 
TYR CB  HB3  sing N N 220 
TYR CG  CD1  doub Y N 221 
TYR CG  CD2  sing Y N 222 
TYR CD1 CE1  sing Y N 223 
TYR CD1 HD1  sing N N 224 
TYR CD2 CE2  doub Y N 225 
TYR CD2 HD2  sing N N 226 
TYR CE1 CZ   doub Y N 227 
TYR CE1 HE1  sing N N 228 
TYR CE2 CZ   sing Y N 229 
TYR CE2 HE2  sing N N 230 
TYR CZ  OH   sing N N 231 
TYR OH  HH   sing N N 232 
TYR OXT HXT  sing N N 233 
VAL N   CA   sing N N 234 
VAL N   H    sing N N 235 
VAL N   H2   sing N N 236 
VAL CA  C    sing N N 237 
VAL CA  CB   sing N N 238 
VAL CA  HA   sing N N 239 
VAL C   O    doub N N 240 
VAL C   OXT  sing N N 241 
VAL CB  CG1  sing N N 242 
VAL CB  CG2  sing N N 243 
VAL CB  HB   sing N N 244 
VAL CG1 HG11 sing N N 245 
VAL CG1 HG12 sing N N 246 
VAL CG1 HG13 sing N N 247 
VAL CG2 HG21 sing N N 248 
VAL CG2 HG22 sing N N 249 
VAL CG2 HG23 sing N N 250 
VAL OXT HXT  sing N N 251 
# 
_atom_sites.entry_id                    2FDN 
_atom_sites.fract_transf_matrix[1][1]   0.00095231 
_atom_sites.fract_transf_matrix[1][2]   -0.02823368 
_atom_sites.fract_transf_matrix[1][3]   -0.00833962 
_atom_sites.fract_transf_matrix[2][1]   0.02935734 
_atom_sites.fract_transf_matrix[2][2]   0.00153408 
_atom_sites.fract_transf_matrix[2][3]   -0.00184127 
_atom_sites.fract_transf_matrix[3][1]   0.00099790 
_atom_sites.fract_transf_matrix[3][2]   -0.00374448 
_atom_sites.fract_transf_matrix[3][3]   0.01279087 
_atom_sites.fract_transf_vector[1]      0.052041 
_atom_sites.fract_transf_vector[2]      0.551719 
_atom_sites.fract_transf_vector[3]      0.948534 
# 
loop_
_atom_type.symbol 
C  
FE 
H  
N  
O  
S  
# 
loop_
_atom_site.group_PDB 
_atom_site.id 
_atom_site.type_symbol 
_atom_site.label_atom_id 
_atom_site.label_alt_id 
_atom_site.label_comp_id 
_atom_site.label_asym_id 
_atom_site.label_entity_id 
_atom_site.label_seq_id 
_atom_site.pdbx_PDB_ins_code 
_atom_site.Cartn_x 
_atom_site.Cartn_y 
_atom_site.Cartn_z 
_atom_site.occupancy 
_atom_site.B_iso_or_equiv 
_atom_site.pdbx_formal_charge 
_atom_site.auth_seq_id 
_atom_site.auth_comp_id 
_atom_site.auth_asym_id 
_atom_site.auth_atom_id 
_atom_site.pdbx_PDB_model_num 
ATOM   1   N  N    . ALA A 1 1  ? 5.392   -4.962  -9.019  1.00 7.34  ? 1   ALA A N    1 
ATOM   2   C  CA   . ALA A 1 1  ? 4.656   -3.991  -8.214  1.00 6.49  ? 1   ALA A CA   1 
ATOM   3   C  C    . ALA A 1 1  ? 3.300   -4.508  -7.753  1.00 5.92  ? 1   ALA A C    1 
ATOM   4   O  O    . ALA A 1 1  ? 2.509   -4.996  -8.542  1.00 7.19  ? 1   ALA A O    1 
ATOM   5   C  CB   . ALA A 1 1  ? 4.431   -2.699  -8.998  1.00 8.54  ? 1   ALA A CB   1 
ATOM   6   H  H1   . ALA A 1 1  ? 5.518   -5.705  -8.545  1.00 11.02 ? 1   ALA A H1   1 
ATOM   7   H  H2   . ALA A 1 1  ? 4.925   -5.154  -9.752  1.00 11.02 ? 1   ALA A H2   1 
ATOM   8   H  H3   . ALA A 1 1  ? 6.180   -4.619  -9.249  1.00 11.02 ? 1   ALA A H3   1 
ATOM   9   H  HA   . ALA A 1 1  ? 5.191   -3.781  -7.421  1.00 7.79  ? 1   ALA A HA   1 
ATOM   10  H  HB1  . ALA A 1 1  ? 5.276   -2.356  -9.299  1.00 12.81 ? 1   ALA A HB1  1 
ATOM   11  H  HB2  . ALA A 1 1  ? 3.870   -2.878  -9.757  1.00 12.81 ? 1   ALA A HB2  1 
ATOM   12  H  HB3  . ALA A 1 1  ? 4.006   -2.051  -8.431  1.00 12.81 ? 1   ALA A HB3  1 
ATOM   13  N  N    . TYR A 1 2  ? 3.035   -4.328  -6.443  1.00 6.09  ? 2   TYR A N    1 
ATOM   14  C  CA   . TYR A 1 2  ? 1.692   -4.307  -5.908  1.00 5.40  ? 2   TYR A CA   1 
ATOM   15  C  C    . TYR A 1 2  ? 1.139   -2.908  -6.143  1.00 5.69  ? 2   TYR A C    1 
ATOM   16  O  O    . TYR A 1 2  ? 1.900   -1.942  -6.331  1.00 6.18  ? 2   TYR A O    1 
ATOM   17  C  CB   . TYR A 1 2  ? 1.730   -4.612  -4.393  1.00 6.25  ? 2   TYR A CB   1 
ATOM   18  C  CG   . TYR A 1 2  ? 1.681   -6.097  -4.066  1.00 5.95  ? 2   TYR A CG   1 
ATOM   19  C  CD1  . TYR A 1 2  ? 2.539   -7.007  -4.616  1.00 6.32  ? 2   TYR A CD1  1 
ATOM   20  C  CD2  . TYR A 1 2  ? 0.727   -6.545  -3.138  1.00 6.86  ? 2   TYR A CD2  1 
ATOM   21  C  CE1  . TYR A 1 2  ? 2.496   -8.377  -4.272  1.00 6.88  ? 2   TYR A CE1  1 
ATOM   22  C  CE2  . TYR A 1 2  ? 0.669   -7.895  -2.812  1.00 7.62  ? 2   TYR A CE2  1 
ATOM   23  C  CZ   . TYR A 1 2  ? 1.538   -8.796  -3.364  1.00 6.83  ? 2   TYR A CZ   1 
ATOM   24  O  OH   . TYR A 1 2  ? 1.458   -10.148 -3.073  1.00 9.73  ? 2   TYR A OH   1 
ATOM   25  H  H    . TYR A 1 2  ? 3.694   -4.222  -5.901  1.00 7.31  ? 2   TYR A H    1 
ATOM   26  H  HA   . TYR A 1 2  ? 1.136   -4.970  -6.369  1.00 6.48  ? 2   TYR A HA   1 
ATOM   27  H  HB2  . TYR A 1 2  ? 2.543   -4.237  -4.018  1.00 7.50  ? 2   TYR A HB2  1 
ATOM   28  H  HB3  . TYR A 1 2  ? 0.979   -4.173  -3.965  1.00 7.50  ? 2   TYR A HB3  1 
ATOM   29  H  HD1  . TYR A 1 2  ? 3.170   -6.715  -5.234  1.00 7.58  ? 2   TYR A HD1  1 
ATOM   30  H  HD2  . TYR A 1 2  ? 0.139   -5.942  -2.745  1.00 8.24  ? 2   TYR A HD2  1 
ATOM   31  H  HE1  . TYR A 1 2  ? 3.095   -8.983  -4.647  1.00 8.25  ? 2   TYR A HE1  1 
ATOM   32  H  HE2  . TYR A 1 2  ? 0.027   -8.191  -2.208  1.00 9.15  ? 2   TYR A HE2  1 
ATOM   33  H  HH   . TYR A 1 2  ? 0.838   -10.280 -2.553  1.00 14.59 ? 2   TYR A HH   1 
ATOM   34  N  N    . VAL A 1 3  ? -0.213  -2.815  -6.121  1.00 5.72  ? 3   VAL A N    1 
ATOM   35  C  CA   . VAL A 1 3  ? -0.884  -1.529  -6.178  1.00 5.29  ? 3   VAL A CA   1 
ATOM   36  C  C    . VAL A 1 3  ? -1.945  -1.548  -5.060  1.00 5.56  ? 3   VAL A C    1 
ATOM   37  O  O    . VAL A 1 3  ? -2.565  -2.589  -4.813  1.00 6.03  ? 3   VAL A O    1 
ATOM   38  C  CB   . VAL A 1 3  ? -1.500  -1.253  -7.559  1.00 5.58  ? 3   VAL A CB   1 
ATOM   39  C  CG1  . VAL A 1 3  ? -2.590  -2.230  -7.915  1.00 7.36  ? 3   VAL A CG1  1 
ATOM   40  C  CG2  . VAL A 1 3  ? -1.985  0.176   -7.706  1.00 6.93  ? 3   VAL A CG2  1 
ATOM   41  H  H    . VAL A 1 3  ? -0.684  -3.534  -6.071  1.00 6.87  ? 3   VAL A H    1 
ATOM   42  H  HA   . VAL A 1 3  ? -0.231  -0.825  -5.979  1.00 6.35  ? 3   VAL A HA   1 
ATOM   43  H  HB   . VAL A 1 3  ? -0.784  -1.377  -8.217  1.00 6.69  ? 3   VAL A HB   1 
ATOM   44  H  HG11 . VAL A 1 3  ? -2.265  -3.127  -7.806  1.00 11.05 ? 3   VAL A HG11 1 
ATOM   45  H  HG12 . VAL A 1 3  ? -3.346  -2.092  -7.338  1.00 11.05 ? 3   VAL A HG12 1 
ATOM   46  H  HG13 . VAL A 1 3  ? -2.856  -2.096  -8.828  1.00 11.05 ? 3   VAL A HG13 1 
ATOM   47  H  HG21 . VAL A 1 3  ? -1.277  0.780   -7.472  1.00 10.40 ? 3   VAL A HG21 1 
ATOM   48  H  HG22 . VAL A 1 3  ? -2.251  0.332   -8.615  1.00 10.40 ? 3   VAL A HG22 1 
ATOM   49  H  HG23 . VAL A 1 3  ? -2.735  0.321   -7.124  1.00 10.40 ? 3   VAL A HG23 1 
ATOM   50  N  N    . ILE A 1 4  ? -2.142  -0.422  -4.409  1.00 5.58  ? 4   ILE A N    1 
ATOM   51  C  CA   . ILE A 1 4  ? -3.133  -0.323  -3.321  1.00 5.34  ? 4   ILE A CA   1 
ATOM   52  C  C    . ILE A 1 4  ? -4.447  0.101   -3.912  1.00 6.15  ? 4   ILE A C    1 
ATOM   53  O  O    . ILE A 1 4  ? -4.618  1.203   -4.483  1.00 6.87  ? 4   ILE A O    1 
ATOM   54  C  CB   . ILE A 1 4  ? -2.640  0.634   -2.221  1.00 5.88  ? 4   ILE A CB   1 
ATOM   55  C  CG1  . ILE A 1 4  ? -1.410  0.055   -1.520  1.00 6.67  ? 4   ILE A CG1  1 
ATOM   56  C  CG2  . ILE A 1 4  ? -3.774  0.898   -1.224  1.00 6.83  ? 4   ILE A CG2  1 
ATOM   57  C  CD1  . ILE A 1 4  ? -0.702  0.929   -0.513  1.00 7.28  ? 4   ILE A CD1  1 
ATOM   58  H  H    . ILE A 1 4  ? -1.682  0.273   -4.624  1.00 6.70  ? 4   ILE A H    1 
ATOM   59  H  HA   . ILE A 1 4  ? -3.245  -1.212  -2.925  1.00 6.40  ? 4   ILE A HA   1 
ATOM   60  H  HB   . ILE A 1 4  ? -2.388  1.484   -2.639  1.00 7.06  ? 4   ILE A HB   1 
ATOM   61  H  HG12 . ILE A 1 4  ? -1.681  -0.760  -1.069  1.00 8.00  ? 4   ILE A HG12 1 
ATOM   62  H  HG13 . ILE A 1 4  ? -0.767  -0.195  -2.202  1.00 8.00  ? 4   ILE A HG13 1 
ATOM   63  H  HG21 . ILE A 1 4  ? -4.530  1.262   -1.688  1.00 10.25 ? 4   ILE A HG21 1 
ATOM   64  H  HG22 . ILE A 1 4  ? -4.024  0.074   -0.799  1.00 10.25 ? 4   ILE A HG22 1 
ATOM   65  H  HG23 . ILE A 1 4  ? -3.476  1.523   -0.559  1.00 10.25 ? 4   ILE A HG23 1 
ATOM   66  H  HD11 . ILE A 1 4  ? -1.311  1.162   0.192   1.00 10.93 ? 4   ILE A HD11 1 
ATOM   67  H  HD12 . ILE A 1 4  ? 0.046   0.452   -0.145  1.00 10.93 ? 4   ILE A HD12 1 
ATOM   68  H  HD13 . ILE A 1 4  ? -0.391  1.728   -0.945  1.00 10.93 ? 4   ILE A HD13 1 
ATOM   69  N  N    A ASN A 1 5  ? -5.420  -0.761  -3.709  0.74 5.18  ? 5   ASN A N    1 
ATOM   70  N  N    B ASN A 1 5  ? -5.536  -0.905  -4.100  0.26 5.66  ? 5   ASN A N    1 
ATOM   71  C  CA   A ASN A 1 5  ? -6.768  -0.541  -4.226  0.74 5.54  ? 5   ASN A CA   1 
ATOM   72  C  CA   B ASN A 1 5  ? -6.817  -0.687  -4.771  0.26 7.76  ? 5   ASN A CA   1 
ATOM   73  C  C    A ASN A 1 5  ? -7.543  0.426   -3.327  0.74 5.91  ? 5   ASN A C    1 
ATOM   74  C  C    B ASN A 1 5  ? -7.742  0.200   -3.923  0.26 7.41  ? 5   ASN A C    1 
ATOM   75  O  O    A ASN A 1 5  ? -7.174  0.668   -2.147  0.74 6.03  ? 5   ASN A O    1 
ATOM   76  O  O    B ASN A 1 5  ? -7.376  0.697   -2.857  0.26 7.16  ? 5   ASN A O    1 
ATOM   77  C  CB   A ASN A 1 5  ? -7.520  -1.854  -4.327  0.74 5.70  ? 5   ASN A CB   1 
ATOM   78  C  CB   B ASN A 1 5  ? -7.486  -2.016  -5.103  0.26 8.86  ? 5   ASN A CB   1 
ATOM   79  C  CG   A ASN A 1 5  ? -7.076  -2.780  -5.457  0.74 5.72  ? 5   ASN A CG   1 
ATOM   80  C  CG   B ASN A 1 5  ? -7.968  -2.857  -3.945  0.26 10.16 ? 5   ASN A CG   1 
ATOM   81  O  OD1  A ASN A 1 5  ? -6.496  -2.337  -6.440  0.74 7.05  ? 5   ASN A OD1  1 
ATOM   82  O  OD1  B ASN A 1 5  ? -8.193  -2.327  -2.850  0.26 10.07 ? 5   ASN A OD1  1 
ATOM   83  N  ND2  A ASN A 1 5  ? -7.442  -4.057  -5.339  0.74 6.57  ? 5   ASN A ND2  1 
ATOM   84  N  ND2  B ASN A 1 5  ? -8.072  -4.173  -4.180  0.26 13.07 ? 5   ASN A ND2  1 
ATOM   85  N  N    A GLU A 1 6  ? -8.644  0.927   -3.855  0.74 6.37  ? 6   GLU A N    1 
ATOM   86  N  N    B GLU A 1 6  ? -8.944  0.452   -4.427  0.26 8.93  ? 6   GLU A N    1 
ATOM   87  C  CA   A GLU A 1 6  ? -9.510  1.909   -3.171  0.74 7.35  ? 6   GLU A CA   1 
ATOM   88  C  CA   B GLU A 1 6  ? -9.929  1.371   -3.866  0.26 9.95  ? 6   GLU A CA   1 
ATOM   89  C  C    A GLU A 1 6  ? -10.177 1.362   -1.929  0.74 8.00  ? 6   GLU A C    1 
ATOM   90  C  C    B GLU A 1 6  ? -10.455 0.910   -2.543  0.26 8.97  ? 6   GLU A C    1 
ATOM   91  O  O    A GLU A 1 6  ? -10.618 2.167   -1.117  0.74 8.94  ? 6   GLU A O    1 
ATOM   92  O  O    B GLU A 1 6  ? -11.267 1.527   -1.867  0.26 10.02 ? 6   GLU A O    1 
ATOM   93  C  CB   A GLU A 1 6  ? -10.593 2.433   -4.133  0.74 8.44  ? 6   GLU A CB   1 
ATOM   94  C  CB   B GLU A 1 6  ? -10.985 1.616   -4.953  0.26 11.56 ? 6   GLU A CB   1 
ATOM   95  C  CG   A GLU A 1 6  ? -11.598 1.354   -4.596  0.74 12.64 ? 6   GLU A CG   1 
ATOM   96  C  CG   B GLU A 1 6  ? -12.368 2.082   -4.540  0.26 15.43 ? 6   GLU A CG   1 
ATOM   97  C  CD   A GLU A 1 6  ? -12.845 1.349   -3.730  0.74 14.79 ? 6   GLU A CD   1 
ATOM   98  C  CD   B GLU A 1 6  ? -12.901 3.065   -5.564  0.26 17.09 ? 6   GLU A CD   1 
ATOM   99  O  OE1  A GLU A 1 6  ? -13.511 2.406   -3.573  0.74 28.30 ? 6   GLU A OE1  1 
ATOM   100 O  OE1  B GLU A 1 6  ? -12.483 2.880   -6.721  0.26 17.06 ? 6   GLU A OE1  1 
ATOM   101 O  OE2  A GLU A 1 6  ? -13.236 0.256   -3.178  0.74 23.85 ? 6   GLU A OE2  1 
ATOM   102 O  OE2  B GLU A 1 6  ? -13.678 3.988   -5.221  0.26 24.09 ? 6   GLU A OE2  1 
ATOM   103 N  N    . ALA A 1 7  ? -10.151 -0.003  -1.717  1.00 8.58  ? 7   ALA A N    1 
ATOM   104 C  CA   . ALA A 1 7  ? -10.580 -0.474  -0.411  1.00 8.79  ? 7   ALA A CA   1 
ATOM   105 C  C    . ALA A 1 7  ? -9.789  0.084   0.719   1.00 7.78  ? 7   ALA A C    1 
ATOM   106 O  O    . ALA A 1 7  ? -10.240 0.089   1.899   1.00 8.81  ? 7   ALA A O    1 
ATOM   107 C  CB   . ALA A 1 7  ? -10.538 -1.983  -0.368  1.00 10.78 ? 7   ALA A CB   1 
ATOM   108 H  H    . ALA A 1 7  ? -9.894  -0.549  -2.330  1.00 10.30 ? 7   ALA A H    1 
ATOM   109 H  HA   . ALA A 1 7  ? -11.512 -0.197  -0.287  1.00 10.54 ? 7   ALA A HA   1 
ATOM   110 H  HB1  . ALA A 1 7  ? -11.054 -2.338  -1.094  1.00 16.16 ? 7   ALA A HB1  1 
ATOM   111 H  HB2  . ALA A 1 7  ? -9.628  -2.280  -0.446  1.00 16.16 ? 7   ALA A HB2  1 
ATOM   112 H  HB3  . ALA A 1 7  ? -10.903 -2.289  0.465   1.00 16.16 ? 7   ALA A HB3  1 
ATOM   113 N  N    . CYS A 1 8  ? -8.571  0.552   0.470   1.00 7.12  ? 8   CYS A N    1 
ATOM   114 C  CA   . CYS A 1 8  ? -7.768  1.141   1.507   1.00 6.69  ? 8   CYS A CA   1 
ATOM   115 C  C    . CYS A 1 8  ? -8.553  2.130   2.329   1.00 7.01  ? 8   CYS A C    1 
ATOM   116 O  O    . CYS A 1 8  ? -9.210  3.049   1.808   1.00 8.01  ? 8   CYS A O    1 
ATOM   117 C  CB   . CYS A 1 8  ? -6.579  1.848   0.812   1.00 6.46  ? 8   CYS A CB   1 
ATOM   118 S  SG   . CYS A 1 8  ? -5.431  2.689   1.960   1.00 6.39  ? 8   CYS A SG   1 
ATOM   119 H  H    . CYS A 1 8  ? -8.256  0.503   -0.328  1.00 8.54  ? 8   CYS A H    1 
ATOM   120 H  HA   . CYS A 1 8  ? -7.425  0.433   2.092   1.00 8.02  ? 8   CYS A HA   1 
ATOM   121 H  HB2  . CYS A 1 8  ? -6.082  1.190   0.302   1.00 7.76  ? 8   CYS A HB2  1 
ATOM   122 H  HB3  . CYS A 1 8  ? -6.930  2.502   0.187   1.00 7.76  ? 8   CYS A HB3  1 
ATOM   123 N  N    . ILE A 1 9  ? -8.467  1.963   3.662   1.00 7.24  ? 9   ILE A N    1 
ATOM   124 C  CA   . ILE A 1 9  ? -9.094  2.816   4.663   1.00 7.25  ? 9   ILE A CA   1 
ATOM   125 C  C    . ILE A 1 9  ? -8.144  3.795   5.301   1.00 7.15  ? 9   ILE A C    1 
ATOM   126 O  O    . ILE A 1 9  ? -8.498  4.520   6.188   1.00 8.44  ? 9   ILE A O    1 
ATOM   127 C  CB   . ILE A 1 9  ? -9.866  1.996   5.706   1.00 7.72  ? 9   ILE A CB   1 
ATOM   128 C  CG1  . ILE A 1 9  ? -8.880  1.161   6.544   1.00 8.56  ? 9   ILE A CG1  1 
ATOM   129 C  CG2  . ILE A 1 9  ? -10.902 1.135   5.013   1.00 9.03  ? 9   ILE A CG2  1 
ATOM   130 C  CD1  . ILE A 1 9  ? -9.562  0.177   7.547   1.00 8.42  ? 9   ILE A CD1  1 
ATOM   131 H  H    . ILE A 1 9  ? -8.005  1.295   3.947   1.00 8.69  ? 9   ILE A H    1 
ATOM   132 H  HA   . ILE A 1 9  ? -9.763  3.352   4.186   1.00 8.71  ? 9   ILE A HA   1 
ATOM   133 H  HB   . ILE A 1 9  ? -10.330 2.617   6.306   1.00 9.26  ? 9   ILE A HB   1 
ATOM   134 H  HG12 . ILE A 1 9  ? -8.316  0.650   5.942   1.00 10.27 ? 9   ILE A HG12 1 
ATOM   135 H  HG13 . ILE A 1 9  ? -8.305  1.764   7.041   1.00 10.27 ? 9   ILE A HG13 1 
ATOM   136 H  HG21 . ILE A 1 9  ? -10.466 0.545   4.394   1.00 13.54 ? 9   ILE A HG21 1 
ATOM   137 H  HG22 . ILE A 1 9  ? -11.378 0.618   5.668   1.00 13.54 ? 9   ILE A HG22 1 
ATOM   138 H  HG23 . ILE A 1 9  ? -11.520 1.698   4.539   1.00 13.54 ? 9   ILE A HG23 1 
ATOM   139 H  HD11 . ILE A 1 9  ? -10.106 0.674   8.163   1.00 12.63 ? 9   ILE A HD11 1 
ATOM   140 H  HD12 . ILE A 1 9  ? -10.112 -0.443  7.064   1.00 12.63 ? 9   ILE A HD12 1 
ATOM   141 H  HD13 . ILE A 1 9  ? -8.887  -0.304  8.033   1.00 12.63 ? 9   ILE A HD13 1 
ATOM   142 N  N    . SER A 1 10 ? -6.870  3.818   4.786   1.00 7.27  ? 10  SER A N    1 
ATOM   143 C  CA   . SER A 1 10 ? -5.900  4.800   5.189   1.00 7.29  ? 10  SER A CA   1 
ATOM   144 C  C    . SER A 1 10 ? -5.585  4.738   6.678   1.00 7.80  ? 10  SER A C    1 
ATOM   145 O  O    . SER A 1 10 ? -5.291  5.733   7.338   1.00 9.17  ? 10  SER A O    1 
ATOM   146 C  CB   A SER A 1 10 ? -6.299  6.228   4.773   0.87 8.59  ? 10  SER A CB   1 
ATOM   147 C  CB   B SER A 1 10 ? -6.491  6.658   5.257   0.13 10.12 ? 10  SER A CB   1 
ATOM   148 O  OG   A SER A 1 10 ? -6.245  6.321   3.367   0.87 10.53 ? 10  SER A OG   1 
ATOM   149 O  OG   B SER A 1 10 ? -5.435  7.159   4.458   0.13 7.85  ? 10  SER A OG   1 
ATOM   150 H  H    . SER A 1 10 ? -6.646  3.226   4.204   1.00 8.73  ? 10  SER A H    1 
ATOM   151 N  N    . CYS A 1 11 ? -5.445  3.486   7.157   1.00 8.01  ? 11  CYS A N    1 
ATOM   152 C  CA   . CYS A 1 11 ? -5.106  3.205   8.538   1.00 8.12  ? 11  CYS A CA   1 
ATOM   153 C  C    . CYS A 1 11 ? -3.576  3.428   8.830   1.00 8.68  ? 11  CYS A C    1 
ATOM   154 O  O    . CYS A 1 11 ? -3.145  3.568   9.993   1.00 9.90  ? 11  CYS A O    1 
ATOM   155 C  CB   . CYS A 1 11 ? -5.482  1.792   8.898   1.00 8.44  ? 11  CYS A CB   1 
ATOM   156 S  SG   . CYS A 1 11 ? -4.456  0.443   8.208   1.00 7.60  ? 11  CYS A SG   1 
ATOM   157 H  H    . CYS A 1 11 ? -5.563  2.825   6.620   1.00 9.62  ? 11  CYS A H    1 
ATOM   158 H  HA   . CYS A 1 11 ? -5.619  3.814   9.109   1.00 9.74  ? 11  CYS A HA   1 
ATOM   159 H  HB2  . CYS A 1 11 ? -5.466  1.717   9.865   1.00 10.12 ? 11  CYS A HB2  1 
ATOM   160 H  HB3  . CYS A 1 11 ? -6.398  1.646   8.614   1.00 10.12 ? 11  CYS A HB3  1 
ATOM   161 N  N    . GLY A 1 12 ? -2.776  3.352   7.779   1.00 7.95  ? 12  GLY A N    1 
ATOM   162 C  CA   . GLY A 1 12 ? -1.344  3.520   7.920   1.00 8.73  ? 12  GLY A CA   1 
ATOM   163 C  C    . GLY A 1 12 ? -0.544  2.329   8.302   1.00 8.09  ? 12  GLY A C    1 
ATOM   164 O  O    . GLY A 1 12 ? 0.665   2.402   8.358   1.00 9.08  ? 12  GLY A O    1 
ATOM   165 H  H    . GLY A 1 12 ? -3.111  3.199   7.002   1.00 9.54  ? 12  GLY A H    1 
ATOM   166 H  HA2  . GLY A 1 12 ? -0.998  3.853   7.078   1.00 10.47 ? 12  GLY A HA2  1 
ATOM   167 H  HA3  . GLY A 1 12 ? -1.188  4.209   8.585   1.00 10.47 ? 12  GLY A HA3  1 
ATOM   168 N  N    . ALA A 1 13 ? -1.142  1.175   8.587   1.00 7.71  ? 13  ALA A N    1 
ATOM   169 C  CA   . ALA A 1 13 ? -0.429  0.078   9.205   1.00 8.17  ? 13  ALA A CA   1 
ATOM   170 C  C    . ALA A 1 13 ? 0.690   -0.486  8.349   1.00 7.20  ? 13  ALA A C    1 
ATOM   171 O  O    . ALA A 1 13 ? 1.692   -1.012  8.845   1.00 8.49  ? 13  ALA A O    1 
ATOM   172 C  CB   . ALA A 1 13 ? -1.380  -1.035  9.596   1.00 8.67  ? 13  ALA A CB   1 
ATOM   173 H  H    . ALA A 1 13 ? -1.977  1.079   8.399   1.00 9.25  ? 13  ALA A H    1 
ATOM   174 H  HA   . ALA A 1 13 ? -0.023  0.419   10.028  1.00 9.81  ? 13  ALA A HA   1 
ATOM   175 H  HB1  . ALA A 1 13 ? -2.087  -0.675  10.136  1.00 13.01 ? 13  ALA A HB1  1 
ATOM   176 H  HB2  . ALA A 1 13 ? -1.751  -1.431  8.805   1.00 13.01 ? 13  ALA A HB2  1 
ATOM   177 H  HB3  . ALA A 1 13 ? -0.903  -1.702  10.095  1.00 13.01 ? 13  ALA A HB3  1 
ATOM   178 N  N    . CYS A 1 14 ? 0.492   -0.456  7.002   1.00 6.89  ? 14  CYS A N    1 
ATOM   179 C  CA   . CYS A 1 14 ? 1.448   -1.063  6.085   1.00 6.86  ? 14  CYS A CA   1 
ATOM   180 C  C    . CYS A 1 14 ? 2.684   -0.239  5.924   1.00 7.24  ? 14  CYS A C    1 
ATOM   181 O  O    . CYS A 1 14 ? 3.760   -0.813  5.531   1.00 8.24  ? 14  CYS A O    1 
ATOM   182 C  CB   . CYS A 1 14 ? 0.806   -1.260  4.698   1.00 7.03  ? 14  CYS A CB   1 
ATOM   183 S  SG   . CYS A 1 14 ? 0.113   0.296   4.027   1.00 7.02  ? 14  CYS A SG   1 
ATOM   184 H  H    . CYS A 1 14 ? -0.209  -0.071  6.686   1.00 8.27  ? 14  CYS A H    1 
ATOM   185 H  HA   . CYS A 1 14 ? 1.703   -1.941  6.437   1.00 8.23  ? 14  CYS A HA   1 
ATOM   186 H  HB2  . CYS A 1 14 ? 1.475   -1.601  4.084   1.00 8.43  ? 14  CYS A HB2  1 
ATOM   187 H  HB3  . CYS A 1 14 ? 0.099   -1.920  4.766   1.00 8.43  ? 14  CYS A HB3  1 
ATOM   188 N  N    . GLU A 1 15 ? 2.672   1.050   6.126   1.00 7.07  ? 15  GLU A N    1 
ATOM   189 C  CA   . GLU A 1 15 ? 3.795   1.895   5.762   1.00 7.37  ? 15  GLU A CA   1 
ATOM   190 C  C    . GLU A 1 15 ? 5.070   1.495   6.432   1.00 7.58  ? 15  GLU A C    1 
ATOM   191 O  O    . GLU A 1 15 ? 6.114   1.366   5.760   1.00 8.42  ? 15  GLU A O    1 
ATOM   192 C  CB   . GLU A 1 15 ? 3.432   3.363   5.923   1.00 7.84  ? 15  GLU A CB   1 
ATOM   193 C  CG   . GLU A 1 15 ? 4.527   4.315   5.553   1.00 9.12  ? 15  GLU A CG   1 
ATOM   194 C  CD   . GLU A 1 15 ? 4.174   5.770   5.580   1.00 13.19 ? 15  GLU A CD   1 
ATOM   195 O  OE1  . GLU A 1 15 ? 3.081   6.119   5.971   1.00 23.75 ? 15  GLU A OE1  1 
ATOM   196 O  OE2  . GLU A 1 15 ? 5.014   6.658   5.366   1.00 18.97 ? 15  GLU A OE2  1 
ATOM   197 H  H    . GLU A 1 15 ? 1.979   1.410   6.485   1.00 8.48  ? 15  GLU A H    1 
ATOM   198 H  HA   . GLU A 1 15 ? 3.939   1.755   4.802   1.00 8.85  ? 15  GLU A HA   1 
ATOM   199 H  HB2  . GLU A 1 15 ? 2.656   3.553   5.372   1.00 9.41  ? 15  GLU A HB2  1 
ATOM   200 H  HB3  . GLU A 1 15 ? 3.182   3.521   6.847   1.00 9.41  ? 15  GLU A HB3  1 
ATOM   201 H  HG2  . GLU A 1 15 ? 5.271   4.172   6.157   1.00 10.94 ? 15  GLU A HG2  1 
ATOM   202 H  HG3  . GLU A 1 15 ? 4.833   4.093   4.660   1.00 10.94 ? 15  GLU A HG3  1 
ATOM   203 N  N    . PRO A 1 16 ? 5.088   1.271   7.754   1.00 7.77  ? 16  PRO A N    1 
ATOM   204 C  CA   . PRO A 1 16 ? 6.334   0.871   8.432   1.00 8.89  ? 16  PRO A CA   1 
ATOM   205 C  C    . PRO A 1 16 ? 6.786   -0.535  8.132   1.00 8.50  ? 16  PRO A C    1 
ATOM   206 O  O    . PRO A 1 16 ? 7.929   -0.904  8.402   1.00 10.16 ? 16  PRO A O    1 
ATOM   207 C  CB   . PRO A 1 16 ? 5.985   1.061   9.918   1.00 9.86  ? 16  PRO A CB   1 
ATOM   208 C  CG   . PRO A 1 16 ? 4.565   1.221   9.984   1.00 14.76 ? 16  PRO A CG   1 
ATOM   209 C  CD   . PRO A 1 16 ? 4.006   1.572   8.708   1.00 9.08  ? 16  PRO A CD   1 
ATOM   210 H  HA   . PRO A 1 16 ? 7.047   1.498   8.187   1.00 10.67 ? 16  PRO A HA   1 
ATOM   211 H  HB2  . PRO A 1 16 ? 6.262   0.287   10.433  1.00 11.83 ? 16  PRO A HB2  1 
ATOM   212 H  HB3  . PRO A 1 16 ? 6.430   1.846   10.274  1.00 11.83 ? 16  PRO A HB3  1 
ATOM   213 H  HG2  . PRO A 1 16 ? 4.164   0.393   10.292  1.00 17.71 ? 16  PRO A HG2  1 
ATOM   214 H  HG3  . PRO A 1 16 ? 4.351   1.914   10.627  1.00 17.71 ? 16  PRO A HG3  1 
ATOM   215 H  HD2  . PRO A 1 16 ? 3.217   1.042   8.517   1.00 10.90 ? 16  PRO A HD2  1 
ATOM   216 H  HD3  . PRO A 1 16 ? 3.768   2.513   8.679   1.00 10.90 ? 16  PRO A HD3  1 
ATOM   217 N  N    . GLU A 1 17 ? 5.853   -1.344  7.585   1.00 8.10  ? 17  GLU A N    1 
ATOM   218 C  CA   . GLU A 1 17 ? 6.133   -2.771  7.396   1.00 8.60  ? 17  GLU A CA   1 
ATOM   219 C  C    . GLU A 1 17 ? 6.753   -3.066  6.043   1.00 7.91  ? 17  GLU A C    1 
ATOM   220 O  O    . GLU A 1 17 ? 7.264   -4.154  5.842   1.00 11.07 ? 17  GLU A O    1 
ATOM   221 C  CB   A GLU A 1 17 ? 4.896   -3.602  7.728   0.68 9.54  ? 17  GLU A CB   1 
ATOM   222 C  CB   B GLU A 1 17 ? 4.764   -3.653  7.346   0.32 9.50  ? 17  GLU A CB   1 
ATOM   223 C  CG   A GLU A 1 17 ? 4.440   -3.297  9.175   0.68 9.72  ? 17  GLU A CG   1 
ATOM   224 C  CG   B GLU A 1 17 ? 4.420   -3.898  8.835   0.32 12.65 ? 17  GLU A CG   1 
ATOM   225 C  CD   A GLU A 1 17 ? 5.474   -3.522  10.256  0.68 12.02 ? 17  GLU A CD   1 
ATOM   226 C  CD   B GLU A 1 17 ? 5.394   -4.788  9.590   0.32 13.69 ? 17  GLU A CD   1 
ATOM   227 O  OE1  A GLU A 1 17 ? 5.885   -4.698  10.267  0.68 17.11 ? 17  GLU A OE1  1 
ATOM   228 O  OE1  B GLU A 1 17 ? 5.409   -5.921  9.079   0.32 16.92 ? 17  GLU A OE1  1 
ATOM   229 O  OE2  A GLU A 1 17 ? 5.796   -2.540  11.033  0.68 14.58 ? 17  GLU A OE2  1 
ATOM   230 O  OE2  B GLU A 1 17 ? 6.509   -4.223  10.000  0.32 13.21 ? 17  GLU A OE2  1 
ATOM   231 H  H    . GLU A 1 17 ? 5.091   -1.022  7.346   1.00 9.72  ? 17  GLU A H    1 
ATOM   232 N  N    . CYS A 1 18 ? 6.727   -2.132  5.135   1.00 6.94  ? 18  CYS A N    1 
ATOM   233 C  CA   . CYS A 1 18 ? 7.335   -2.364  3.764   1.00 6.83  ? 18  CYS A CA   1 
ATOM   234 C  C    . CYS A 1 18 ? 8.835   -2.437  3.958   1.00 6.71  ? 18  CYS A C    1 
ATOM   235 O  O    . CYS A 1 18 ? 9.467   -1.485  4.448   1.00 7.88  ? 18  CYS A O    1 
ATOM   236 C  CB   . CYS A 1 18 ? 6.976   -1.262  2.866   1.00 6.51  ? 18  CYS A CB   1 
ATOM   237 S  SG   . CYS A 1 18 ? 7.803   -1.478  1.246   1.00 6.44  ? 18  CYS A SG   1 
ATOM   238 H  H    . CYS A 1 18 ? 6.361   -1.376  5.315   1.00 8.33  ? 18  CYS A H    1 
ATOM   239 H  HA   . CYS A 1 18 ? 7.007   -3.211  3.395   1.00 8.19  ? 18  CYS A HA   1 
ATOM   240 H  HB2  . CYS A 1 18 ? 6.014   -1.242  2.741   1.00 7.81  ? 18  CYS A HB2  1 
ATOM   241 H  HB3  . CYS A 1 18 ? 7.247   -0.418  3.260   1.00 7.81  ? 18  CYS A HB3  1 
ATOM   242 N  N    . PRO A 1 19 ? 9.480   -3.534  3.508   1.00 6.68  ? 19  PRO A N    1 
ATOM   243 C  CA   . PRO A 1 19 ? 10.918  -3.683  3.734   1.00 7.66  ? 19  PRO A CA   1 
ATOM   244 C  C    . PRO A 1 19 ? 11.780  -2.702  2.959   1.00 7.50  ? 19  PRO A C    1 
ATOM   245 O  O    . PRO A 1 19 ? 12.959  -2.559  3.260   1.00 9.11  ? 19  PRO A O    1 
ATOM   246 C  CB   . PRO A 1 19 ? 11.233  -5.139  3.294   1.00 8.44  ? 19  PRO A CB   1 
ATOM   247 C  CG   . PRO A 1 19 ? 10.154  -5.425  2.292   1.00 9.12  ? 19  PRO A CG   1 
ATOM   248 C  CD   . PRO A 1 19 ? 8.916   -4.724  2.869   1.00 7.80  ? 19  PRO A CD   1 
ATOM   249 H  HA   . PRO A 1 19 ? 11.104  -3.588  4.692   1.00 9.19  ? 19  PRO A HA   1 
ATOM   250 H  HB2  . PRO A 1 19 ? 12.112  -5.200  2.889   1.00 10.12 ? 19  PRO A HB2  1 
ATOM   251 H  HB3  . PRO A 1 19 ? 11.185  -5.750  4.045   1.00 10.12 ? 19  PRO A HB3  1 
ATOM   252 H  HG2  . PRO A 1 19 ? 10.383  -5.062  1.422   1.00 10.94 ? 19  PRO A HG2  1 
ATOM   253 H  HG3  . PRO A 1 19 ? 10.003  -6.379  2.207   1.00 10.94 ? 19  PRO A HG3  1 
ATOM   254 H  HD2  . PRO A 1 19 ? 8.292   -4.483  2.168   1.00 9.36  ? 19  PRO A HD2  1 
ATOM   255 H  HD3  . PRO A 1 19 ? 8.464   -5.288  3.516   1.00 9.36  ? 19  PRO A HD3  1 
ATOM   256 N  N    . VAL A 1 20 ? 11.238  -2.064  1.941   1.00 7.71  ? 20  VAL A N    1 
ATOM   257 C  CA   . VAL A 1 20 ? 11.947  -1.162  1.054   1.00 7.40  ? 20  VAL A CA   1 
ATOM   258 C  C    . VAL A 1 20 ? 11.389  0.270   1.111   1.00 7.06  ? 20  VAL A C    1 
ATOM   259 O  O    . VAL A 1 20 ? 11.725  1.096   0.302   1.00 7.51  ? 20  VAL A O    1 
ATOM   260 C  CB   . VAL A 1 20 ? 12.061  -1.694  -0.388  1.00 7.18  ? 20  VAL A CB   1 
ATOM   261 C  CG1  . VAL A 1 20 ? 12.983  -2.897  -0.454  1.00 8.56  ? 20  VAL A CG1  1 
ATOM   262 C  CG2  . VAL A 1 20 ? 10.678  -1.997  -0.967  1.00 7.51  ? 20  VAL A CG2  1 
ATOM   263 H  H    . VAL A 1 20 ? 10.402  -2.193  1.791   1.00 9.26  ? 20  VAL A H    1 
ATOM   264 H  HA   . VAL A 1 20 ? 12.864  -1.110  1.396   1.00 8.88  ? 20  VAL A HA   1 
ATOM   265 H  HB   . VAL A 1 20 ? 12.460  -0.984  -0.935  1.00 8.62  ? 20  VAL A HB   1 
ATOM   266 H  HG11 . VAL A 1 20 ? 13.837  -2.666  -0.082  1.00 12.85 ? 20  VAL A HG11 1 
ATOM   267 H  HG12 . VAL A 1 20 ? 12.600  -3.621  0.047   1.00 12.85 ? 20  VAL A HG12 1 
ATOM   268 H  HG13 . VAL A 1 20 ? 13.095  -3.166  -1.369  1.00 12.85 ? 20  VAL A HG13 1 
ATOM   269 H  HG21 . VAL A 1 20 ? 10.131  -1.210  -0.918  1.00 11.26 ? 20  VAL A HG21 1 
ATOM   270 H  HG22 . VAL A 1 20 ? 10.767  -2.269  -1.883  1.00 11.26 ? 20  VAL A HG22 1 
ATOM   271 H  HG23 . VAL A 1 20 ? 10.268  -2.703  -0.462  1.00 11.26 ? 20  VAL A HG23 1 
ATOM   272 N  N    . ASN A 1 21 ? 10.513  0.556   2.082   1.00 7.14  ? 21  ASN A N    1 
ATOM   273 C  CA   . ASN A 1 21 ? 9.963   1.883   2.273   1.00 7.65  ? 21  ASN A CA   1 
ATOM   274 C  C    . ASN A 1 21 ? 9.311   2.453   1.028   1.00 7.45  ? 21  ASN A C    1 
ATOM   275 O  O    . ASN A 1 21 ? 9.434   3.631   0.707   1.00 8.90  ? 21  ASN A O    1 
ATOM   276 C  CB   A ASN A 1 21 ? 11.048  2.849   2.795   0.59 8.98  ? 21  ASN A CB   1 
ATOM   277 C  CB   B ASN A 1 21 ? 11.189  2.940   2.635   0.41 10.53 ? 21  ASN A CB   1 
ATOM   278 C  CG   A ASN A 1 21 ? 10.516  4.191   3.194   0.59 12.49 ? 21  ASN A CG   1 
ATOM   279 C  CG   B ASN A 1 21 ? 11.880  2.244   3.748   0.41 11.19 ? 21  ASN A CG   1 
ATOM   280 O  OD1  A ASN A 1 21 ? 9.416   4.311   3.790   0.59 18.49 ? 21  ASN A OD1  1 
ATOM   281 O  OD1  B ASN A 1 21 ? 13.148  2.107   3.766   0.41 17.49 ? 21  ASN A OD1  1 
ATOM   282 N  ND2  A ASN A 1 21 ? 11.203  5.299   3.007   0.59 18.18 ? 21  ASN A ND2  1 
ATOM   283 N  ND2  B ASN A 1 21 ? 11.274  1.667   4.745   0.41 15.38 ? 21  ASN A ND2  1 
ATOM   284 H  H    . ASN A 1 21 ? 10.265  -0.073  2.614   1.00 8.57  ? 21  ASN A H    1 
ATOM   285 N  N    . ALA A 1 22 ? 8.552   1.602   0.308   1.00 6.42  ? 22  ALA A N    1 
ATOM   286 C  CA   . ALA A 1 22 ? 7.932   1.965   -0.945  1.00 6.78  ? 22  ALA A CA   1 
ATOM   287 C  C    . ALA A 1 22 ? 6.509   2.527   -0.800  1.00 6.31  ? 22  ALA A C    1 
ATOM   288 O  O    . ALA A 1 22 ? 5.884   2.865   -1.786  1.00 7.70  ? 22  ALA A O    1 
ATOM   289 C  CB   . ALA A 1 22 ? 7.906   0.792   -1.932  1.00 7.57  ? 22  ALA A CB   1 
ATOM   290 H  H    . ALA A 1 22 ? 8.432   0.805   0.608   1.00 7.70  ? 22  ALA A H    1 
ATOM   291 H  HA   . ALA A 1 22 ? 8.482   2.670   -1.347  1.00 8.14  ? 22  ALA A HA   1 
ATOM   292 H  HB1  . ALA A 1 22 ? 8.792   0.438   -2.031  1.00 11.36 ? 22  ALA A HB1  1 
ATOM   293 H  HB2  . ALA A 1 22 ? 7.323   0.107   -1.599  1.00 11.36 ? 22  ALA A HB2  1 
ATOM   294 H  HB3  . ALA A 1 22 ? 7.586   1.098   -2.784  1.00 11.36 ? 22  ALA A HB3  1 
ATOM   295 N  N    . ILE A 1 23 ? 5.982   2.553   0.439   1.00 6.80  ? 23  ILE A N    1 
ATOM   296 C  CA   . ILE A 1 23 ? 4.604   3.053   0.668   1.00 6.76  ? 23  ILE A CA   1 
ATOM   297 C  C    . ILE A 1 23 ? 4.659   4.426   1.290   1.00 6.99  ? 23  ILE A C    1 
ATOM   298 O  O    . ILE A 1 23 ? 5.419   4.717   2.222   1.00 8.58  ? 23  ILE A O    1 
ATOM   299 C  CB   . ILE A 1 23 ? 3.825   2.049   1.570   1.00 6.35  ? 23  ILE A CB   1 
ATOM   300 C  CG1  . ILE A 1 23 ? 3.693   0.740   0.831   1.00 8.28  ? 23  ILE A CG1  1 
ATOM   301 C  CG2  . ILE A 1 23 ? 2.542   2.624   2.057   1.00 7.64  ? 23  ILE A CG2  1 
ATOM   302 C  CD1  . ILE A 1 23 ? 3.083   -0.392  1.616   1.00 8.76  ? 23  ILE A CD1  1 
ATOM   303 H  H    . ILE A 1 23 ? 6.450   2.276   1.105   1.00 8.15  ? 23  ILE A H    1 
ATOM   304 H  HA   . ILE A 1 23 ? 4.147   3.118   -0.196  1.00 8.12  ? 23  ILE A HA   1 
ATOM   305 H  HB   . ILE A 1 23 ? 4.382   1.879   2.359   1.00 7.62  ? 23  ILE A HB   1 
ATOM   306 H  HG12 . ILE A 1 23 ? 3.152   0.890   0.039   1.00 9.94  ? 23  ILE A HG12 1 
ATOM   307 H  HG13 . ILE A 1 23 ? 4.574   0.466   0.532   1.00 9.94  ? 23  ILE A HG13 1 
ATOM   308 H  HG21 . ILE A 1 23 ? 2.716   3.447   2.520   1.00 11.46 ? 23  ILE A HG21 1 
ATOM   309 H  HG22 . ILE A 1 23 ? 1.964   2.792   1.310   1.00 11.46 ? 23  ILE A HG22 1 
ATOM   310 H  HG23 . ILE A 1 23 ? 2.121   2.003   2.657   1.00 11.46 ? 23  ILE A HG23 1 
ATOM   311 H  HD11 . ILE A 1 23 ? 2.198   -0.148  1.895   1.00 13.15 ? 23  ILE A HD11 1 
ATOM   312 H  HD12 . ILE A 1 23 ? 3.039   -1.177  1.065   1.00 13.15 ? 23  ILE A HD12 1 
ATOM   313 H  HD13 . ILE A 1 23 ? 3.623   -0.573  2.389   1.00 13.15 ? 23  ILE A HD13 1 
ATOM   314 N  N    . SER A 1 24 ? 3.732   5.270   0.820   1.00 7.98  ? 24  SER A N    1 
ATOM   315 C  CA   . SER A 1 24 ? 3.516   6.597   1.433   1.00 8.97  ? 24  SER A CA   1 
ATOM   316 C  C    . SER A 1 24 ? 2.013   6.868   1.416   1.00 8.28  ? 24  SER A C    1 
ATOM   317 O  O    . SER A 1 24 ? 1.206   6.212   0.769   1.00 8.48  ? 24  SER A O    1 
ATOM   318 C  CB   A SER A 1 24 ? 4.278   7.681   0.693   0.69 10.78 ? 24  SER A CB   1 
ATOM   319 C  CB   B SER A 1 24 ? 3.964   7.615   0.181   0.31 9.23  ? 24  SER A CB   1 
ATOM   320 O  OG   A SER A 1 24 ? 3.884   7.747   -0.669  0.69 10.52 ? 24  SER A OG   1 
ATOM   321 O  OG   B SER A 1 24 ? 5.376   7.526   0.059   0.31 12.74 ? 24  SER A OG   1 
ATOM   322 H  H    . SER A 1 24 ? 3.253   5.035   0.146   1.00 9.58  ? 24  SER A H    1 
ATOM   323 N  N    A SER A 1 25 ? 1.644   7.886   2.200   0.48 9.97  ? 25  SER A N    1 
ATOM   324 N  N    B SER A 1 25 ? 1.707   7.846   2.389   0.52 9.62  ? 25  SER A N    1 
ATOM   325 C  CA   A SER A 1 25 ? 0.238   8.268   2.348   0.48 11.26 ? 25  SER A CA   1 
ATOM   326 C  CA   B SER A 1 25 ? 0.315   8.285   2.252   0.52 10.78 ? 25  SER A CA   1 
ATOM   327 C  C    A SER A 1 25 ? -0.298  8.931   1.082   0.48 10.93 ? 25  SER A C    1 
ATOM   328 C  C    B SER A 1 25 ? 0.167   9.167   1.009   0.52 11.12 ? 25  SER A C    1 
ATOM   329 O  O    A SER A 1 25 ? 0.541   9.412   0.291   0.48 11.94 ? 25  SER A O    1 
ATOM   330 O  O    B SER A 1 25 ? 0.841   10.204  0.943   0.52 15.71 ? 25  SER A O    1 
ATOM   331 C  CB   A SER A 1 25 ? 0.061   9.097   3.615   0.48 11.59 ? 25  SER A CB   1 
ATOM   332 C  CB   B SER A 1 25 ? -0.136  9.004   3.516   0.52 11.14 ? 25  SER A CB   1 
ATOM   333 O  OG   A SER A 1 25 ? -1.237  9.639   3.545   0.48 12.33 ? 25  SER A OG   1 
ATOM   334 O  OG   B SER A 1 25 ? 0.496   10.274  3.482   0.52 13.69 ? 25  SER A OG   1 
ATOM   335 N  N    A GLY A 1 26 ? -1.610  8.960   0.835   0.48 10.91 ? 26  GLY A N    1 
ATOM   336 N  N    B GLY A 1 26 ? -0.690  8.738   0.066   0.52 12.09 ? 26  GLY A N    1 
ATOM   337 C  CA   A GLY A 1 26 ? -2.152  9.612   -0.377  0.48 13.01 ? 26  GLY A CA   1 
ATOM   338 C  CA   B GLY A 1 26 ? -0.953  9.534   -1.126  0.52 13.62 ? 26  GLY A CA   1 
ATOM   339 C  C    A GLY A 1 26 ? -3.517  10.187  0.014   0.48 17.17 ? 26  GLY A C    1 
ATOM   340 C  C    B GLY A 1 26 ? -2.070  10.538  -0.883  0.52 12.45 ? 26  GLY A C    1 
ATOM   341 O  O    A GLY A 1 26 ? -3.936  10.137  1.190   0.48 21.83 ? 26  GLY A O    1 
ATOM   342 O  O    B GLY A 1 26 ? -2.555  10.799  0.229   0.52 13.10 ? 26  GLY A O    1 
ATOM   343 N  N    A ASP A 1 27 ? -4.211  10.728  -0.963  0.48 17.88 ? 27  ASP A N    1 
ATOM   344 N  N    B ASP A 1 27 ? -2.523  11.196  -1.955  0.52 13.06 ? 27  ASP A N    1 
ATOM   345 C  CA   A ASP A 1 27 ? -5.476  11.439  -0.767  0.48 18.16 ? 27  ASP A CA   1 
ATOM   346 C  CA   B ASP A 1 27 ? -3.534  12.231  -1.771  0.52 14.48 ? 27  ASP A CA   1 
ATOM   347 C  C    A ASP A 1 27 ? -6.535  10.594  -0.103  0.48 19.91 ? 27  ASP A C    1 
ATOM   348 C  C    B ASP A 1 27 ? -4.940  11.697  -1.496  0.52 16.19 ? 27  ASP A C    1 
ATOM   349 O  O    A ASP A 1 27 ? -6.944  10.784  1.065   0.48 32.39 ? 27  ASP A O    1 
ATOM   350 O  O    B ASP A 1 27 ? -5.742  12.373  -0.810  0.52 17.92 ? 27  ASP A O    1 
ATOM   351 C  CB   A ASP A 1 27 ? -5.980  12.112  -2.059  0.48 21.04 ? 27  ASP A CB   1 
ATOM   352 C  CB   B ASP A 1 27 ? -3.616  13.138  -2.989  0.52 18.15 ? 27  ASP A CB   1 
ATOM   353 C  CG   A ASP A 1 27 ? -5.296  13.453  -2.207  0.48 25.40 ? 27  ASP A CG   1 
ATOM   354 C  CG   B ASP A 1 27 ? -2.486  14.167  -2.993  0.52 22.89 ? 27  ASP A CG   1 
ATOM   355 O  OD1  A ASP A 1 27 ? -4.870  14.109  -1.232  0.48 29.78 ? 27  ASP A OD1  1 
ATOM   356 O  OD1  B ASP A 1 27 ? -1.472  13.769  -2.355  0.52 35.57 ? 27  ASP A OD1  1 
ATOM   357 O  OD2  A ASP A 1 27 ? -5.141  13.912  -3.364  0.48 30.40 ? 27  ASP A OD2  1 
ATOM   358 O  OD2  B ASP A 1 27 ? -2.673  15.175  -3.734  0.52 29.34 ? 27  ASP A OD2  1 
ATOM   359 N  N    A ASP A 1 28 ? -7.025  9.602   -0.871  0.48 16.72 ? 28  ASP A N    1 
ATOM   360 N  N    B ASP A 1 28 ? -5.179  10.500  -2.022  0.52 15.57 ? 28  ASP A N    1 
ATOM   361 C  CA   A ASP A 1 28 ? -7.932  8.744   -0.129  0.48 19.62 ? 28  ASP A CA   1 
ATOM   362 C  CA   B ASP A 1 28 ? -6.471  9.874   -1.808  0.52 13.85 ? 28  ASP A CA   1 
ATOM   363 C  C    A ASP A 1 28 ? -7.478  7.284   -0.074  0.48 15.27 ? 28  ASP A C    1 
ATOM   364 C  C    B ASP A 1 28 ? -6.337  8.668   -0.899  0.52 13.11 ? 28  ASP A C    1 
ATOM   365 O  O    A ASP A 1 28 ? -8.293  6.454   0.266   0.48 18.25 ? 28  ASP A O    1 
ATOM   366 O  O    B ASP A 1 28 ? -7.323  8.325   -0.228  0.52 14.63 ? 28  ASP A O    1 
ATOM   367 C  CB   A ASP A 1 28 ? -9.387  8.821   -0.565  0.48 27.74 ? 28  ASP A CB   1 
ATOM   368 C  CB   B ASP A 1 28 ? -7.129  9.495   -3.139  0.52 17.84 ? 28  ASP A CB   1 
ATOM   369 C  CG   A ASP A 1 28 ? -9.496  9.227   -2.024  0.48 30.45 ? 28  ASP A CG   1 
ATOM   370 C  CG   B ASP A 1 28 ? -7.558  10.758  -3.875  0.52 20.42 ? 28  ASP A CG   1 
ATOM   371 O  OD1  A ASP A 1 28 ? -8.682  8.702   -2.820  0.48 28.36 ? 28  ASP A OD1  1 
ATOM   372 O  OD1  B ASP A 1 28 ? -7.283  11.916  -3.442  0.52 23.62 ? 28  ASP A OD1  1 
ATOM   373 O  OD2  A ASP A 1 28 ? -10.390 10.075  -2.162  0.48 33.54 ? 28  ASP A OD2  1 
ATOM   374 O  OD2  B ASP A 1 28 ? -8.172  10.587  -4.964  0.52 24.13 ? 28  ASP A OD2  1 
ATOM   375 N  N    A ARG A 1 29 ? -6.226  7.065   -0.392  0.48 12.29 ? 29  ARG A N    1 
ATOM   376 N  N    B ARG A 1 29 ? -5.216  7.956   -0.872  0.52 11.32 ? 29  ARG A N    1 
ATOM   377 C  CA   A ARG A 1 29 ? -5.618  5.745   -0.389  0.48 8.88  ? 29  ARG A CA   1 
ATOM   378 C  CA   B ARG A 1 29 ? -5.040  6.729   -0.091  0.52 10.63 ? 29  ARG A CA   1 
ATOM   379 C  C    A ARG A 1 29 ? -4.101  5.942   -0.350  0.48 8.36  ? 29  ARG A C    1 
ATOM   380 C  C    B ARG A 1 29 ? -3.543  6.416   -0.109  0.52 10.43 ? 29  ARG A C    1 
ATOM   381 O  O    A ARG A 1 29 ? -3.552  6.851   -0.952  0.48 8.94  ? 29  ARG A O    1 
ATOM   382 O  O    B ARG A 1 29 ? -2.724  7.168   -0.658  0.52 13.68 ? 29  ARG A O    1 
ATOM   383 C  CB   A ARG A 1 29 ? -6.066  4.784   -1.481  0.48 11.22 ? 29  ARG A CB   1 
ATOM   384 C  CB   B ARG A 1 29 ? -5.823  5.590   -0.706  0.52 9.77  ? 29  ARG A CB   1 
ATOM   385 C  CG   A ARG A 1 29 ? -5.784  5.063   -2.934  0.48 11.60 ? 29  ARG A CG   1 
ATOM   386 C  CG   B ARG A 1 29 ? -5.486  5.251   -2.176  0.52 10.84 ? 29  ARG A CG   1 
ATOM   387 C  CD   A ARG A 1 29 ? -6.012  3.885   -3.881  0.48 14.61 ? 29  ARG A CD   1 
ATOM   388 C  CD   B ARG A 1 29 ? -6.383  4.165   -2.731  0.52 13.76 ? 29  ARG A CD   1 
ATOM   389 N  NE   A ARG A 1 29 ? -6.495  4.225   -5.209  0.48 17.66 ? 29  ARG A NE   1 
ATOM   390 N  NE   B ARG A 1 29 ? -6.374  3.882   -4.148  0.52 13.79 ? 29  ARG A NE   1 
ATOM   391 C  CZ   A ARG A 1 29 ? -6.506  3.582   -6.359  0.48 14.32 ? 29  ARG A CZ   1 
ATOM   392 C  CZ   B ARG A 1 29 ? -6.814  4.589   -5.214  0.52 14.75 ? 29  ARG A CZ   1 
ATOM   393 N  NH1  A ARG A 1 29 ? -5.883  2.454   -6.644  0.48 12.08 ? 29  ARG A NH1  1 
ATOM   394 N  NH1  B ARG A 1 29 ? -7.331  5.803   -5.102  0.52 25.34 ? 29  ARG A NH1  1 
ATOM   395 N  NH2  A ARG A 1 29 ? -7.162  4.246   -7.344  0.48 12.01 ? 29  ARG A NH2  1 
ATOM   396 N  NH2  B ARG A 1 29 ? -6.730  3.999   -6.406  0.52 19.65 ? 29  ARG A NH2  1 
ATOM   397 N  N    . TYR A 1 30 ? -3.372  5.164   0.434   1.00 9.02  ? 30  TYR A N    1 
ATOM   398 C  CA   . TYR A 1 30 ? -1.933  4.988   0.451   1.00 8.21  ? 30  TYR A CA   1 
ATOM   399 C  C    . TYR A 1 30 ? -1.494  4.543   -0.959  1.00 7.83  ? 30  TYR A C    1 
ATOM   400 O  O    . TYR A 1 30 ? -2.294  4.031   -1.739  1.00 8.24  ? 30  TYR A O    1 
ATOM   401 C  CB   . TYR A 1 30 ? -1.577  4.029   1.572   1.00 7.50  ? 30  TYR A CB   1 
ATOM   402 C  CG   . TYR A 1 30 ? -1.442  4.729   2.903   1.00 7.49  ? 30  TYR A CG   1 
ATOM   403 C  CD1  . TYR A 1 30 ? -2.491  5.408   3.491   1.00 7.74  ? 30  TYR A CD1  1 
ATOM   404 C  CD2  . TYR A 1 30 ? -0.258  4.692   3.600   1.00 8.37  ? 30  TYR A CD2  1 
ATOM   405 C  CE1  . TYR A 1 30 ? -2.361  6.048   4.720   1.00 8.73  ? 30  TYR A CE1  1 
ATOM   406 C  CE2  . TYR A 1 30 ? -0.113  5.347   4.818   1.00 9.58  ? 30  TYR A CE2  1 
ATOM   407 C  CZ   . TYR A 1 30 ? -1.165  6.048   5.353   1.00 8.97  ? 30  TYR A CZ   1 
ATOM   408 O  OH   . TYR A 1 30 ? -0.958  6.693   6.562   1.00 10.55 ? 30  TYR A OH   1 
ATOM   409 H  H    . TYR A 1 30 ? -3.810  4.700   1.010   1.00 10.83 ? 30  TYR A H    1 
ATOM   410 H  HA   . TYR A 1 30 ? -1.519  5.854   0.643   1.00 9.85  ? 30  TYR A HA   1 
ATOM   411 H  HB2  . TYR A 1 30 ? -2.264  3.347   1.640   1.00 9.00  ? 30  TYR A HB2  1 
ATOM   412 H  HB3  . TYR A 1 30 ? -0.739  3.587   1.360   1.00 9.00  ? 30  TYR A HB3  1 
ATOM   413 H  HD1  . TYR A 1 30 ? -3.309  5.440   3.051   1.00 9.29  ? 30  TYR A HD1  1 
ATOM   414 H  HD2  . TYR A 1 30 ? 0.461   4.216   3.250   1.00 10.05 ? 30  TYR A HD2  1 
ATOM   415 H  HE1  . TYR A 1 30 ? -3.093  6.473   5.105   1.00 10.47 ? 30  TYR A HE1  1 
ATOM   416 H  HE2  . TYR A 1 30 ? 0.699   5.309   5.271   1.00 11.49 ? 30  TYR A HE2  1 
ATOM   417 H  HH   . TYR A 1 30 ? -1.657  7.046   6.808   1.00 15.83 ? 30  TYR A HH   1 
ATOM   418 N  N    . VAL A 1 31 ? -0.191  4.709   -1.253  1.00 6.97  ? 31  VAL A N    1 
ATOM   419 C  CA   . VAL A 1 31 ? 0.299   4.477   -2.618  1.00 7.44  ? 31  VAL A CA   1 
ATOM   420 C  C    . VAL A 1 31 ? 1.703   3.851   -2.556  1.00 5.83  ? 31  VAL A C    1 
ATOM   421 O  O    . VAL A 1 31 ? 2.542   4.165   -1.734  1.00 7.12  ? 31  VAL A O    1 
ATOM   422 C  CB   A VAL A 1 31 ? 0.257   5.780   -3.442  0.85 7.47  ? 31  VAL A CB   1 
ATOM   423 C  CB   B VAL A 1 31 ? 0.781   6.079   -2.977  0.15 7.16  ? 31  VAL A CB   1 
ATOM   424 C  CG1  A VAL A 1 31 ? 1.251   6.821   -2.919  0.85 8.96  ? 31  VAL A CG1  1 
ATOM   425 C  CG1  B VAL A 1 31 ? 1.571   6.073   -4.276  0.15 5.58  ? 31  VAL A CG1  1 
ATOM   426 C  CG2  A VAL A 1 31 ? 0.445   5.511   -4.922  0.85 7.73  ? 31  VAL A CG2  1 
ATOM   427 C  CG2  B VAL A 1 31 ? -0.574  6.756   -3.203  0.15 7.48  ? 31  VAL A CG2  1 
ATOM   428 H  H    . VAL A 1 31 ? 0.358   4.951   -0.637  1.00 8.37  ? 31  VAL A H    1 
ATOM   429 N  N    . ILE A 1 32 ? 1.881   2.945   -3.520  1.00 5.63  ? 32  ILE A N    1 
ATOM   430 C  CA   . ILE A 1 32 ? 3.115   2.189   -3.697  1.00 5.64  ? 32  ILE A CA   1 
ATOM   431 C  C    . ILE A 1 32 ? 3.962   2.787   -4.807  1.00 5.65  ? 32  ILE A C    1 
ATOM   432 O  O    . ILE A 1 32 ? 3.484   3.115   -5.909  1.00 6.20  ? 32  ILE A O    1 
ATOM   433 C  CB   . ILE A 1 32 ? 2.810   0.701   -4.007  1.00 5.53  ? 32  ILE A CB   1 
ATOM   434 C  CG1  . ILE A 1 32 ? 2.218   0.068   -2.741  1.00 5.61  ? 32  ILE A CG1  1 
ATOM   435 C  CG2  . ILE A 1 32 ? 4.054   -0.045  -4.512  1.00 6.30  ? 32  ILE A CG2  1 
ATOM   436 C  CD1  . ILE A 1 32 ? 1.680   -1.341  -2.951  1.00 6.14  ? 32  ILE A CD1  1 
ATOM   437 H  H    . ILE A 1 32 ? 1.232   2.799   -4.066  1.00 6.75  ? 32  ILE A H    1 
ATOM   438 H  HA   . ILE A 1 32 ? 3.627   2.232   -2.862  1.00 6.76  ? 32  ILE A HA   1 
ATOM   439 H  HB   . ILE A 1 32 ? 2.129   0.669   -4.711  1.00 6.64  ? 32  ILE A HB   1 
ATOM   440 H  HG12 . ILE A 1 32 ? 2.902   0.042   -2.054  1.00 6.73  ? 32  ILE A HG12 1 
ATOM   441 H  HG13 . ILE A 1 32 ? 1.498   0.633   -2.417  1.00 6.73  ? 32  ILE A HG13 1 
ATOM   442 H  HG21 . ILE A 1 32 ? 4.389   0.389   -5.299  1.00 9.45  ? 32  ILE A HG21 1 
ATOM   443 H  HG22 . ILE A 1 32 ? 4.729   -0.038  -3.830  1.00 9.45  ? 32  ILE A HG22 1 
ATOM   444 H  HG23 . ILE A 1 32 ? 3.820   -0.952  -4.720  1.00 9.45  ? 32  ILE A HG23 1 
ATOM   445 H  HD11 . ILE A 1 32 ? 2.389   -1.912  -3.252  1.00 9.21  ? 32  ILE A HD11 1 
ATOM   446 H  HD12 . ILE A 1 32 ? 1.328   -1.677  -2.124  1.00 9.21  ? 32  ILE A HD12 1 
ATOM   447 H  HD13 . ILE A 1 32 ? 0.982   -1.322  -3.611  1.00 9.21  ? 32  ILE A HD13 1 
ATOM   448 N  N    . ASP A 1 33 ? 5.257   2.937   -4.489  1.00 5.63  ? 33  ASP A N    1 
ATOM   449 C  CA   . ASP A 1 33 ? 6.309   3.285   -5.503  1.00 5.87  ? 33  ASP A CA   1 
ATOM   450 C  C    . ASP A 1 33 ? 6.659   2.018   -6.280  1.00 5.46  ? 33  ASP A C    1 
ATOM   451 O  O    . ASP A 1 33 ? 7.329   1.110   -5.822  1.00 5.90  ? 33  ASP A O    1 
ATOM   452 C  CB   . ASP A 1 33 ? 7.510   3.805   -4.770  1.00 6.31  ? 33  ASP A CB   1 
ATOM   453 C  CG   . ASP A 1 33 ? 8.687   4.046   -5.720  1.00 7.22  ? 33  ASP A CG   1 
ATOM   454 O  OD1  . ASP A 1 33 ? 8.549   3.968   -6.920  1.00 7.58  ? 33  ASP A OD1  1 
ATOM   455 O  OD2  . ASP A 1 33 ? 9.793   4.337   -5.162  1.00 10.28 ? 33  ASP A OD2  1 
ATOM   456 H  H    . ASP A 1 33 ? 5.493   2.831   -3.669  1.00 6.76  ? 33  ASP A H    1 
ATOM   457 H  HA   . ASP A 1 33 ? 5.970   3.970   -6.116  1.00 7.04  ? 33  ASP A HA   1 
ATOM   458 H  HB2  . ASP A 1 33 ? 7.280   4.636   -4.326  1.00 7.57  ? 33  ASP A HB2  1 
ATOM   459 H  HB3  . ASP A 1 33 ? 7.773   3.165   -4.090  1.00 7.57  ? 33  ASP A HB3  1 
ATOM   460 N  N    . ALA A 1 34 ? 6.075   1.943   -7.506  1.00 5.75  ? 34  ALA A N    1 
ATOM   461 C  CA   . ALA A 1 34 ? 6.270   0.828   -8.372  1.00 5.92  ? 34  ALA A CA   1 
ATOM   462 C  C    . ALA A 1 34 ? 7.693   0.660   -8.869  1.00 5.97  ? 34  ALA A C    1 
ATOM   463 O  O    . ALA A 1 34 ? 8.076   -0.400  -9.384  1.00 6.75  ? 34  ALA A O    1 
ATOM   464 C  CB   . ALA A 1 34 ? 5.334   0.947   -9.587  1.00 6.95  ? 34  ALA A CB   1 
ATOM   465 H  H    . ALA A 1 34 ? 5.571   2.589   -7.767  1.00 6.90  ? 34  ALA A H    1 
ATOM   466 H  HA   . ALA A 1 34 ? 6.025   0.016   -7.880  1.00 7.10  ? 34  ALA A HA   1 
ATOM   467 H  HB1  . ALA A 1 34 ? 4.430   1.058   -9.285  1.00 10.42 ? 34  ALA A HB1  1 
ATOM   468 H  HB2  . ALA A 1 34 ? 5.590   1.707   -10.115 1.00 10.42 ? 34  ALA A HB2  1 
ATOM   469 H  HB3  . ALA A 1 34 ? 5.399   0.151   -10.120 1.00 10.42 ? 34  ALA A HB3  1 
ATOM   470 N  N    . ASP A 1 35 ? 8.545   1.678   -8.702  1.00 5.84  ? 35  ASP A N    1 
ATOM   471 C  CA   . ASP A 1 35 ? 9.943   1.576   -9.057  1.00 6.20  ? 35  ASP A CA   1 
ATOM   472 C  C    . ASP A 1 35 ? 10.790  0.966   -7.949  1.00 6.16  ? 35  ASP A C    1 
ATOM   473 O  O    . ASP A 1 35 ? 11.979  0.713   -8.175  1.00 7.63  ? 35  ASP A O    1 
ATOM   474 C  CB   . ASP A 1 35 ? 10.463  2.931   -9.491  1.00 6.47  ? 35  ASP A CB   1 
ATOM   475 C  CG   . ASP A 1 35 ? 9.803   3.424   -10.779 1.00 7.84  ? 35  ASP A CG   1 
ATOM   476 O  OD1  . ASP A 1 35 ? 9.307   2.603   -11.581 1.00 8.74  ? 35  ASP A OD1  1 
ATOM   477 O  OD2  . ASP A 1 35 ? 9.866   4.647   -10.998 1.00 10.75 ? 35  ASP A OD2  1 
ATOM   478 H  H    . ASP A 1 35 ? 8.252   2.416   -8.372  1.00 7.01  ? 35  ASP A H    1 
ATOM   479 H  HA   . ASP A 1 35 ? 10.003  0.979   -9.833  1.00 7.44  ? 35  ASP A HA   1 
ATOM   480 H  HB2  . ASP A 1 35 ? 10.299  3.575   -8.784  1.00 7.77  ? 35  ASP A HB2  1 
ATOM   481 H  HB3  . ASP A 1 35 ? 11.422  2.875   -9.625  1.00 7.77  ? 35  ASP A HB3  1 
ATOM   482 N  N    . THR A 1 36 ? 10.206  0.717   -6.800  1.00 6.47  ? 36  THR A N    1 
ATOM   483 C  CA   . THR A 1 36 ? 10.908  0.153   -5.620  1.00 7.21  ? 36  THR A CA   1 
ATOM   484 C  C    . THR A 1 36 ? 10.295  -1.135  -5.145  1.00 6.13  ? 36  THR A C    1 
ATOM   485 O  O    . THR A 1 36 ? 10.970  -2.008  -4.594  1.00 6.71  ? 36  THR A O    1 
ATOM   486 C  CB   . THR A 1 36 ? 10.926  1.262   -4.480  1.00 9.71  ? 36  THR A CB   1 
ATOM   487 O  OG1  . THR A 1 36 ? 11.697  2.358   -5.006  1.00 10.72 ? 36  THR A OG1  1 
ATOM   488 C  CG2  . THR A 1 36 ? 11.637  0.790   -3.249  1.00 11.23 ? 36  THR A CG2  1 
ATOM   489 H  H    . THR A 1 36 ? 9.366   0.890   -6.726  1.00 7.77  ? 36  THR A H    1 
ATOM   490 H  HA   . THR A 1 36 ? 11.835  -0.030  -5.879  1.00 8.65  ? 36  THR A HA   1 
ATOM   491 H  HB   . THR A 1 36 ? 10.015  1.551   -4.264  1.00 11.65 ? 36  THR A HB   1 
ATOM   492 H  HG1  . THR A 1 36 ? 11.335  2.647   -5.683  1.00 16.08 ? 36  THR A HG1  1 
ATOM   493 H  HG21 . THR A 1 36 ? 11.196  0.010   -2.903  1.00 16.85 ? 36  THR A HG21 1 
ATOM   494 H  HG22 . THR A 1 36 ? 12.546  0.571   -3.469  1.00 16.85 ? 36  THR A HG22 1 
ATOM   495 H  HG23 . THR A 1 36 ? 11.627  1.485   -2.587  1.00 16.85 ? 36  THR A HG23 1 
ATOM   496 N  N    . CYS A 1 37 ? 8.971   -1.301  -5.294  1.00 6.04  ? 37  CYS A N    1 
ATOM   497 C  CA   . CYS A 1 37 ? 8.290   -2.491  -4.820  1.00 5.72  ? 37  CYS A CA   1 
ATOM   498 C  C    . CYS A 1 37 ? 8.881   -3.775  -5.452  1.00 5.97  ? 37  CYS A C    1 
ATOM   499 O  O    . CYS A 1 37 ? 9.129   -3.847  -6.654  1.00 6.32  ? 37  CYS A O    1 
ATOM   500 C  CB   . CYS A 1 37 ? 6.820   -2.385  -5.144  1.00 5.98  ? 37  CYS A CB   1 
ATOM   501 S  SG   . CYS A 1 37 ? 5.817   -3.825  -4.670  1.00 5.92  ? 37  CYS A SG   1 
ATOM   502 H  H    . CYS A 1 37 ? 8.513   -0.685  -5.682  1.00 7.25  ? 37  CYS A H    1 
ATOM   503 H  HA   . CYS A 1 37 ? 8.393   -2.545  -3.848  1.00 6.86  ? 37  CYS A HA   1 
ATOM   504 H  HB2  . CYS A 1 37 ? 6.463   -1.601  -4.699  1.00 7.18  ? 37  CYS A HB2  1 
ATOM   505 H  HB3  . CYS A 1 37 ? 6.725   -2.245  -6.100  1.00 7.18  ? 37  CYS A HB3  1 
ATOM   506 N  N    . ILE A 1 38 ? 9.089   -4.799  -4.619  1.00 6.43  ? 38  ILE A N    1 
ATOM   507 C  CA   . ILE A 1 38 ? 9.634   -6.085  -4.982  1.00 6.19  ? 38  ILE A CA   1 
ATOM   508 C  C    . ILE A 1 38 ? 8.672   -7.232  -4.711  1.00 6.24  ? 38  ILE A C    1 
ATOM   509 O  O    . ILE A 1 38 ? 9.053   -8.409  -4.693  1.00 6.98  ? 38  ILE A O    1 
ATOM   510 C  CB   . ILE A 1 38 ? 11.039  -6.315  -4.381  1.00 6.59  ? 38  ILE A CB   1 
ATOM   511 C  CG1  . ILE A 1 38 ? 11.095  -6.031  -2.904  1.00 6.99  ? 38  ILE A CG1  1 
ATOM   512 C  CG2  . ILE A 1 38 ? 12.077  -5.448  -5.135  1.00 7.71  ? 38  ILE A CG2  1 
ATOM   513 C  CD1  . ILE A 1 38 ? 10.164  -6.846  -2.024  1.00 8.27  ? 38  ILE A CD1  1 
ATOM   514 H  H    . ILE A 1 38 ? 8.882   -4.679  -3.793  1.00 7.71  ? 38  ILE A H    1 
ATOM   515 H  HA   . ILE A 1 38 ? 9.756   -6.060  -5.954  1.00 7.43  ? 38  ILE A HA   1 
ATOM   516 H  HB   . ILE A 1 38 ? 11.275  -7.256  -4.518  1.00 7.90  ? 38  ILE A HB   1 
ATOM   517 H  HG12 . ILE A 1 38 ? 12.005  -6.182  -2.602  1.00 8.39  ? 38  ILE A HG12 1 
ATOM   518 H  HG13 . ILE A 1 38 ? 10.896  -5.092  -2.768  1.00 8.39  ? 38  ILE A HG13 1 
ATOM   519 H  HG21 . ILE A 1 38 ? 12.030  -5.636  -6.075  1.00 11.56 ? 38  ILE A HG21 1 
ATOM   520 H  HG22 . ILE A 1 38 ? 11.887  -4.519  -4.985  1.00 11.56 ? 38  ILE A HG22 1 
ATOM   521 H  HG23 . ILE A 1 38 ? 12.958  -5.650  -4.812  1.00 11.56 ? 38  ILE A HG23 1 
ATOM   522 H  HD11 . ILE A 1 38 ? 10.366  -7.780  -2.122  1.00 12.41 ? 38  ILE A HD11 1 
ATOM   523 H  HD12 . ILE A 1 38 ? 10.282  -6.587  -1.107  1.00 12.41 ? 38  ILE A HD12 1 
ATOM   524 H  HD13 . ILE A 1 38 ? 9.255   -6.687  -2.287  1.00 12.41 ? 38  ILE A HD13 1 
ATOM   525 N  N    . ASP A 1 39 ? 7.369   -6.941  -4.549  1.00 6.50  ? 39  ASP A N    1 
ATOM   526 C  CA   . ASP A 1 39 ? 6.289   -7.911  -4.573  1.00 6.91  ? 39  ASP A CA   1 
ATOM   527 C  C    . ASP A 1 39 ? 6.297   -8.842  -3.402  1.00 7.64  ? 39  ASP A C    1 
ATOM   528 O  O    . ASP A 1 39 ? 5.808   -9.986  -3.471  1.00 9.68  ? 39  ASP A O    1 
ATOM   529 C  CB   . ASP A 1 39 ? 6.282   -8.692  -5.851  1.00 7.66  ? 39  ASP A CB   1 
ATOM   530 C  CG   . ASP A 1 39 ? 6.212   -7.886  -7.104  1.00 7.37  ? 39  ASP A CG   1 
ATOM   531 O  OD1  . ASP A 1 39 ? 5.407   -6.921  -7.163  1.00 8.08  ? 39  ASP A OD1  1 
ATOM   532 O  OD2  . ASP A 1 39 ? 6.894   -8.276  -8.072  1.00 9.30  ? 39  ASP A OD2  1 
ATOM   533 H  H    . ASP A 1 39 ? 7.159   -6.117  -4.421  1.00 7.80  ? 39  ASP A H    1 
ATOM   534 H  HA   . ASP A 1 39 ? 5.448   -7.409  -4.537  1.00 8.30  ? 39  ASP A HA   1 
ATOM   535 H  HB2  . ASP A 1 39 ? 7.086   -9.234  -5.881  1.00 9.19  ? 39  ASP A HB2  1 
ATOM   536 H  HB3  . ASP A 1 39 ? 5.525   -9.297  -5.834  1.00 9.19  ? 39  ASP A HB3  1 
ATOM   537 N  N    . CYS A 1 40 ? 6.816   -8.459  -2.251  1.00 7.31  ? 40  CYS A N    1 
ATOM   538 C  CA   . CYS A 1 40 ? 6.893   -9.338  -1.123  1.00 7.58  ? 40  CYS A CA   1 
ATOM   539 C  C    . CYS A 1 40 ? 5.563   -9.673  -0.519  1.00 7.74  ? 40  CYS A C    1 
ATOM   540 O  O    . CYS A 1 40 ? 5.468   -10.697 0.229   1.00 9.47  ? 40  CYS A O    1 
ATOM   541 C  CB   . CYS A 1 40 ? 7.813   -8.724  -0.016  1.00 7.88  ? 40  CYS A CB   1 
ATOM   542 S  SG   . CYS A 1 40 ? 7.163   -7.311  0.887   1.00 7.37  ? 40  CYS A SG   1 
ATOM   543 H  H    . CYS A 1 40 ? 7.116   -7.657  -2.177  1.00 8.77  ? 40  CYS A H    1 
ATOM   544 H  HA   . CYS A 1 40 ? 7.304   -10.175 -1.423  1.00 9.10  ? 40  CYS A HA   1 
ATOM   545 H  HB2  . CYS A 1 40 ? 8.021   -9.421  0.625   1.00 9.45  ? 40  CYS A HB2  1 
ATOM   546 H  HB3  . CYS A 1 40 ? 8.648   -8.457  -0.432  1.00 9.45  ? 40  CYS A HB3  1 
ATOM   547 N  N    . GLY A 1 41 ? 4.555   -8.836  -0.677  1.00 6.96  ? 41  GLY A N    1 
ATOM   548 C  CA   . GLY A 1 41 ? 3.226   -9.018  -0.130  1.00 6.95  ? 41  GLY A CA   1 
ATOM   549 C  C    . GLY A 1 41 ? 3.075   -8.625  1.323   1.00 6.46  ? 41  GLY A C    1 
ATOM   550 O  O    . GLY A 1 41 ? 1.982   -8.825  1.877   1.00 7.32  ? 41  GLY A O    1 
ATOM   551 H  H    . GLY A 1 41 ? 4.698   -8.126  -1.142  1.00 8.35  ? 41  GLY A H    1 
ATOM   552 H  HA2  . GLY A 1 41 ? 2.601   -8.496  -0.657  1.00 8.34  ? 41  GLY A HA2  1 
ATOM   553 H  HA3  . GLY A 1 41 ? 2.980   -9.951  -0.224  1.00 8.34  ? 41  GLY A HA3  1 
ATOM   554 N  N    . ALA A 1 42 ? 4.092   -8.030  1.945   1.00 6.54  ? 42  ALA A N    1 
ATOM   555 C  CA   . ALA A 1 42 ? 3.963   -7.770  3.389   1.00 6.81  ? 42  ALA A CA   1 
ATOM   556 C  C    . ALA A 1 42 ? 2.878   -6.755  3.705   1.00 6.42  ? 42  ALA A C    1 
ATOM   557 O  O    . ALA A 1 42 ? 2.236   -6.863  4.747   1.00 7.16  ? 42  ALA A O    1 
ATOM   558 C  CB   . ALA A 1 42 ? 5.286   -7.288  3.976   1.00 7.66  ? 42  ALA A CB   1 
ATOM   559 H  H    . ALA A 1 42 ? 4.803   -7.805  1.515   1.00 7.84  ? 42  ALA A H    1 
ATOM   560 H  HA   . ALA A 1 42 ? 3.725   -8.613  3.829   1.00 8.17  ? 42  ALA A HA   1 
ATOM   561 H  HB1  . ALA A 1 42 ? 5.974   -7.928  3.780   1.00 11.48 ? 42  ALA A HB1  1 
ATOM   562 H  HB2  . ALA A 1 42 ? 5.517   -6.441  3.588   1.00 11.48 ? 42  ALA A HB2  1 
ATOM   563 H  HB3  . ALA A 1 42 ? 5.198   -7.193  4.927   1.00 11.48 ? 42  ALA A HB3  1 
ATOM   564 N  N    . CYS A 1 43 ? 2.683   -5.773  2.834   1.00 6.15  ? 43  CYS A N    1 
ATOM   565 C  CA   . CYS A 1 43 ? 1.659   -4.777  3.018   1.00 5.87  ? 43  CYS A CA   1 
ATOM   566 C  C    . CYS A 1 43 ? 0.258   -5.398  3.046   1.00 5.99  ? 43  CYS A C    1 
ATOM   567 O  O    . CYS A 1 43 ? -0.536  -5.073  3.904   1.00 6.72  ? 43  CYS A O    1 
ATOM   568 C  CB   . CYS A 1 43 ? 1.804   -3.666  1.968   1.00 6.01  ? 43  CYS A CB   1 
ATOM   569 S  SG   . CYS A 1 43 ? 1.889   -4.288  0.235   1.00 6.04  ? 43  CYS A SG   1 
ATOM   570 H  H    . CYS A 1 43 ? 3.185   -5.731  2.137   1.00 7.38  ? 43  CYS A H    1 
ATOM   571 H  HA   . CYS A 1 43 ? 1.810   -4.367  3.895   1.00 7.05  ? 43  CYS A HA   1 
ATOM   572 H  HB2  . CYS A 1 43 ? 1.049   -3.062  2.047   1.00 7.21  ? 43  CYS A HB2  1 
ATOM   573 H  HB3  . CYS A 1 43 ? 2.608   -3.159  2.158   1.00 7.21  ? 43  CYS A HB3  1 
ATOM   574 N  N    . ALA A 1 44 ? -0.011  -6.285  2.090   1.00 6.04  ? 44  ALA A N    1 
ATOM   575 C  CA   . ALA A 1 44 ? -1.281  -6.978  2.095   1.00 5.96  ? 44  ALA A CA   1 
ATOM   576 C  C    . ALA A 1 44 ? -1.409  -7.815  3.382   1.00 6.04  ? 44  ALA A C    1 
ATOM   577 O  O    . ALA A 1 44 ? -2.493  -7.899  3.969   1.00 6.62  ? 44  ALA A O    1 
ATOM   578 C  CB   . ALA A 1 44 ? -1.454  -7.838  0.852   1.00 7.01  ? 44  ALA A CB   1 
ATOM   579 H  H    . ALA A 1 44 ? 0.567   -6.446  1.475   1.00 7.25  ? 44  ALA A H    1 
ATOM   580 H  HA   . ALA A 1 44 ? -1.993  -6.306  2.100   1.00 7.15  ? 44  ALA A HA   1 
ATOM   581 H  HB1  . ALA A 1 44 ? -1.361  -7.291  0.068   1.00 10.52 ? 44  ALA A HB1  1 
ATOM   582 H  HB2  . ALA A 1 44 ? -0.784  -8.527  0.842   1.00 10.52 ? 44  ALA A HB2  1 
ATOM   583 H  HB3  . ALA A 1 44 ? -2.326  -8.241  0.860   1.00 10.52 ? 44  ALA A HB3  1 
ATOM   584 N  N    . GLY A 1 45 ? -0.305  -8.397  3.832   1.00 6.03  ? 45  GLY A N    1 
ATOM   585 C  CA   . GLY A 1 45 ? -0.326  -9.246  5.004   1.00 7.05  ? 45  GLY A CA   1 
ATOM   586 C  C    . GLY A 1 45 ? -0.681  -8.492  6.289   1.00 6.17  ? 45  GLY A C    1 
ATOM   587 O  O    . GLY A 1 45 ? -1.092  -9.175  7.274   1.00 8.29  ? 45  GLY A O    1 
ATOM   588 H  H    . GLY A 1 45 ? 0.438   -8.268  3.418   1.00 7.24  ? 45  GLY A H    1 
ATOM   589 H  HA2  . GLY A 1 45 ? -0.972  -9.956  4.867   1.00 8.46  ? 45  GLY A HA2  1 
ATOM   590 H  HA3  . GLY A 1 45 ? 0.546   -9.657  5.111   1.00 8.46  ? 45  GLY A HA3  1 
ATOM   591 N  N    . VAL A 1 46 ? -0.495  -7.190  6.358   1.00 5.93  ? 46  VAL A N    1 
ATOM   592 C  CA   . VAL A 1 46 ? -0.866  -6.383  7.512   1.00 6.19  ? 46  VAL A CA   1 
ATOM   593 C  C    . VAL A 1 46 ? -2.051  -5.496  7.206   1.00 5.79  ? 46  VAL A C    1 
ATOM   594 O  O    . VAL A 1 46 ? -2.388  -4.587  7.989   1.00 6.86  ? 46  VAL A O    1 
ATOM   595 C  CB   . VAL A 1 46 ? 0.291   -5.602  8.105   1.00 6.76  ? 46  VAL A CB   1 
ATOM   596 C  CG1  . VAL A 1 46 ? 1.382   -6.573  8.553   1.00 7.17  ? 46  VAL A CG1  1 
ATOM   597 C  CG2  . VAL A 1 46 ? 0.832   -4.542  7.165   1.00 7.65  ? 46  VAL A CG2  1 
ATOM   598 H  H    . VAL A 1 46 ? -0.135  -6.794  5.684   1.00 7.11  ? 46  VAL A H    1 
ATOM   599 H  HA   . VAL A 1 46 ? -1.162  -7.010  8.205   1.00 7.42  ? 46  VAL A HA   1 
ATOM   600 H  HB   . VAL A 1 46 ? -0.042  -5.143  8.905   1.00 8.11  ? 46  VAL A HB   1 
ATOM   601 H  HG11 . VAL A 1 46 ? 1.003   -7.228  9.143   1.00 10.75 ? 46  VAL A HG11 1 
ATOM   602 H  HG12 . VAL A 1 46 ? 1.756   -7.010  7.785   1.00 10.75 ? 46  VAL A HG12 1 
ATOM   603 H  HG13 . VAL A 1 46 ? 2.072   -6.089  9.013   1.00 10.75 ? 46  VAL A HG13 1 
ATOM   604 H  HG21 . VAL A 1 46 ? 1.142   -4.959  6.357   1.00 11.47 ? 46  VAL A HG21 1 
ATOM   605 H  HG22 . VAL A 1 46 ? 0.137   -3.914  6.955   1.00 11.47 ? 46  VAL A HG22 1 
ATOM   606 H  HG23 . VAL A 1 46 ? 1.562   -4.082  7.586   1.00 11.47 ? 46  VAL A HG23 1 
ATOM   607 N  N    . CYS A 1 47 ? -2.769  -5.725  6.084   1.00 5.67  ? 47  CYS A N    1 
ATOM   608 C  CA   . CYS A 1 47 ? -3.841  -4.871  5.668   1.00 5.69  ? 47  CYS A CA   1 
ATOM   609 C  C    . CYS A 1 47 ? -5.163  -5.470  6.073   1.00 6.12  ? 47  CYS A C    1 
ATOM   610 O  O    . CYS A 1 47 ? -5.541  -6.536  5.522   1.00 6.52  ? 47  CYS A O    1 
ATOM   611 C  CB   . CYS A 1 47 ? -3.809  -4.631  4.149   1.00 5.60  ? 47  CYS A CB   1 
ATOM   612 S  SG   . CYS A 1 47 ? -5.199  -3.500  3.731   1.00 6.03  ? 47  CYS A SG   1 
ATOM   613 H  H    . CYS A 1 47 ? -2.574  -6.410  5.601   1.00 6.80  ? 47  CYS A H    1 
ATOM   614 H  HA   . CYS A 1 47 ? -3.741  -4.007  6.120   1.00 6.82  ? 47  CYS A HA   1 
ATOM   615 H  HB2  . CYS A 1 47 ? -2.963  -4.230  3.892   1.00 6.72  ? 47  CYS A HB2  1 
ATOM   616 H  HB3  . CYS A 1 47 ? -3.907  -5.471  3.675   1.00 6.72  ? 47  CYS A HB3  1 
ATOM   617 N  N    . PRO A 1 48 ? -5.975  -4.841  6.932   1.00 6.52  ? 48  PRO A N    1 
ATOM   618 C  CA   . PRO A 1 48 ? -7.219  -5.486  7.373   1.00 7.22  ? 48  PRO A CA   1 
ATOM   619 C  C    . PRO A 1 48 ? -8.217  -5.676  6.284   1.00 7.44  ? 48  PRO A C    1 
ATOM   620 O  O    . PRO A 1 48 ? -9.118  -6.517  6.394   1.00 9.46  ? 48  PRO A O    1 
ATOM   621 C  CB   . PRO A 1 48 ? -7.746  -4.532  8.464   1.00 7.68  ? 48  PRO A CB   1 
ATOM   622 C  CG   . PRO A 1 48 ? -7.135  -3.189  8.143   1.00 7.05  ? 48  PRO A CG   1 
ATOM   623 C  CD   . PRO A 1 48 ? -5.737  -3.530  7.613   1.00 6.75  ? 48  PRO A CD   1 
ATOM   624 H  HA   . PRO A 1 48 ? -7.009  -6.355  7.775   1.00 8.67  ? 48  PRO A HA   1 
ATOM   625 H  HB2  . PRO A 1 48 ? -8.715  -4.482  8.439   1.00 9.21  ? 48  PRO A HB2  1 
ATOM   626 H  HB3  . PRO A 1 48 ? -7.471  -4.832  9.345   1.00 9.21  ? 48  PRO A HB3  1 
ATOM   627 H  HG2  . PRO A 1 48 ? -7.656  -2.723  7.470   1.00 8.46  ? 48  PRO A HG2  1 
ATOM   628 H  HG3  . PRO A 1 48 ? -7.078  -2.635  8.937   1.00 8.46  ? 48  PRO A HG3  1 
ATOM   629 H  HD2  . PRO A 1 48 ? -5.422  -2.859  6.986   1.00 8.10  ? 48  PRO A HD2  1 
ATOM   630 H  HD3  . PRO A 1 48 ? -5.096  -3.618  8.335   1.00 8.10  ? 48  PRO A HD3  1 
ATOM   631 N  N    . VAL A 1 49 ? -8.139  -4.869  5.216   1.00 7.28  ? 49  VAL A N    1 
ATOM   632 C  CA   . VAL A 1 49 ? -9.092  -4.900  4.114   1.00 7.98  ? 49  VAL A CA   1 
ATOM   633 C  C    . VAL A 1 49 ? -8.471  -5.483  2.858   1.00 7.61  ? 49  VAL A C    1 
ATOM   634 O  O    . VAL A 1 49 ? -9.121  -5.444  1.793   1.00 9.45  ? 49  VAL A O    1 
ATOM   635 C  CB   . VAL A 1 49 ? -9.677  -3.512  3.867   1.00 8.32  ? 49  VAL A CB   1 
ATOM   636 C  CG1  . VAL A 1 49 ? -10.524 -3.105  5.069   1.00 10.34 ? 49  VAL A CG1  1 
ATOM   637 C  CG2  . VAL A 1 49 ? -8.618  -2.480  3.476   1.00 10.38 ? 49  VAL A CG2  1 
ATOM   638 H  H    . VAL A 1 49 ? -7.493  -4.302  5.180   1.00 8.74  ? 49  VAL A H    1 
ATOM   639 H  HA   . VAL A 1 49 ? -9.830  -5.488  4.379   1.00 9.57  ? 49  VAL A HA   1 
ATOM   640 H  HB   . VAL A 1 49 ? -10.289 -3.594  3.105   1.00 9.98  ? 49  VAL A HB   1 
ATOM   641 H  HG11 . VAL A 1 49 ? -9.976  -3.092  5.857   1.00 15.51 ? 49  VAL A HG11 1 
ATOM   642 H  HG12 . VAL A 1 49 ? -10.891 -2.231  4.921   1.00 15.51 ? 49  VAL A HG12 1 
ATOM   643 H  HG13 . VAL A 1 49 ? -11.237 -3.737  5.186   1.00 15.51 ? 49  VAL A HG13 1 
ATOM   644 H  HG21 . VAL A 1 49 ? -8.115  -2.805  2.724   1.00 15.57 ? 49  VAL A HG21 1 
ATOM   645 H  HG22 . VAL A 1 49 ? -9.047  -1.653  3.239   1.00 15.57 ? 49  VAL A HG22 1 
ATOM   646 H  HG23 . VAL A 1 49 ? -8.026  -2.331  4.217   1.00 15.57 ? 49  VAL A HG23 1 
ATOM   647 N  N    . ASP A 1 50 ? -7.230  -6.006  2.916   1.00 7.17  ? 50  ASP A N    1 
ATOM   648 C  CA   . ASP A 1 50 ? -6.580  -6.644  1.797   1.00 6.93  ? 50  ASP A CA   1 
ATOM   649 C  C    . ASP A 1 50 ? -6.557  -5.763  0.523   1.00 7.22  ? 50  ASP A C    1 
ATOM   650 O  O    . ASP A 1 50 ? -6.747  -6.253  -0.597  1.00 8.51  ? 50  ASP A O    1 
ATOM   651 C  CB   . ASP A 1 50 ? -7.254  -7.979  1.507   1.00 8.41  ? 50  ASP A CB   1 
ATOM   652 C  CG   . ASP A 1 50 ? -6.360  -8.984  0.804   1.00 8.51  ? 50  ASP A CG   1 
ATOM   653 O  OD1  . ASP A 1 50 ? -5.123  -9.027  1.116   1.00 10.01 ? 50  ASP A OD1  1 
ATOM   654 O  OD2  . ASP A 1 50 ? -6.879  -9.664  -0.092  1.00 14.13 ? 50  ASP A OD2  1 
ATOM   655 H  H    . ASP A 1 50 ? -6.802  -5.956  3.660   1.00 8.60  ? 50  ASP A H    1 
ATOM   656 H  HA   . ASP A 1 50 ? -5.653  -6.826  2.053   1.00 8.31  ? 50  ASP A HA   1 
ATOM   657 H  HB2  . ASP A 1 50 ? -7.556  -8.365  2.346   1.00 10.09 ? 50  ASP A HB2  1 
ATOM   658 H  HB3  . ASP A 1 50 ? -8.037  -7.822  0.958   1.00 10.09 ? 50  ASP A HB3  1 
ATOM   659 N  N    . ALA A 1 51 ? -6.213  -4.497  0.717   1.00 6.02  ? 51  ALA A N    1 
ATOM   660 C  CA   . ALA A 1 51 ? -6.219  -3.557  -0.421  1.00 6.09  ? 51  ALA A CA   1 
ATOM   661 C  C    . ALA A 1 51 ? -5.020  -3.688  -1.366  1.00 6.14  ? 51  ALA A C    1 
ATOM   662 O  O    . ALA A 1 51 ? -5.213  -3.452  -2.576  1.00 6.48  ? 51  ALA A O    1 
ATOM   663 C  CB   . ALA A 1 51 ? -6.283  -2.114  0.119   1.00 6.46  ? 51  ALA A CB   1 
ATOM   664 H  H    . ALA A 1 51 ? -5.991  -4.225  1.502   1.00 7.22  ? 51  ALA A H    1 
ATOM   665 H  HA   . ALA A 1 51 ? -7.031  -3.720  -0.942  1.00 7.31  ? 51  ALA A HA   1 
ATOM   666 H  HB1  . ALA A 1 51 ? -7.033  -2.027  0.712   1.00 9.69  ? 51  ALA A HB1  1 
ATOM   667 H  HB2  . ALA A 1 51 ? -5.474  -1.913  0.594   1.00 9.69  ? 51  ALA A HB2  1 
ATOM   668 H  HB3  . ALA A 1 51 ? -6.384  -1.503  -0.615  1.00 9.69  ? 51  ALA A HB3  1 
ATOM   669 N  N    . PRO A 1 52 ? -3.795  -3.998  -0.922  1.00 5.64  ? 52  PRO A N    1 
ATOM   670 C  CA   . PRO A 1 52 ? -2.692  -4.125  -1.857  1.00 5.74  ? 52  PRO A CA   1 
ATOM   671 C  C    . PRO A 1 52 ? -2.793  -5.442  -2.606  1.00 5.92  ? 52  PRO A C    1 
ATOM   672 O  O    . PRO A 1 52 ? -2.892  -6.497  -1.982  1.00 6.75  ? 52  PRO A O    1 
ATOM   673 C  CB   . PRO A 1 52 ? -1.448  -4.083  -0.966  1.00 6.05  ? 52  PRO A CB   1 
ATOM   674 C  CG   . PRO A 1 52 ? -1.925  -3.574  0.379   1.00 6.66  ? 52  PRO A CG   1 
ATOM   675 C  CD   . PRO A 1 52 ? -3.346  -4.075  0.460   1.00 5.66  ? 52  PRO A CD   1 
ATOM   676 H  HA   . PRO A 1 52 ? -2.688  -3.373  -2.486  1.00 6.89  ? 52  PRO A HA   1 
ATOM   677 H  HB2  . PRO A 1 52 ? -1.062  -4.968  -0.878  1.00 7.26  ? 52  PRO A HB2  1 
ATOM   678 H  HB3  . PRO A 1 52 ? -0.781  -3.487  -1.339  1.00 7.26  ? 52  PRO A HB3  1 
ATOM   679 H  HG2  . PRO A 1 52 ? -1.387  -3.936  1.101   1.00 8.00  ? 52  PRO A HG2  1 
ATOM   680 H  HG3  . PRO A 1 52 ? -1.893  -2.605  0.417   1.00 8.00  ? 52  PRO A HG3  1 
ATOM   681 H  HD2  . PRO A 1 52 ? -3.379  -4.986  0.790   1.00 6.79  ? 52  PRO A HD2  1 
ATOM   682 H  HD3  . PRO A 1 52 ? -3.885  -3.509  1.036   1.00 6.79  ? 52  PRO A HD3  1 
ATOM   683 N  N    . VAL A 1 53 ? -2.720  -5.357  -3.934  1.00 5.54  ? 53  VAL A N    1 
ATOM   684 C  CA   . VAL A 1 53 ? -2.759  -6.576  -4.791  1.00 6.02  ? 53  VAL A CA   1 
ATOM   685 C  C    . VAL A 1 53 ? -1.561  -6.555  -5.727  1.00 6.34  ? 53  VAL A C    1 
ATOM   686 O  O    . VAL A 1 53 ? -1.128  -5.504  -6.208  1.00 6.69  ? 53  VAL A O    1 
ATOM   687 C  CB   . VAL A 1 53 ? -4.075  -6.733  -5.539  1.00 6.75  ? 53  VAL A CB   1 
ATOM   688 C  CG1  . VAL A 1 53 ? -5.252  -6.889  -4.571  1.00 8.21  ? 53  VAL A CG1  1 
ATOM   689 C  CG2  . VAL A 1 53 ? -4.322  -5.611  -6.501  1.00 7.75  ? 53  VAL A CG2  1 
ATOM   690 H  H    . VAL A 1 53 ? -2.649  -4.584  -4.305  1.00 6.65  ? 53  VAL A H    1 
ATOM   691 H  HA   . VAL A 1 53 ? -2.661  -7.352  -4.202  1.00 7.22  ? 53  VAL A HA   1 
ATOM   692 H  HB   . VAL A 1 53 ? -4.016  -7.559  -6.063  1.00 8.09  ? 53  VAL A HB   1 
ATOM   693 H  HG11 . VAL A 1 53 ? -5.078  -7.617  -3.969  1.00 12.31 ? 53  VAL A HG11 1 
ATOM   694 H  HG12 . VAL A 1 53 ? -5.365  -6.078  -4.070  1.00 12.31 ? 53  VAL A HG12 1 
ATOM   695 H  HG13 . VAL A 1 53 ? -6.054  -7.070  -5.068  1.00 12.31 ? 53  VAL A HG13 1 
ATOM   696 H  HG21 . VAL A 1 53 ? -3.611  -5.579  -7.146  1.00 11.62 ? 53  VAL A HG21 1 
ATOM   697 H  HG22 . VAL A 1 53 ? -5.157  -5.754  -6.952  1.00 11.62 ? 53  VAL A HG22 1 
ATOM   698 H  HG23 . VAL A 1 53 ? -4.357  -4.779  -6.022  1.00 11.62 ? 53  VAL A HG23 1 
ATOM   699 N  N    . GLN A 1 54 ? -1.131  -7.733  -6.077  1.00 6.83  ? 54  GLN A N    1 
ATOM   700 C  CA   . GLN A 1 54 ? -0.095  -7.898  -7.123  1.00 6.28  ? 54  GLN A CA   1 
ATOM   701 C  C    . GLN A 1 54 ? -0.670  -7.471  -8.472  1.00 6.39  ? 54  GLN A C    1 
ATOM   702 O  O    . GLN A 1 54 ? -1.726  -7.977  -8.898  1.00 7.66  ? 54  GLN A O    1 
ATOM   703 C  CB   . GLN A 1 54 ? 0.298   -9.399  -7.211  1.00 7.51  ? 54  GLN A CB   1 
ATOM   704 C  CG   A GLN A 1 54 ? 1.295   -9.747  -8.315  0.86 8.26  ? 54  GLN A CG   1 
ATOM   705 C  CG   B GLN A 1 54 ? 1.454   -9.643  -8.065  0.14 7.27  ? 54  GLN A CG   1 
ATOM   706 C  CD   A GLN A 1 54 ? 2.640   -9.202  -7.925  0.86 7.37  ? 54  GLN A CD   1 
ATOM   707 C  CD   B GLN A 1 54 ? 2.353   -10.744 -7.578  0.14 6.57  ? 54  GLN A CD   1 
ATOM   708 O  OE1  A GLN A 1 54 ? 3.374   -9.814  -7.096  0.86 9.13  ? 54  GLN A OE1  1 
ATOM   709 O  OE1  B GLN A 1 54 ? 2.078   -11.355 -6.492  0.14 8.66  ? 54  GLN A OE1  1 
ATOM   710 N  NE2  A GLN A 1 54 ? 3.033   -8.076  -8.449  0.86 8.04  ? 54  GLN A NE2  1 
ATOM   711 N  NE2  B GLN A 1 54 ? 3.436   -10.963 -8.263  0.14 7.24  ? 54  GLN A NE2  1 
ATOM   712 H  H    . GLN A 1 54 ? -1.456  -8.430  -5.692  1.00 8.20  ? 54  GLN A H    1 
ATOM   713 H  HA   . GLN A 1 54 ? 0.692   -7.357  -6.906  1.00 7.54  ? 54  GLN A HA   1 
ATOM   714 H  HB2  . GLN A 1 54 ? 0.676   -9.668  -6.359  1.00 9.01  ? 54  GLN A HB2  1 
ATOM   715 H  HB3  . GLN A 1 54 ? -0.508  -9.920  -7.350  1.00 9.01  ? 54  GLN A HB3  1 
ATOM   716 N  N    . ALA A 1 55 ? 0.053   -6.570  -9.125  1.00 7.02  ? 55  ALA A N    1 
ATOM   717 C  CA   . ALA A 1 55 ? -0.283  -6.115  -10.489 1.00 7.97  ? 55  ALA A CA   1 
ATOM   718 C  C    . ALA A 1 55 ? 0.963   -6.129  -11.357 1.00 8.29  ? 55  ALA A C    1 
ATOM   719 O  O    . ALA A 1 55 ? 1.972   -6.822  -10.989 1.00 8.14  ? 55  ALA A O    1 
ATOM   720 C  CB   . ALA A 1 55 ? -1.001  -4.755  -10.452 1.00 10.00 ? 55  ALA A CB   1 
ATOM   721 O  OXT  . ALA A 1 55 ? 0.903   -5.465  -12.416 1.00 9.93  ? 55  ALA A OXT  1 
ATOM   722 H  H    . ALA A 1 55 ? 0.746   -6.238  -8.739  1.00 8.43  ? 55  ALA A H    1 
ATOM   723 H  HA   . ALA A 1 55 ? -0.910  -6.766  -10.868 1.00 9.56  ? 55  ALA A HA   1 
ATOM   724 H  HB1  . ALA A 1 55 ? -1.779  -4.819  -9.895  1.00 15.01 ? 55  ALA A HB1  1 
ATOM   725 H  HB2  . ALA A 1 55 ? -0.406  -4.090  -10.098 1.00 15.01 ? 55  ALA A HB2  1 
ATOM   726 H  HB3  . ALA A 1 55 ? -1.263  -4.509  -11.343 1.00 15.01 ? 55  ALA A HB3  1 
HETATM 727 FE FE1  . SF4 B 2 .  ? -4.501  1.117   3.297   1.00 6.17  ? 61  SF4 A FE1  1 
HETATM 728 FE FE2  . SF4 B 2 .  ? -4.183  0.436   5.954   1.00 6.22  ? 61  SF4 A FE2  1 
HETATM 729 FE FE3  . SF4 B 2 .  ? -2.111  0.123   4.130   1.00 5.87  ? 61  SF4 A FE3  1 
HETATM 730 FE FE4  . SF4 B 2 .  ? -4.269  -1.470  4.026   1.00 5.87  ? 61  SF4 A FE4  1 
HETATM 731 S  S1   . SF4 B 2 .  ? -2.766  -1.372  5.713   1.00 6.02  ? 61  SF4 A S1   1 
HETATM 732 S  S2   . SF4 B 2 .  ? -3.242  -0.495  2.258   1.00 6.00  ? 61  SF4 A S2   1 
HETATM 733 S  S3   . SF4 B 2 .  ? -5.954  -0.051  4.630   1.00 6.65  ? 61  SF4 A S3   1 
HETATM 734 S  S4   . SF4 B 2 .  ? -3.103  2.098   4.773   1.00 6.53  ? 61  SF4 A S4   1 
HETATM 735 FE FE1  . SF4 C 2 .  ? 5.830   -3.857  -2.395  1.00 5.76  ? 62  SF4 A FE1  1 
HETATM 736 FE FE2  . SF4 C 2 .  ? 6.347   -5.565  -0.330  1.00 6.10  ? 62  SF4 A FE2  1 
HETATM 737 FE FE3  . SF4 C 2 .  ? 4.060   -4.036  -0.335  1.00 5.74  ? 62  SF4 A FE3  1 
HETATM 738 FE FE4  . SF4 C 2 .  ? 6.494   -2.882  0.022   1.00 5.93  ? 62  SF4 A FE4  1 
HETATM 739 S  S1   . SF4 C 2 .  ? 5.426   -4.339  1.417   1.00 6.20  ? 62  SF4 A S1   1 
HETATM 740 S  S2   . SF4 C 2 .  ? 4.863   -2.092  -1.295  1.00 5.90  ? 62  SF4 A S2   1 
HETATM 741 S  S3   . SF4 C 2 .  ? 7.811   -4.146  -1.376  1.00 6.04  ? 62  SF4 A S3   1 
HETATM 742 S  S4   . SF4 C 2 .  ? 4.619   -5.719  -1.806  1.00 6.05  ? 62  SF4 A S4   1 
HETATM 743 O  O    . HOH D 3 .  ? -0.594  2.001   -4.965  1.00 6.40  ? 101 HOH A O    1 
HETATM 744 O  O    . HOH D 3 .  ? -2.377  -4.971  10.647  1.00 6.50  ? 102 HOH A O    1 
HETATM 745 O  O    . HOH D 3 .  ? 13.720  0.895   -10.266 1.00 7.08  ? 103 HOH A O    1 
HETATM 746 O  O    . HOH D 3 .  ? 7.670   -3.034  -8.831  1.00 7.36  ? 104 HOH A O    1 
HETATM 747 O  O    . HOH D 3 .  ? 2.196   -0.031  -8.355  1.00 7.48  ? 105 HOH A O    1 
HETATM 748 O  O    . HOH D 3 .  ? -3.503  -7.240  -10.890 1.00 8.51  ? 106 HOH A O    1 
HETATM 749 O  O    . HOH D 3 .  ? -2.834  3.583   -4.472  0.88 7.69  ? 107 HOH A O    1 
HETATM 750 O  O    . HOH D 3 .  ? 6.948   2.449   3.266   1.00 8.58  ? 108 HOH A O    1 
HETATM 751 O  O    . HOH D 3 .  ? -3.005  -9.249  -2.205  1.00 9.98  ? 109 HOH A O    1 
HETATM 752 O  O    . HOH D 3 .  ? -6.765  -0.134  -7.961  0.89 9.62  ? 110 HOH A O    1 
HETATM 753 O  O    . HOH D 3 .  ? 8.483   -10.433 -7.705  0.63 6.47  ? 111 HOH A O    1 
HETATM 754 O  O    . HOH D 3 .  ? 15.099  -0.814  -2.209  1.00 9.99  ? 112 HOH A O    1 
HETATM 755 O  O    . HOH D 3 .  ? 5.096   5.763   -2.182  1.00 10.71 ? 113 HOH A O    1 
HETATM 756 O  O    . HOH D 3 .  ? -0.632  -10.822 -1.530  1.00 10.77 ? 114 HOH A O    1 
HETATM 757 O  O    . HOH D 3 .  ? 1.894   -0.624  11.722  1.00 10.80 ? 115 HOH A O    1 
HETATM 758 O  O    . HOH D 3 .  ? 0.478   -11.045 1.087   1.00 11.73 ? 116 HOH A O    1 
HETATM 759 O  O    . HOH D 3 .  ? -13.796 -1.664  4.893   1.00 12.64 ? 117 HOH A O    1 
HETATM 760 O  O    . HOH D 3 .  ? -7.119  -8.905  5.309   0.79 9.66  ? 118 HOH A O    1 
HETATM 761 O  O    . HOH D 3 .  ? 3.092   -8.959  6.390   1.00 12.51 ? 119 HOH A O    1 
HETATM 762 O  O    . HOH D 3 .  ? -12.826 -0.496  2.595   1.00 13.74 ? 120 HOH A O    1 
HETATM 763 O  O    . HOH D 3 .  ? -1.216  -5.996  -14.171 1.00 12.78 ? 121 HOH A O    1 
HETATM 764 O  O    . HOH D 3 .  ? -4.746  -9.564  3.873   1.00 12.55 ? 122 HOH A O    1 
HETATM 765 O  O    . HOH D 3 .  ? 8.730   5.187   -13.424 1.00 13.95 ? 123 HOH A O    1 
HETATM 766 O  O    . HOH D 3 .  ? 6.055   -7.961  -10.542 0.86 13.84 ? 124 HOH A O    1 
HETATM 767 O  O    . HOH D 3 .  ? -2.307  -10.690 -9.171  0.79 12.18 ? 125 HOH A O    1 
HETATM 768 O  O    . HOH D 3 .  ? -9.109  -4.678  -2.884  0.74 11.81 ? 126 HOH A O    1 
HETATM 769 O  O    . HOH D 3 .  ? -7.979  -7.686  -2.629  0.77 12.46 ? 127 HOH A O    1 
HETATM 770 O  O    . HOH D 3 .  ? 14.420  -4.169  4.945   0.65 10.97 ? 128 HOH A O    1 
HETATM 771 O  O    . HOH D 3 .  ? 7.011   6.583   -6.836  1.00 16.37 ? 129 HOH A O    1 
HETATM 772 O  O    . HOH D 3 .  ? 2.663   -6.285  -14.325 1.00 17.06 ? 130 HOH A O    1 
HETATM 773 O  O    . HOH D 3 .  ? -11.876 -5.488  1.920   1.00 17.24 ? 131 HOH A O    1 
HETATM 774 O  O    . HOH D 3 .  ? -3.354  8.426   -3.519  1.00 16.61 ? 132 HOH A O    1 
HETATM 775 O  O    . HOH D 3 .  ? 9.927   4.845   -2.468  0.72 15.63 ? 133 HOH A O    1 
HETATM 776 O  O    . HOH D 3 .  ? -11.947 3.560   1.236   1.00 18.60 ? 134 HOH A O    1 
HETATM 777 O  O    . HOH D 3 .  ? 3.609   8.812   4.149   1.00 20.40 ? 135 HOH A O    1 
HETATM 778 O  O    . HOH D 3 .  ? 11.450  5.801   -6.809  0.73 19.41 ? 136 HOH A O    1 
HETATM 779 O  O    . HOH D 3 .  ? 8.916   1.050   5.691   1.00 17.63 ? 137 HOH A O    1 
HETATM 780 O  O    . HOH D 3 .  ? -8.978  5.674   2.605   1.00 18.64 ? 138 HOH A O    1 
HETATM 781 O  O    . HOH D 3 .  ? 2.870   -9.145  10.485  0.75 16.49 ? 139 HOH A O    1 
HETATM 782 O  O    . HOH D 3 .  ? -0.858  -12.357 -5.110  1.00 21.91 ? 140 HOH A O    1 
HETATM 783 O  O    . HOH D 3 .  ? 1.968   4.816   9.034   0.77 17.77 ? 141 HOH A O    1 
HETATM 784 O  O    . HOH D 3 .  ? 7.560   5.865   -1.261  0.68 15.01 ? 142 HOH A O    1 
HETATM 785 O  O    . HOH D 3 .  ? 6.944   -12.886 0.683   0.81 19.17 ? 143 HOH A O    1 
HETATM 786 O  O    . HOH D 3 .  ? 2.139   -8.711  -14.392 0.89 21.13 ? 144 HOH A O    1 
HETATM 787 O  O    . HOH D 3 .  ? 9.997   6.437   -9.043  1.00 28.43 ? 145 HOH A O    1 
HETATM 788 O  O    . HOH D 3 .  ? -0.672  -10.356 -11.679 0.88 21.87 ? 146 HOH A O    1 
HETATM 789 O  O    . HOH D 3 .  ? -9.966  -6.385  -0.701  1.00 21.27 ? 147 HOH A O    1 
HETATM 790 O  O    . HOH D 3 .  ? 3.645   -11.685 -3.114  0.63 15.41 ? 148 HOH A O    1 
HETATM 791 O  O    . HOH D 3 .  ? -14.209 -4.086  3.934   0.42 23.90 ? 149 HOH A O    1 
HETATM 792 O  O    . HOH D 3 .  ? 2.818   -12.154 -5.922  0.62 21.91 ? 150 HOH A O    1 
HETATM 793 O  O    . HOH D 3 .  ? 12.141  3.723   -0.978  0.47 15.81 ? 151 HOH A O    1 
HETATM 794 O  O    . HOH D 3 .  ? -9.340  4.657   -1.075  0.83 25.98 ? 152 HOH A O    1 
HETATM 795 O  O    . HOH D 3 .  ? 3.067   -11.273 4.697   0.78 26.02 ? 153 HOH A O    1 
HETATM 796 O  O    . HOH D 3 .  ? 5.095   -7.180  9.813   0.56 16.26 ? 154 HOH A O    1 
HETATM 797 O  O    . HOH D 3 .  ? 5.390   -8.453  7.459   0.67 26.12 ? 155 HOH A O    1 
HETATM 798 O  O    . HOH D 3 .  ? 8.024   -6.617  6.465   0.69 26.27 ? 156 HOH A O    1 
HETATM 799 O  O    . HOH D 3 .  ? 8.224   -12.943 3.511   0.66 21.54 ? 157 HOH A O    1 
HETATM 800 O  O    . HOH D 3 .  ? 4.614   -11.212 2.986   0.55 24.52 ? 158 HOH A O    1 
HETATM 801 O  O    . HOH D 3 .  ? 10.670  9.149   -0.057  0.64 26.86 ? 159 HOH A O    1 
HETATM 802 O  O    . HOH D 3 .  ? 6.818   -10.880 4.345   1.00 36.41 ? 160 HOH A O    1 
HETATM 803 O  O    . HOH D 3 .  ? -3.737  8.543   2.399   0.86 28.96 ? 161 HOH A O    1 
HETATM 804 O  O    . HOH D 3 .  ? 4.074   -5.118  -11.606 0.69 8.68  ? 162 HOH A O    1 
HETATM 805 O  O    . HOH D 3 .  ? -5.792  -9.714  -2.326  0.53 8.14  ? 163 HOH A O    1 
HETATM 806 O  O    . HOH D 3 .  ? 8.981   8.035   -5.799  0.68 29.39 ? 164 HOH A O    1 
HETATM 807 O  O    . HOH D 3 .  ? 1.975   -9.408  -11.909 0.39 9.80  ? 165 HOH A O    1 
HETATM 808 O  O    . HOH D 3 .  ? 8.221   6.132   1.546   0.63 17.93 ? 166 HOH A O    1 
HETATM 809 O  O    . HOH D 3 .  ? -4.393  -12.172 0.227   0.35 11.24 ? 167 HOH A O    1 
HETATM 810 O  O    . HOH D 3 .  ? -3.679  -11.082 0.364   0.47 9.25  ? 168 HOH A O    1 
HETATM 811 O  O    . HOH D 3 .  ? 8.700   -8.422  3.767   0.53 13.62 ? 169 HOH A O    1 
HETATM 812 O  O    . HOH D 3 .  ? 15.347  -0.998  2.633   0.55 15.22 ? 170 HOH A O    1 
HETATM 813 O  O    . HOH D 3 .  ? -2.987  7.818   7.902   0.80 26.71 ? 171 HOH A O    1 
HETATM 814 O  O    . HOH D 3 .  ? -10.405 2.715   -7.936  0.59 15.63 ? 172 HOH A O    1 
HETATM 815 O  O    . HOH D 3 .  ? 14.419  1.044   -0.361  0.46 19.05 ? 173 HOH A O    1 
HETATM 816 O  O    . HOH D 3 .  ? -10.567 2.264   -9.251  0.44 17.37 ? 174 HOH A O    1 
HETATM 817 O  O    . HOH D 3 .  ? 1.492   7.626   7.140   0.75 28.81 ? 175 HOH A O    1 
HETATM 818 O  O    . HOH D 3 .  ? 3.669   -8.683  -11.630 0.61 16.37 ? 177 HOH A O    1 
HETATM 819 O  O    . HOH D 3 .  ? -1.411  12.247  2.448   0.81 31.04 ? 179 HOH A O    1 
HETATM 820 O  O    . HOH D 3 .  ? -4.443  15.287  -5.623  0.55 22.19 ? 180 HOH A O    1 
HETATM 821 O  O    . HOH D 3 .  ? 0.798   12.667  -2.947  0.66 32.11 ? 181 HOH A O    1 
HETATM 822 O  O    . HOH D 3 .  ? 6.577   10.812  5.644   0.48 22.48 ? 182 HOH A O    1 
HETATM 823 O  O    . HOH D 3 .  ? 6.961   4.482   8.574   0.57 34.06 ? 183 HOH A O    1 
HETATM 824 O  O    . HOH D 3 .  ? -2.055  -13.169 -7.445  0.53 24.79 ? 184 HOH A O    1 
HETATM 825 O  O    . HOH D 3 .  ? 2.322   10.554  5.984   0.45 28.07 ? 185 HOH A O    1 
HETATM 826 O  O    . HOH D 3 .  ? 10.289  -2.818  7.521   1.00 43.55 ? 186 HOH A O    1 
HETATM 827 O  O    . HOH D 3 .  ? 12.762  5.414   0.848   0.42 21.55 ? 187 HOH A O    1 
HETATM 828 O  O    . HOH D 3 .  ? 2.597   10.168  -1.784  0.51 31.47 ? 188 HOH A O    1 
HETATM 829 O  O    . HOH D 3 .  ? 7.135   6.617   3.723   0.58 29.85 ? 189 HOH A O    1 
HETATM 830 O  O    . HOH D 3 .  ? 3.460   -13.610 -1.333  0.55 30.50 ? 190 HOH A O    1 
HETATM 831 O  O    . HOH D 3 .  ? -11.425 4.169   -9.839  0.41 27.74 ? 191 HOH A O    1 
HETATM 832 O  O    . HOH D 3 .  ? -12.506 5.943   1.106   0.38 27.11 ? 192 HOH A O    1 
HETATM 833 O  O    . HOH D 3 .  ? -13.468 3.126   -1.000  0.45 26.10 ? 193 HOH A O    1 
HETATM 834 O  O    . HOH D 3 .  ? 2.411   -12.693 1.197   0.44 32.45 ? 194 HOH A O    1 
HETATM 835 O  O    . HOH D 3 .  ? 2.710   11.335  1.654   0.41 21.60 ? 195 HOH A O    1 
HETATM 836 O  O    . HOH D 3 .  ? -0.601  -12.762 -8.540  0.47 23.92 ? 196 HOH A O    1 
# 
loop_
_atom_site_anisotrop.id 
_atom_site_anisotrop.type_symbol 
_atom_site_anisotrop.pdbx_label_atom_id 
_atom_site_anisotrop.pdbx_label_alt_id 
_atom_site_anisotrop.pdbx_label_comp_id 
_atom_site_anisotrop.pdbx_label_asym_id 
_atom_site_anisotrop.pdbx_label_seq_id 
_atom_site_anisotrop.pdbx_PDB_ins_code 
_atom_site_anisotrop.U[1][1] 
_atom_site_anisotrop.U[2][2] 
_atom_site_anisotrop.U[3][3] 
_atom_site_anisotrop.U[1][2] 
_atom_site_anisotrop.U[1][3] 
_atom_site_anisotrop.U[2][3] 
_atom_site_anisotrop.pdbx_auth_seq_id 
_atom_site_anisotrop.pdbx_auth_comp_id 
_atom_site_anisotrop.pdbx_auth_asym_id 
_atom_site_anisotrop.pdbx_auth_atom_id 
1   N  N    . ALA A 1  ? 0.0942 0.0942 0.0838 0.0036  0.0220  0.0082  1   ALA A N    
2   C  CA   . ALA A 1  ? 0.0746 0.1029 0.0630 0.0147  0.0064  0.0283  1   ALA A CA   
3   C  C    . ALA A 1  ? 0.0775 0.0844 0.0576 0.0010  0.0046  0.0110  1   ALA A C    
4   O  O    . ALA A 1  ? 0.0882 0.1192 0.0591 -0.0034 0.0045  -0.0074 1   ALA A O    
5   C  CB   . ALA A 1  ? 0.0714 0.1092 0.1359 0.0094  0.0075  0.0482  1   ALA A CB   
6   H  H1   . ALA A 1  ? 0.1396 0.1396 0.1396 0.0000  0.0000  0.0000  1   ALA A H1   
7   H  H2   . ALA A 1  ? 0.1396 0.1396 0.1396 0.0000  0.0000  0.0000  1   ALA A H2   
8   H  H3   . ALA A 1  ? 0.1396 0.1396 0.1396 0.0000  0.0000  0.0000  1   ALA A H3   
9   H  HA   . ALA A 1  ? 0.0987 0.0987 0.0987 0.0000  0.0000  0.0000  1   ALA A HA   
10  H  HB1  . ALA A 1  ? 0.1622 0.1622 0.1622 0.0000  0.0000  0.0000  1   ALA A HB1  
11  H  HB2  . ALA A 1  ? 0.1622 0.1622 0.1622 0.0000  0.0000  0.0000  1   ALA A HB2  
12  H  HB3  . ALA A 1  ? 0.1622 0.1622 0.1622 0.0000  0.0000  0.0000  1   ALA A HB3  
13  N  N    . TYR A 2  ? 0.0776 0.0869 0.0612 0.0073  0.0047  0.0085  2   TYR A N    
14  C  CA   . TYR A 2  ? 0.0731 0.0778 0.0491 0.0067  0.0027  0.0028  2   TYR A CA   
15  C  C    . TYR A 2  ? 0.0827 0.0745 0.0539 0.0074  0.0038  0.0052  2   TYR A C    
16  O  O    . TYR A 2  ? 0.0844 0.0777 0.0670 -0.0074 0.0032  0.0104  2   TYR A O    
17  C  CB   . TYR A 2  ? 0.0913 0.0819 0.0583 0.0149  0.0024  0.0178  2   TYR A CB   
18  C  CG   . TYR A 2  ? 0.0845 0.0755 0.0603 0.0079  0.0024  0.0059  2   TYR A CG   
19  C  CD1  . TYR A 2  ? 0.0790 0.0780 0.0772 0.0041  0.0003  0.0142  2   TYR A CD1  
20  C  CD2  . TYR A 2  ? 0.0928 0.0894 0.0722 0.0129  0.0080  0.0197  2   TYR A CD2  
21  C  CE1  . TYR A 2  ? 0.0935 0.0816 0.0797 0.0205  -0.0010 0.0093  2   TYR A CE1  
22  C  CE2  . TYR A 2  ? 0.1019 0.0924 0.0881 0.0010  0.0092  0.0172  2   TYR A CE2  
23  C  CZ   . TYR A 2  ? 0.1033 0.0799 0.0699 -0.0053 0.0004  0.0149  2   TYR A CZ   
24  O  OH   . TYR A 2  ? 0.1587 0.0878 0.1142 -0.0014 -0.0131 0.0301  2   TYR A OH   
25  H  H    . TYR A 2  ? 0.0926 0.0926 0.0926 0.0000  0.0000  0.0000  2   TYR A H    
26  H  HA   . TYR A 2  ? 0.0821 0.0821 0.0821 0.0000  0.0000  0.0000  2   TYR A HA   
27  H  HB2  . TYR A 2  ? 0.0950 0.0950 0.0950 0.0000  0.0000  0.0000  2   TYR A HB2  
28  H  HB3  . TYR A 2  ? 0.0950 0.0950 0.0950 0.0000  0.0000  0.0000  2   TYR A HB3  
29  H  HD1  . TYR A 2  ? 0.0960 0.0960 0.0960 0.0000  0.0000  0.0000  2   TYR A HD1  
30  H  HD2  . TYR A 2  ? 0.1044 0.1044 0.1044 0.0000  0.0000  0.0000  2   TYR A HD2  
31  H  HE1  . TYR A 2  ? 0.1045 0.1045 0.1045 0.0000  0.0000  0.0000  2   TYR A HE1  
32  H  HE2  . TYR A 2  ? 0.1159 0.1159 0.1159 0.0000  0.0000  0.0000  2   TYR A HE2  
33  H  HH   . TYR A 2  ? 0.1848 0.1848 0.1848 0.0000  0.0000  0.0000  2   TYR A HH   
34  N  N    . VAL A 3  ? 0.0689 0.0804 0.0628 0.0100  0.0074  0.0055  3   VAL A N    
35  C  CA   . VAL A 3  ? 0.0716 0.0774 0.0474 0.0022  -0.0006 0.0151  3   VAL A CA   
36  C  C    . VAL A 3  ? 0.0815 0.0812 0.0435 -0.0008 0.0090  -0.0007 3   VAL A C    
37  O  O    . VAL A 3  ? 0.0836 0.0756 0.0644 -0.0047 0.0147  0.0070  3   VAL A O    
38  C  CB   . VAL A 3  ? 0.0758 0.0794 0.0515 0.0070  0.0061  0.0117  3   VAL A CB   
39  C  CG1  . VAL A 3  ? 0.0952 0.0991 0.0784 -0.0005 -0.0326 0.0139  3   VAL A CG1  
40  C  CG2  . VAL A 3  ? 0.1174 0.0850 0.0545 0.0108  -0.0027 0.0155  3   VAL A CG2  
41  H  H    . VAL A 3  ? 0.0870 0.0870 0.0870 0.0000  0.0000  0.0000  3   VAL A H    
42  H  HA   . VAL A 3  ? 0.0804 0.0804 0.0804 0.0000  0.0000  0.0000  3   VAL A HA   
43  H  HB   . VAL A 3  ? 0.0847 0.0847 0.0847 0.0000  0.0000  0.0000  3   VAL A HB   
44  H  HG11 . VAL A 3  ? 0.1399 0.1399 0.1399 0.0000  0.0000  0.0000  3   VAL A HG11 
45  H  HG12 . VAL A 3  ? 0.1399 0.1399 0.1399 0.0000  0.0000  0.0000  3   VAL A HG12 
46  H  HG13 . VAL A 3  ? 0.1399 0.1399 0.1399 0.0000  0.0000  0.0000  3   VAL A HG13 
47  H  HG21 . VAL A 3  ? 0.1317 0.1317 0.1317 0.0000  0.0000  0.0000  3   VAL A HG21 
48  H  HG22 . VAL A 3  ? 0.1317 0.1317 0.1317 0.0000  0.0000  0.0000  3   VAL A HG22 
49  H  HG23 . VAL A 3  ? 0.1317 0.1317 0.1317 0.0000  0.0000  0.0000  3   VAL A HG23 
50  N  N    . ILE A 4  ? 0.0706 0.0797 0.0566 0.0067  0.0078  0.0105  4   ILE A N    
51  C  CA   . ILE A 4  ? 0.0756 0.0720 0.0502 0.0079  0.0125  0.0113  4   ILE A CA   
52  C  C    . ILE A 4  ? 0.0739 0.0893 0.0649 0.0057  0.0042  0.0068  4   ILE A C    
53  O  O    . ILE A 4  ? 0.0808 0.1064 0.0672 0.0056  -0.0012 0.0261  4   ILE A O    
54  C  CB   . ILE A 4  ? 0.0828 0.0750 0.0602 -0.0002 0.0063  0.0110  4   ILE A CB   
55  C  CG1  . ILE A 4  ? 0.0856 0.0968 0.0647 -0.0031 0.0010  0.0029  4   ILE A CG1  
56  C  CG2  . ILE A 4  ? 0.0840 0.1096 0.0598 -0.0071 0.0110  -0.0071 4   ILE A CG2  
57  C  CD1  . ILE A 4  ? 0.1025 0.1058 0.0615 -0.0145 -0.0009 -0.0009 4   ILE A CD1  
58  H  H    . ILE A 4  ? 0.0849 0.0849 0.0849 0.0000  0.0000  0.0000  4   ILE A H    
59  H  HA   . ILE A 4  ? 0.0811 0.0811 0.0811 0.0000  0.0000  0.0000  4   ILE A HA   
60  H  HB   . ILE A 4  ? 0.0894 0.0894 0.0894 0.0000  0.0000  0.0000  4   ILE A HB   
61  H  HG12 . ILE A 4  ? 0.1013 0.1013 0.1013 0.0000  0.0000  0.0000  4   ILE A HG12 
62  H  HG13 . ILE A 4  ? 0.1013 0.1013 0.1013 0.0000  0.0000  0.0000  4   ILE A HG13 
63  H  HG21 . ILE A 4  ? 0.1298 0.1298 0.1298 0.0000  0.0000  0.0000  4   ILE A HG21 
64  H  HG22 . ILE A 4  ? 0.1298 0.1298 0.1298 0.0000  0.0000  0.0000  4   ILE A HG22 
65  H  HG23 . ILE A 4  ? 0.1298 0.1298 0.1298 0.0000  0.0000  0.0000  4   ILE A HG23 
66  H  HD11 . ILE A 4  ? 0.1384 0.1384 0.1384 0.0000  0.0000  0.0000  4   ILE A HD11 
67  H  HD12 . ILE A 4  ? 0.1384 0.1384 0.1384 0.0000  0.0000  0.0000  4   ILE A HD12 
68  H  HD13 . ILE A 4  ? 0.1384 0.1384 0.1384 0.0000  0.0000  0.0000  4   ILE A HD13 
69  N  N    A ASN A 5  ? 0.0714 0.0808 0.0399 0.0071  0.0043  -0.0119 5   ASN A N    
70  N  N    B ASN A 5  ? 0.0895 0.0943 0.0259 0.0010  -0.0058 -0.0004 5   ASN A N    
71  C  CA   A ASN A 5  ? 0.0795 0.0844 0.0412 -0.0086 -0.0105 -0.0011 5   ASN A CA   
72  C  CA   B ASN A 5  ? 0.0905 0.1301 0.0670 0.0052  -0.0244 -0.0230 5   ASN A CA   
73  C  C    A ASN A 5  ? 0.0758 0.0926 0.0505 0.0025  0.0030  -0.0016 5   ASN A C    
74  C  C    B ASN A 5  ? 0.0831 0.1183 0.0732 -0.0009 -0.0121 -0.0062 5   ASN A C    
75  O  O    A ASN A 5  ? 0.0882 0.0825 0.0529 0.0050  -0.0133 -0.0073 5   ASN A O    
76  O  O    B ASN A 5  ? 0.0495 0.0972 0.1188 0.0108  -0.0100 -0.0412 5   ASN A O    
77  C  CB   A ASN A 5  ? 0.0956 0.0780 0.0376 -0.0128 -0.0129 0.0098  5   ASN A CB   
78  C  CB   B ASN A 5  ? 0.0951 0.1348 0.0986 0.0065  -0.0376 -0.0245 5   ASN A CB   
79  C  CG   A ASN A 5  ? 0.0822 0.0802 0.0495 0.0012  -0.0167 -0.0010 5   ASN A CG   
80  C  CG   B ASN A 5  ? 0.0987 0.1501 0.1279 -0.0180 -0.0297 -0.0104 5   ASN A CG   
81  O  OD1  A ASN A 5  ? 0.1089 0.0914 0.0611 -0.0091 0.0127  -0.0048 5   ASN A OD1  
82  O  OD1  B ASN A 5  ? 0.0828 0.1836 0.1068 -0.0259 -0.0388 -0.0064 5   ASN A OD1  
83  N  ND2  A ASN A 5  ? 0.0849 0.0868 0.0718 -0.0193 -0.0198 -0.0085 5   ASN A ND2  
84  N  ND2  B ASN A 5  ? 0.1035 0.1462 0.2348 -0.0120 0.0298  -0.0191 5   ASN A ND2  
85  N  N    A GLU A 6  ? 0.0968 0.0740 0.0654 0.0073  -0.0142 0.0025  6   GLU A N    
86  N  N    B GLU A 6  ? 0.0895 0.1617 0.0795 0.0100  -0.0140 -0.0099 6   GLU A N    
87  C  CA   A GLU A 6  ? 0.0832 0.1054 0.0837 0.0188  -0.0080 0.0030  6   GLU A CA   
88  C  CA   B GLU A 6  ? 0.1144 0.1555 0.0987 0.0355  -0.0188 0.0130  6   GLU A CA   
89  C  C    A GLU A 6  ? 0.0937 0.1219 0.0808 0.0185  -0.0068 -0.0102 6   GLU A C    
90  C  C    B GLU A 6  ? 0.0765 0.1395 0.1166 0.0442  -0.0022 0.0085  6   GLU A C    
91  O  O    A GLU A 6  ? 0.0976 0.1419 0.0919 0.0416  0.0074  -0.0170 6   GLU A O    
92  O  O    B GLU A 6  ? 0.0762 0.1776 0.1175 0.0445  -0.0257 -0.0473 6   GLU A O    
93  C  CB   A GLU A 6  ? 0.1010 0.1084 0.1035 0.0187  -0.0129 0.0185  6   GLU A CB   
94  C  CB   B GLU A 6  ? 0.1001 0.1987 0.1298 0.0107  -0.0408 -0.0001 6   GLU A CB   
95  C  CG   A GLU A 6  ? 0.1009 0.2166 0.1512 -0.0056 -0.0292 -0.0416 6   GLU A CG   
96  C  CG   B GLU A 6  ? 0.0935 0.2307 0.2478 0.0126  -0.0324 -0.0085 6   GLU A CG   
97  C  CD   A GLU A 6  ? 0.1258 0.2447 0.1777 -0.0373 0.0004  -0.0049 6   GLU A CD   
98  C  CD   B GLU A 6  ? 0.1106 0.2714 0.2515 0.0387  -0.0678 -0.0141 6   GLU A CD   
99  O  OE1  A GLU A 6  ? 0.1879 0.3564 0.5043 0.0518  0.0921  -0.0763 6   GLU A OE1  
100 O  OE1  B GLU A 6  ? 0.0963 0.2347 0.3012 0.0354  0.0334  0.0674  6   GLU A OE1  
101 O  OE2  A GLU A 6  ? 0.3358 0.3709 0.1773 -0.1986 -0.0803 0.0746  6   GLU A OE2  
102 O  OE2  B GLU A 6  ? 0.2826 0.3576 0.2526 0.1562  0.0057  0.0450  6   GLU A OE2  
103 N  N    . ALA A 7  ? 0.0884 0.1284 0.1012 0.0070  -0.0068 0.0115  7   ALA A N    
104 C  CA   . ALA A 7  ? 0.0871 0.1447 0.0938 -0.0070 0.0134  -0.0032 7   ALA A CA   
105 C  C    . ALA A 7  ? 0.0828 0.1142 0.0913 0.0111  -0.0005 0.0101  7   ALA A C    
106 O  O    . ALA A 7  ? 0.0949 0.1507 0.0810 -0.0016 0.0076  0.0144  7   ALA A O    
107 C  CB   . ALA A 7  ? 0.1659 0.1457 0.0877 -0.0481 0.0247  -0.0102 7   ALA A CB   
108 H  H    . ALA A 7  ? 0.1305 0.1305 0.1305 0.0000  0.0000  0.0000  7   ALA A H    
109 H  HA   . ALA A 7  ? 0.1335 0.1335 0.1335 0.0000  0.0000  0.0000  7   ALA A HA   
110 H  HB1  . ALA A 7  ? 0.2047 0.2047 0.2047 0.0000  0.0000  0.0000  7   ALA A HB1  
111 H  HB2  . ALA A 7  ? 0.2047 0.2047 0.2047 0.0000  0.0000  0.0000  7   ALA A HB2  
112 H  HB3  . ALA A 7  ? 0.2047 0.2047 0.2047 0.0000  0.0000  0.0000  7   ALA A HB3  
113 N  N    . CYS A 8  ? 0.0906 0.0912 0.0820 0.0104  0.0092  0.0049  8   CYS A N    
114 C  CA   . CYS A 8  ? 0.0916 0.0941 0.0621 0.0043  0.0078  0.0038  8   CYS A CA   
115 C  C    . CYS A 8  ? 0.0930 0.0957 0.0710 0.0052  0.0068  0.0050  8   CYS A C    
116 O  O    . CYS A 8  ? 0.1141 0.1103 0.0723 0.0208  0.0043  0.0075  8   CYS A O    
117 C  CB   . CYS A 8  ? 0.0929 0.0784 0.0681 0.0170  0.0045  0.0091  8   CYS A CB   
118 S  SG   . CYS A 8  ? 0.0899 0.0854 0.0616 0.0119  0.0104  0.0092  8   CYS A SG   
119 H  H    . CYS A 8  ? 0.1082 0.1082 0.1082 0.0000  0.0000  0.0000  8   CYS A H    
120 H  HA   . CYS A 8  ? 0.1016 0.1016 0.1016 0.0000  0.0000  0.0000  8   CYS A HA   
121 H  HB2  . CYS A 8  ? 0.0983 0.0983 0.0983 0.0000  0.0000  0.0000  8   CYS A HB2  
122 H  HB3  . CYS A 8  ? 0.0983 0.0983 0.0983 0.0000  0.0000  0.0000  8   CYS A HB3  
123 N  N    . ILE A 9  ? 0.0966 0.1014 0.0702 0.0314  0.0236  0.0134  9   ILE A N    
124 C  CA   . ILE A 9  ? 0.0921 0.1038 0.0730 0.0291  0.0230  0.0022  9   ILE A CA   
125 C  C    . ILE A 9  ? 0.0919 0.0958 0.0772 0.0215  0.0204  0.0106  9   ILE A C    
126 O  O    . ILE A 9  ? 0.1187 0.1142 0.0799 0.0297  0.0308  -0.0084 9   ILE A O    
127 C  CB   . ILE A 9  ? 0.0892 0.1131 0.0838 0.0077  0.0260  0.0097  9   ILE A CB   
128 C  CG1  . ILE A 9  ? 0.1141 0.1202 0.0828 0.0236  0.0242  0.0050  9   ILE A CG1  
129 C  CG2  . ILE A 9  ? 0.1044 0.1237 0.1066 0.0100  0.0238  -0.0006 9   ILE A CG2  
130 C  CD1  . ILE A 9  ? 0.1151 0.1045 0.0926 0.0053  0.0109  0.0041  9   ILE A CD1  
131 H  H    . ILE A 9  ? 0.1101 0.1101 0.1101 0.0000  0.0000  0.0000  9   ILE A H    
132 H  HA   . ILE A 9  ? 0.1103 0.1103 0.1103 0.0000  0.0000  0.0000  9   ILE A HA   
133 H  HB   . ILE A 9  ? 0.1173 0.1173 0.1173 0.0000  0.0000  0.0000  9   ILE A HB   
134 H  HG12 . ILE A 9  ? 0.1301 0.1301 0.1301 0.0000  0.0000  0.0000  9   ILE A HG12 
135 H  HG13 . ILE A 9  ? 0.1301 0.1301 0.1301 0.0000  0.0000  0.0000  9   ILE A HG13 
136 H  HG21 . ILE A 9  ? 0.1715 0.1715 0.1715 0.0000  0.0000  0.0000  9   ILE A HG21 
137 H  HG22 . ILE A 9  ? 0.1715 0.1715 0.1715 0.0000  0.0000  0.0000  9   ILE A HG22 
138 H  HG23 . ILE A 9  ? 0.1715 0.1715 0.1715 0.0000  0.0000  0.0000  9   ILE A HG23 
139 H  HD11 . ILE A 9  ? 0.1600 0.1600 0.1600 0.0000  0.0000  0.0000  9   ILE A HD11 
140 H  HD12 . ILE A 9  ? 0.1600 0.1600 0.1600 0.0000  0.0000  0.0000  9   ILE A HD12 
141 H  HD13 . ILE A 9  ? 0.1600 0.1600 0.1600 0.0000  0.0000  0.0000  9   ILE A HD13 
142 N  N    . SER A 10 ? 0.0996 0.0910 0.0789 0.0188  0.0134  0.0020  10  SER A N    
143 C  CA   . SER A 10 ? 0.1103 0.0746 0.0852 0.0087  0.0173  0.0008  10  SER A CA   
144 C  C    . SER A 10 ? 0.1040 0.1023 0.0827 0.0177  0.0184  -0.0029 10  SER A C    
145 O  O    . SER A 10 ? 0.1372 0.1119 0.0906 -0.0011 0.0224  -0.0172 10  SER A O    
146 C  CB   A SER A 10 ? 0.1406 0.0834 0.0943 0.0369  0.0497  0.0115  10  SER A CB   
147 C  CB   B SER A 10 ? 0.1938 0.0738 0.1074 0.0254  0.0740  0.0269  10  SER A CB   
148 O  OG   A SER A 10 ? 0.1887 0.1045 0.0970 0.0291  0.0234  0.0226  10  SER A OG   
149 O  OG   B SER A 10 ? 0.0889 0.0669 0.1352 -0.0103 0.0112  -0.0082 10  SER A OG   
150 H  H    . SER A 10 ? 0.1106 0.1106 0.1106 0.0000  0.0000  0.0000  10  SER A H    
151 N  N    . CYS A 11 ? 0.1111 0.1088 0.0771 0.0205  0.0179  -0.0045 11  CYS A N    
152 C  CA   . CYS A 11 ? 0.1202 0.1182 0.0626 0.0147  0.0211  -0.0069 11  CYS A CA   
153 C  C    . CYS A 11 ? 0.1171 0.1201 0.0845 0.0095  0.0122  -0.0016 11  CYS A C    
154 O  O    . CYS A 11 ? 0.1461 0.1446 0.0761 -0.0078 0.0152  -0.0148 11  CYS A O    
155 C  CB   . CYS A 11 ? 0.1132 0.1318 0.0677 0.0056  0.0233  -0.0018 11  CYS A CB   
156 S  SG   . CYS A 11 ? 0.1084 0.1124 0.0606 0.0116  0.0171  0.0095  11  CYS A SG   
157 H  H    . CYS A 11 ? 0.1218 0.1218 0.1218 0.0000  0.0000  0.0000  11  CYS A H    
158 H  HA   . CYS A 11 ? 0.1234 0.1234 0.1234 0.0000  0.0000  0.0000  11  CYS A HA   
159 H  HB2  . CYS A 11 ? 0.1282 0.1282 0.1282 0.0000  0.0000  0.0000  11  CYS A HB2  
160 H  HB3  . CYS A 11 ? 0.1282 0.1282 0.1282 0.0000  0.0000  0.0000  11  CYS A HB3  
161 N  N    . GLY A 12 ? 0.1041 0.1152 0.0754 0.0067  0.0106  -0.0140 12  GLY A N    
162 C  CA   . GLY A 12 ? 0.1106 0.1090 0.1037 0.0099  0.0078  -0.0040 12  GLY A CA   
163 C  C    . GLY A 12 ? 0.0980 0.1268 0.0749 0.0008  0.0186  0.0056  12  GLY A C    
164 O  O    . GLY A 12 ? 0.1044 0.1152 0.1171 0.0072  0.0026  -0.0057 12  GLY A O    
165 H  H    . GLY A 12 ? 0.1208 0.1208 0.1208 0.0000  0.0000  0.0000  12  GLY A H    
166 H  HA2  . GLY A 12 ? 0.1326 0.1326 0.1326 0.0000  0.0000  0.0000  12  GLY A HA2  
167 H  HA3  . GLY A 12 ? 0.1326 0.1326 0.1326 0.0000  0.0000  0.0000  12  GLY A HA3  
168 N  N    . ALA A 13 ? 0.0986 0.1189 0.0682 0.0109  0.0121  0.0120  13  ALA A N    
169 C  CA   . ALA A 13 ? 0.0952 0.1297 0.0779 0.0061  0.0020  0.0166  13  ALA A CA   
170 C  C    . ALA A 13 ? 0.0966 0.0994 0.0707 -0.0057 -0.0008 0.0178  13  ALA A C    
171 O  O    . ALA A 13 ? 0.1048 0.1234 0.0862 0.0119  0.0046  0.0252  13  ALA A O    
172 C  CB   . ALA A 13 ? 0.1074 0.1283 0.0858 0.0033  0.0156  0.0196  13  ALA A CB   
173 H  H    . ALA A 13 ? 0.1172 0.1172 0.1172 0.0000  0.0000  0.0000  13  ALA A H    
174 H  HA   . ALA A 13 ? 0.1242 0.1242 0.1242 0.0000  0.0000  0.0000  13  ALA A HA   
175 H  HB1  . ALA A 13 ? 0.1648 0.1648 0.1648 0.0000  0.0000  0.0000  13  ALA A HB1  
176 H  HB2  . ALA A 13 ? 0.1648 0.1648 0.1648 0.0000  0.0000  0.0000  13  ALA A HB2  
177 H  HB3  . ALA A 13 ? 0.1648 0.1648 0.1648 0.0000  0.0000  0.0000  13  ALA A HB3  
178 N  N    . CYS A 14 ? 0.0861 0.0917 0.0774 -0.0003 0.0071  0.0094  14  CYS A N    
179 C  CA   . CYS A 14 ? 0.0902 0.0856 0.0784 0.0013  -0.0002 0.0046  14  CYS A CA   
180 C  C    . CYS A 14 ? 0.0867 0.0954 0.0862 0.0067  -0.0021 0.0063  14  CYS A C    
181 O  O    . CYS A 14 ? 0.0898 0.1170 0.0984 0.0121  0.0024  -0.0056 14  CYS A O    
182 C  CB   . CYS A 14 ? 0.0894 0.0941 0.0770 0.0018  0.0075  -0.0041 14  CYS A CB   
183 S  SG   . CYS A 14 ? 0.0900 0.0974 0.0729 -0.0022 0.0072  0.0168  14  CYS A SG   
184 H  H    . CYS A 14 ? 0.1047 0.1047 0.1047 0.0000  0.0000  0.0000  14  CYS A H    
185 H  HA   . CYS A 14 ? 0.1042 0.1042 0.1042 0.0000  0.0000  0.0000  14  CYS A HA   
186 H  HB2  . CYS A 14 ? 0.1068 0.1068 0.1068 0.0000  0.0000  0.0000  14  CYS A HB2  
187 H  HB3  . CYS A 14 ? 0.1068 0.1068 0.1068 0.0000  0.0000  0.0000  14  CYS A HB3  
188 N  N    . GLU A 15 ? 0.0931 0.0933 0.0756 -0.0012 0.0041  0.0091  15  GLU A N    
189 C  CA   . GLU A 15 ? 0.0969 0.1122 0.0641 -0.0043 0.0024  0.0024  15  GLU A CA   
190 C  C    . GLU A 15 ? 0.0975 0.1161 0.0673 -0.0039 -0.0025 0.0001  15  GLU A C    
191 O  O    . GLU A 15 ? 0.1012 0.1467 0.0642 -0.0190 0.0009  0.0086  15  GLU A O    
192 C  CB   . GLU A 15 ? 0.1159 0.0972 0.0774 -0.0058 0.0021  -0.0027 15  GLU A CB   
193 C  CG   . GLU A 15 ? 0.1193 0.1260 0.0927 -0.0157 0.0025  -0.0115 15  GLU A CG   
194 C  CD   . GLU A 15 ? 0.2013 0.1125 0.1748 -0.0367 0.0446  -0.0125 15  GLU A CD   
195 O  OE1  . GLU A 15 ? 0.1763 0.1385 0.5654 0.0219  0.0206  -0.0312 15  GLU A OE1  
196 O  OE2  . GLU A 15 ? 0.2919 0.1665 0.2447 -0.1036 0.0315  0.0156  15  GLU A OE2  
197 H  H    . GLU A 15 ? 0.1074 0.1074 0.1074 0.0000  0.0000  0.0000  15  GLU A H    
198 H  HA   . GLU A 15 ? 0.1121 0.1121 0.1121 0.0000  0.0000  0.0000  15  GLU A HA   
199 H  HB2  . GLU A 15 ? 0.1192 0.1192 0.1192 0.0000  0.0000  0.0000  15  GLU A HB2  
200 H  HB3  . GLU A 15 ? 0.1192 0.1192 0.1192 0.0000  0.0000  0.0000  15  GLU A HB3  
201 H  HG2  . GLU A 15 ? 0.1386 0.1386 0.1386 0.0000  0.0000  0.0000  15  GLU A HG2  
202 H  HG3  . GLU A 15 ? 0.1386 0.1386 0.1386 0.0000  0.0000  0.0000  15  GLU A HG3  
203 N  N    . PRO A 16 ? 0.0898 0.1327 0.0653 -0.0059 -0.0001 0.0016  16  PRO A N    
204 C  CA   . PRO A 16 ? 0.1172 0.1417 0.0706 0.0039  -0.0085 0.0048  16  PRO A CA   
205 C  C    . PRO A 16 ? 0.1026 0.1507 0.0617 0.0064  -0.0052 0.0108  16  PRO A C    
206 O  O    . PRO A 16 ? 0.1028 0.1640 0.1097 0.0134  -0.0114 0.0082  16  PRO A O    
207 C  CB   . PRO A 16 ? 0.1356 0.1597 0.0698 0.0038  -0.0132 -0.0041 16  PRO A CB   
208 C  CG   . PRO A 16 ? 0.1548 0.3194 0.0727 0.0660  0.0171  0.0190  16  PRO A CG   
209 C  CD   . PRO A 16 ? 0.1256 0.1392 0.0717 0.0160  0.0187  0.0004  16  PRO A CD   
210 H  HA   . PRO A 16 ? 0.1351 0.1351 0.1351 0.0000  0.0000  0.0000  16  PRO A HA   
211 H  HB2  . PRO A 16 ? 0.1498 0.1498 0.1498 0.0000  0.0000  0.0000  16  PRO A HB2  
212 H  HB3  . PRO A 16 ? 0.1498 0.1498 0.1498 0.0000  0.0000  0.0000  16  PRO A HB3  
213 H  HG2  . PRO A 16 ? 0.2243 0.2243 0.2243 0.0000  0.0000  0.0000  16  PRO A HG2  
214 H  HG3  . PRO A 16 ? 0.2243 0.2243 0.2243 0.0000  0.0000  0.0000  16  PRO A HG3  
215 H  HD2  . PRO A 16 ? 0.1381 0.1381 0.1381 0.0000  0.0000  0.0000  16  PRO A HD2  
216 H  HD3  . PRO A 16 ? 0.1381 0.1381 0.1381 0.0000  0.0000  0.0000  16  PRO A HD3  
217 N  N    . GLU A 17 ? 0.1041 0.1357 0.0603 0.0091  -0.0007 0.0062  17  GLU A N    
218 C  CA   . GLU A 17 ? 0.1229 0.1344 0.0612 0.0082  0.0121  0.0134  17  GLU A CA   
219 C  C    . GLU A 17 ? 0.0928 0.1382 0.0619 0.0257  0.0118  0.0226  17  GLU A C    
220 O  O    . GLU A 17 ? 0.1699 0.1377 0.1027 0.0510  0.0457  0.0322  17  GLU A O    
221 C  CB   A GLU A 17 ? 0.1353 0.1446 0.0739 -0.0111 0.0226  0.0195  17  GLU A CB   
222 C  CB   B GLU A 17 ? 0.1268 0.1256 0.0994 0.0027  0.0286  0.0471  17  GLU A CB   
223 C  CG   A GLU A 17 ? 0.1304 0.1418 0.0881 -0.0064 0.0308  0.0041  17  GLU A CG   
224 C  CG   B GLU A 17 ? 0.1797 0.1832 0.1059 -0.0135 0.0297  0.0522  17  GLU A CG   
225 C  CD   A GLU A 17 ? 0.2034 0.1668 0.0754 0.0558  0.0220  0.0572  17  GLU A CD   
226 C  CD   B GLU A 17 ? 0.2126 0.1807 0.1140 -0.0148 0.0461  0.1023  17  GLU A CD   
227 O  OE1  A GLU A 17 ? 0.2602 0.1870 0.1869 0.0976  0.1466  0.1283  17  GLU A OE1  
228 O  OE1  B GLU A 17 ? 0.1730 0.1950 0.2588 -0.0065 0.0652  0.0563  17  GLU A OE1  
229 O  OE2  A GLU A 17 ? 0.1585 0.3046 0.0774 0.0608  0.0047  -0.0377 17  GLU A OE2  
230 O  OE2  B GLU A 17 ? 0.1711 0.1740 0.1442 0.0309  0.0501  0.0755  17  GLU A OE2  
231 H  H    . GLU A 17 ? 0.1231 0.1231 0.1231 0.0000  0.0000  0.0000  17  GLU A H    
232 N  N    . CYS A 18 ? 0.0950 0.1087 0.0533 0.0127  0.0026  0.0023  18  CYS A N    
233 C  CA   . CYS A 18 ? 0.0950 0.1045 0.0534 0.0185  0.0054  0.0068  18  CYS A CA   
234 C  C    . CYS A 18 ? 0.0856 0.1017 0.0613 0.0112  0.0043  0.0131  18  CYS A C    
235 O  O    . CYS A 18 ? 0.0920 0.1181 0.0819 0.0121  -0.0060 -0.0041 18  CYS A O    
236 C  CB   . CYS A 18 ? 0.0841 0.0954 0.0617 0.0155  0.0112  0.0121  18  CYS A CB   
237 S  SG   . CYS A 18 ? 0.0867 0.0936 0.0584 0.0018  0.0008  0.0089  18  CYS A SG   
238 H  H    . CYS A 18 ? 0.1055 0.1055 0.1055 0.0000  0.0000  0.0000  18  CYS A H    
239 H  HA   . CYS A 18 ? 0.1037 0.1037 0.1037 0.0000  0.0000  0.0000  18  CYS A HA   
240 H  HB2  . CYS A 18 ? 0.0989 0.0989 0.0989 0.0000  0.0000  0.0000  18  CYS A HB2  
241 H  HB3  . CYS A 18 ? 0.0989 0.0989 0.0989 0.0000  0.0000  0.0000  18  CYS A HB3  
242 N  N    . PRO A 19 ? 0.0828 0.0960 0.0688 0.0103  -0.0042 0.0201  19  PRO A N    
243 C  CA   . PRO A 19 ? 0.1017 0.1093 0.0729 0.0257  0.0026  0.0229  19  PRO A CA   
244 C  C    . PRO A 19 ? 0.0934 0.1114 0.0730 0.0023  -0.0069 0.0107  19  PRO A C    
245 O  O    . PRO A 19 ? 0.1032 0.1432 0.0911 0.0057  -0.0114 0.0287  19  PRO A O    
246 C  CB   . PRO A 19 ? 0.1104 0.0965 0.1056 0.0287  0.0042  0.0180  19  PRO A CB   
247 C  CG   . PRO A 19 ? 0.1128 0.1160 0.1089 0.0233  0.0076  0.0043  19  PRO A CG   
248 C  CD   . PRO A 19 ? 0.0979 0.0982 0.0929 0.0183  -0.0003 0.0199  19  PRO A CD   
249 H  HA   . PRO A 19 ? 0.1164 0.1164 0.1164 0.0000  0.0000  0.0000  19  PRO A HA   
250 H  HB2  . PRO A 19 ? 0.1282 0.1282 0.1282 0.0000  0.0000  0.0000  19  PRO A HB2  
251 H  HB3  . PRO A 19 ? 0.1282 0.1282 0.1282 0.0000  0.0000  0.0000  19  PRO A HB3  
252 H  HG2  . PRO A 19 ? 0.1386 0.1386 0.1386 0.0000  0.0000  0.0000  19  PRO A HG2  
253 H  HG3  . PRO A 19 ? 0.1386 0.1386 0.1386 0.0000  0.0000  0.0000  19  PRO A HG3  
254 H  HD2  . PRO A 19 ? 0.1185 0.1185 0.1185 0.0000  0.0000  0.0000  19  PRO A HD2  
255 H  HD3  . PRO A 19 ? 0.1185 0.1185 0.1185 0.0000  0.0000  0.0000  19  PRO A HD3  
256 N  N    . VAL A 20 ? 0.0821 0.1239 0.0798 0.0095  -0.0014 0.0224  20  VAL A N    
257 C  CA   . VAL A 20 ? 0.0809 0.1207 0.0726 0.0140  -0.0082 0.0179  20  VAL A CA   
258 C  C    . VAL A 20 ? 0.0848 0.1094 0.0676 0.0005  -0.0107 0.0015  20  VAL A C    
259 O  O    . VAL A 20 ? 0.1003 0.1008 0.0772 -0.0049 -0.0017 0.0043  20  VAL A O    
260 C  CB   . VAL A 20 ? 0.0922 0.0961 0.0778 0.0085  0.0043  0.0076  20  VAL A CB   
261 C  CG1  . VAL A 20 ? 0.0920 0.1130 0.1125 0.0158  0.0000  0.0059  20  VAL A CG1  
262 C  CG2  . VAL A 20 ? 0.0858 0.1168 0.0757 0.0116  0.0001  -0.0001 20  VAL A CG2  
263 H  H    . VAL A 20 ? 0.1173 0.1173 0.1173 0.0000  0.0000  0.0000  20  VAL A H    
264 H  HA   . VAL A 20 ? 0.1125 0.1125 0.1125 0.0000  0.0000  0.0000  20  VAL A HA   
265 H  HB   . VAL A 20 ? 0.1092 0.1092 0.1092 0.0000  0.0000  0.0000  20  VAL A HB   
266 H  HG11 . VAL A 20 ? 0.1627 0.1627 0.1627 0.0000  0.0000  0.0000  20  VAL A HG11 
267 H  HG12 . VAL A 20 ? 0.1627 0.1627 0.1627 0.0000  0.0000  0.0000  20  VAL A HG12 
268 H  HG13 . VAL A 20 ? 0.1627 0.1627 0.1627 0.0000  0.0000  0.0000  20  VAL A HG13 
269 H  HG21 . VAL A 20 ? 0.1426 0.1426 0.1426 0.0000  0.0000  0.0000  20  VAL A HG21 
270 H  HG22 . VAL A 20 ? 0.1426 0.1426 0.1426 0.0000  0.0000  0.0000  20  VAL A HG22 
271 H  HG23 . VAL A 20 ? 0.1426 0.1426 0.1426 0.0000  0.0000  0.0000  20  VAL A HG23 
272 N  N    . ASN A 21 ? 0.0928 0.1049 0.0669 0.0033  -0.0060 -0.0014 21  ASN A N    
273 C  CA   . ASN A 21 ? 0.0952 0.1045 0.0838 -0.0072 -0.0142 -0.0128 21  ASN A CA   
274 C  C    . ASN A 21 ? 0.0875 0.0987 0.0898 -0.0052 -0.0048 -0.0001 21  ASN A C    
275 O  O    . ASN A 21 ? 0.1350 0.1021 0.0926 -0.0165 -0.0079 0.0001  21  ASN A O    
276 C  CB   A ASN A 21 ? 0.1152 0.1247 0.0930 -0.0366 -0.0147 -0.0017 21  ASN A CB   
277 C  CB   B ASN A 21 ? 0.1324 0.1360 0.1217 -0.0263 -0.0236 -0.0499 21  ASN A CB   
278 C  CG   A ASN A 21 ? 0.1719 0.1471 0.1439 -0.0291 -0.0440 -0.0506 21  ASN A CG   
279 C  CG   B ASN A 21 ? 0.1486 0.1463 0.1197 -0.0179 -0.0380 -0.0639 21  ASN A CG   
280 O  OD1  A ASN A 21 ? 0.1920 0.2166 0.2766 0.0219  -0.0096 -0.0976 21  ASN A OD1  
281 O  OD1  B ASN A 21 ? 0.1538 0.2661 0.2282 -0.0108 -0.0678 -0.0375 21  ASN A OD1  
282 N  ND2  A ASN A 21 ? 0.1808 0.1334 0.3596 -0.0288 -0.1083 -0.0572 21  ASN A ND2  
283 N  ND2  B ASN A 21 ? 0.2391 0.2170 0.1138 -0.0099 -0.0191 -0.0356 21  ASN A ND2  
284 H  H    . ASN A 21 ? 0.1085 0.1085 0.1085 0.0000  0.0000  0.0000  21  ASN A H    
285 N  N    . ALA A 22 ? 0.0730 0.0931 0.0718 -0.0015 -0.0074 0.0127  22  ALA A N    
286 C  CA   . ALA A 22 ? 0.0791 0.0983 0.0740 -0.0031 0.0042  0.0102  22  ALA A CA   
287 C  C    . ALA A 22 ? 0.0793 0.0873 0.0674 0.0019  -0.0062 0.0063  22  ALA A C    
288 O  O    . ALA A 22 ? 0.0976 0.1352 0.0524 0.0074  -0.0042 0.0037  22  ALA A O    
289 C  CB   . ALA A 22 ? 0.1053 0.1033 0.0721 0.0101  -0.0077 0.0020  22  ALA A CB   
290 H  H    . ALA A 22 ? 0.0975 0.0975 0.0975 0.0000  0.0000  0.0000  22  ALA A H    
291 H  HA   . ALA A 22 ? 0.1031 0.1031 0.1031 0.0000  0.0000  0.0000  22  ALA A HA   
292 H  HB1  . ALA A 22 ? 0.1439 0.1439 0.1439 0.0000  0.0000  0.0000  22  ALA A HB1  
293 H  HB2  . ALA A 22 ? 0.1439 0.1439 0.1439 0.0000  0.0000  0.0000  22  ALA A HB2  
294 H  HB3  . ALA A 22 ? 0.1439 0.1439 0.1439 0.0000  0.0000  0.0000  22  ALA A HB3  
295 N  N    . ILE A 23 ? 0.0857 0.1116 0.0545 0.0099  -0.0010 0.0073  23  ILE A N    
296 C  CA   . ILE A 23 ? 0.0963 0.0816 0.0727 0.0044  0.0073  0.0038  23  ILE A CA   
297 C  C    . ILE A 23 ? 0.0970 0.0923 0.0698 -0.0058 0.0057  -0.0071 23  ILE A C    
298 O  O    . ILE A 23 ? 0.1104 0.1184 0.0892 -0.0170 -0.0106 -0.0041 23  ILE A O    
299 C  CB   . ILE A 23 ? 0.0952 0.0880 0.0521 0.0031  0.0036  0.0046  23  ILE A CB   
300 C  CG1  . ILE A 23 ? 0.1411 0.0777 0.0882 -0.0104 0.0313  -0.0025 23  ILE A CG1  
301 C  CG2  . ILE A 23 ? 0.0977 0.0972 0.0882 0.0011  0.0185  -0.0046 23  ILE A CG2  
302 C  CD1  . ILE A 23 ? 0.1315 0.0867 0.1067 0.0151  0.0434  0.0185  23  ILE A CD1  
303 H  H    . ILE A 23 ? 0.1032 0.1032 0.1032 0.0000  0.0000  0.0000  23  ILE A H    
304 H  HA   . ILE A 23 ? 0.1028 0.1028 0.1028 0.0000  0.0000  0.0000  23  ILE A HA   
305 H  HB   . ILE A 23 ? 0.0965 0.0965 0.0965 0.0000  0.0000  0.0000  23  ILE A HB   
306 H  HG12 . ILE A 23 ? 0.1259 0.1259 0.1259 0.0000  0.0000  0.0000  23  ILE A HG12 
307 H  HG13 . ILE A 23 ? 0.1259 0.1259 0.1259 0.0000  0.0000  0.0000  23  ILE A HG13 
308 H  HG21 . ILE A 23 ? 0.1451 0.1451 0.1451 0.0000  0.0000  0.0000  23  ILE A HG21 
309 H  HG22 . ILE A 23 ? 0.1451 0.1451 0.1451 0.0000  0.0000  0.0000  23  ILE A HG22 
310 H  HG23 . ILE A 23 ? 0.1451 0.1451 0.1451 0.0000  0.0000  0.0000  23  ILE A HG23 
311 H  HD11 . ILE A 23 ? 0.1665 0.1665 0.1665 0.0000  0.0000  0.0000  23  ILE A HD11 
312 H  HD12 . ILE A 23 ? 0.1665 0.1665 0.1665 0.0000  0.0000  0.0000  23  ILE A HD12 
313 H  HD13 . ILE A 23 ? 0.1665 0.1665 0.1665 0.0000  0.0000  0.0000  23  ILE A HD13 
314 N  N    . SER A 24 ? 0.1259 0.0842 0.0857 0.0014  -0.0007 0.0001  24  SER A N    
315 C  CA   . SER A 24 ? 0.1382 0.0876 0.1067 0.0007  0.0065  -0.0061 24  SER A CA   
316 C  C    . SER A 24 ? 0.1370 0.0888 0.0811 0.0131  0.0165  0.0040  24  SER A C    
317 O  O    . SER A 24 ? 0.1321 0.0937 0.0883 0.0190  0.0170  -0.0100 24  SER A O    
318 C  CB   A SER A 24 ? 0.1626 0.1106 0.1265 -0.0501 0.0106  -0.0357 24  SER A CB   
319 C  CB   B SER A 24 ? 0.1361 0.0813 0.1246 -0.0662 -0.0091 -0.0173 24  SER A CB   
320 O  OG   A SER A 24 ? 0.1829 0.0940 0.1129 0.0106  0.0407  0.0021  24  SER A OG   
321 O  OG   B SER A 24 ? 0.1426 0.0953 0.2343 -0.0518 0.0284  -0.0350 24  SER A OG   
322 H  H    . SER A 24 ? 0.1213 0.1213 0.1213 0.0000  0.0000  0.0000  24  SER A H    
323 N  N    A SER A 25 ? 0.1752 0.1124 0.0817 0.0313  0.0117  -0.0162 25  SER A N    
324 N  N    B SER A 25 ? 0.1798 0.0937 0.0829 0.0330  0.0076  -0.0033 25  SER A N    
325 C  CA   A SER A 25 ? 0.1812 0.1363 0.0999 0.0526  0.0229  -0.0120 25  SER A CA   
326 C  CA   B SER A 25 ? 0.1855 0.1173 0.0965 0.0561  -0.0007 -0.0184 25  SER A CA   
327 C  C    A SER A 25 ? 0.1648 0.1288 0.1113 0.0430  0.0338  0.0017  25  SER A C    
328 C  C    B SER A 25 ? 0.1828 0.1168 0.1125 0.0439  0.0001  -0.0072 25  SER A C    
329 O  O    A SER A 25 ? 0.1886 0.1121 0.1418 0.0050  0.0394  0.0028  25  SER A O    
330 O  O    B SER A 25 ? 0.1879 0.1327 0.2617 0.0288  -0.0129 0.0366  25  SER A O    
331 C  CB   A SER A 25 ? 0.1628 0.1504 0.1161 0.0168  0.0349  -0.0314 25  SER A CB   
332 C  CB   B SER A 25 ? 0.1689 0.1245 0.1193 -0.0023 0.0405  -0.0331 25  SER A CB   
333 O  OG   A SER A 25 ? 0.1927 0.1525 0.1119 0.0561  0.0222  -0.0289 25  SER A OG   
334 O  OG   B SER A 25 ? 0.2364 0.1079 0.1629 -0.0079 0.0484  -0.0365 25  SER A OG   
335 N  N    A GLY A 26 ? 0.1688 0.1247 0.1108 0.0136  0.0127  -0.0032 26  GLY A N    
336 N  N    B GLY A 26 ? 0.1713 0.1866 0.0901 0.0469  0.0049  -0.0014 26  GLY A N    
337 C  CA   A GLY A 26 ? 0.1831 0.1542 0.1449 0.0222  0.0092  0.0234  26  GLY A CA   
338 C  CA   B GLY A 26 ? 0.2054 0.1940 0.1052 0.0502  0.0071  0.0093  26  GLY A CA   
339 C  C    A GLY A 26 ? 0.1904 0.2303 0.2155 0.0570  0.0147  0.0368  26  GLY A C    
340 C  C    B GLY A 26 ? 0.1954 0.1672 0.0987 0.0360  0.0204  0.0227  26  GLY A C    
341 O  O    A GLY A 26 ? 0.1877 0.3811 0.2402 0.0796  0.0532  0.0673  26  GLY A O    
342 O  O    B GLY A 26 ? 0.2107 0.1442 0.1306 0.0287  0.0525  0.0495  26  GLY A O    
343 N  N    A ASP A 27 ? 0.2075 0.2172 0.2378 0.0440  -0.0236 0.0221  27  ASP A N    
344 N  N    B ASP A 27 ? 0.1916 0.1836 0.1087 0.0408  -0.0212 -0.0107 27  ASP A N    
345 C  CA   A ASP A 27 ? 0.1919 0.2486 0.2325 0.0395  -0.0194 0.0548  27  ASP A CA   
346 C  CA   B ASP A 27 ? 0.1997 0.1843 0.1527 0.0501  0.0052  0.0263  27  ASP A CA   
347 C  C    A ASP A 27 ? 0.2563 0.2671 0.2145 0.0027  0.0289  0.0098  27  ASP A C    
348 C  C    B ASP A 27 ? 0.1911 0.2082 0.2006 0.0532  -0.0034 0.0253  27  ASP A C    
349 O  O    A ASP A 27 ? 0.5346 0.4705 0.1953 -0.1524 0.0767  -0.0258 27  ASP A O    
350 O  O    B ASP A 27 ? 0.2100 0.2258 0.2282 0.0403  0.0420  0.0174  27  ASP A O    
351 C  CB   A ASP A 27 ? 0.2712 0.2597 0.2486 0.0608  -0.0351 0.0697  27  ASP A CB   
352 C  CB   B ASP A 27 ? 0.2920 0.1889 0.1917 0.0136  -0.0408 0.0586  27  ASP A CB   
353 C  CG   A ASP A 27 ? 0.4100 0.2732 0.2580 0.0134  -0.0422 0.0763  27  ASP A CG   
354 C  CG   B ASP A 27 ? 0.3306 0.2774 0.2402 -0.0515 -0.1050 0.1171  27  ASP A CG   
355 O  OD1  A ASP A 27 ? 0.4935 0.2945 0.3155 0.0126  -0.0012 -0.0151 27  ASP A OD1  
356 O  OD1  B ASP A 27 ? 0.3481 0.5804 0.3895 -0.0738 -0.1780 0.2181  27  ASP A OD1  
357 O  OD2  A ASP A 27 ? 0.5238 0.3195 0.2833 -0.0012 0.0639  0.0765  27  ASP A OD2  
358 O  OD2  B ASP A 27 ? 0.4694 0.3225 0.2952 -0.1039 -0.0861 0.1881  27  ASP A OD2  
359 N  N    A ASP A 28 ? 0.2307 0.1526 0.2362 0.0808  0.0471  0.0213  28  ASP A N    
360 N  N    B ASP A 28 ? 0.1863 0.1841 0.2067 0.0487  -0.0043 0.0535  28  ASP A N    
361 C  CA   A ASP A 28 ? 0.1768 0.1855 0.3647 0.0824  0.0743  0.0289  28  ASP A CA   
362 C  CA   B ASP A 28 ? 0.1800 0.1678 0.1654 0.0732  0.0270  0.0317  28  ASP A CA   
363 C  C    A ASP A 28 ? 0.1613 0.1545 0.2502 0.0359  0.0729  -0.0078 28  ASP A C    
364 C  C    B ASP A 28 ? 0.1667 0.1729 0.1462 0.0801  0.0439  0.0286  28  ASP A C    
365 O  O    A ASP A 28 ? 0.1795 0.2100 0.2867 0.0491  0.1162  0.0764  28  ASP A O    
366 O  O    B ASP A 28 ? 0.1684 0.2132 0.1605 0.0641  0.0602  0.0180  28  ASP A O    
367 C  CB   A ASP A 28 ? 0.2131 0.2735 0.5413 0.0646  -0.0231 0.0782  28  ASP A CB   
368 C  CB   B ASP A 28 ? 0.2302 0.2684 0.1625 -0.0368 0.0107  0.0866  28  ASP A CB   
369 C  CG   A ASP A 28 ? 0.2787 0.3013 0.5484 0.0361  -0.0773 0.0812  28  ASP A CG   
370 C  CG   B ASP A 28 ? 0.2174 0.3055 0.2337 0.0108  -0.0468 0.0931  28  ASP A CG   
371 O  OD1  A ASP A 28 ? 0.3146 0.2488 0.4877 -0.0031 -0.1039 0.0324  28  ASP A OD1  
372 O  OD1  B ASP A 28 ? 0.2544 0.2814 0.3397 -0.0204 -0.0117 0.1126  28  ASP A OD1  
373 O  OD2  A ASP A 28 ? 0.3231 0.3145 0.6055 0.0638  -0.1022 0.0952  28  ASP A OD2  
374 O  OD2  B ASP A 28 ? 0.2026 0.4789 0.2127 -0.0869 -0.0323 0.1601  28  ASP A OD2  
375 N  N    A ARG A 29 ? 0.1443 0.1261 0.1853 0.0451  0.0325  0.0210  29  ARG A N    
376 N  N    B ARG A 29 ? 0.1331 0.1420 0.1445 0.0388  0.0106  0.0279  29  ARG A N    
377 C  CA   A ARG A 29 ? 0.1226 0.1010 0.1055 0.0105  -0.0043 0.0034  29  ARG A CA   
378 C  CA   B ARG A 29 ? 0.1388 0.1192 0.1360 0.0405  0.0133  0.0078  29  ARG A CA   
379 C  C    A ARG A 29 ? 0.1211 0.0815 0.1070 0.0180  0.0124  0.0145  29  ARG A C    
380 C  C    B ARG A 29 ? 0.1297 0.1267 0.1300 0.0298  0.0388  0.0525  29  ARG A C    
381 O  O    A ARG A 29 ? 0.1377 0.0917 0.1019 0.0167  0.0230  0.0135  29  ARG A O    
382 O  O    B ARG A 29 ? 0.1688 0.1734 0.1649 0.0209  0.0570  0.0866  29  ARG A O    
383 C  CB   A ARG A 29 ? 0.1724 0.1416 0.1015 -0.0056 -0.0180 0.0072  29  ARG A CB   
384 C  CB   B ARG A 29 ? 0.1421 0.1358 0.0843 0.0388  0.0019  0.0209  29  ARG A CB   
385 C  CG   A ARG A 29 ? 0.1615 0.1648 0.1035 -0.0138 0.0032  0.0014  29  ARG A CG   
386 C  CG   B ARG A 29 ? 0.1579 0.1678 0.0759 -0.0041 -0.0057 0.0299  29  ARG A CG   
387 C  CD   A ARG A 29 ? 0.1773 0.2324 0.1315 -0.0382 -0.0430 -0.0363 29  ARG A CD   
388 C  CD   B ARG A 29 ? 0.1746 0.2116 0.1237 -0.0096 -0.0340 -0.0031 29  ARG A CD   
389 N  NE   A ARG A 29 ? 0.2555 0.2650 0.1341 -0.0543 -0.0361 -0.0183 29  ARG A NE   
390 N  NE   B ARG A 29 ? 0.1695 0.2125 0.1289 -0.0061 -0.0857 0.0154  29  ARG A NE   
391 C  CZ   A ARG A 29 ? 0.2400 0.1711 0.1197 -0.0548 -0.0465 0.0125  29  ARG A CZ   
392 C  CZ   B ARG A 29 ? 0.2196 0.1930 0.1341 0.0186  -0.0545 0.0173  29  ARG A CZ   
393 N  NH1  A ARG A 29 ? 0.2467 0.1009 0.0999 -0.0646 -0.1343 0.0667  29  ARG A NH1  
394 N  NH1  B ARG A 29 ? 0.2657 0.2576 0.4157 0.1121  -0.1713 0.0052  29  ARG A NH1  
395 N  NH2  A ARG A 29 ? 0.2158 0.1041 0.1253 0.0265  -0.0030 -0.0168 29  ARG A NH2  
396 N  NH2  B ARG A 29 ? 0.2808 0.3411 0.1063 -0.1341 -0.0204 -0.0068 29  ARG A NH2  
397 N  N    . TYR A 30 ? 0.1207 0.1317 0.0820 0.0408  0.0327  0.0303  30  TYR A N    
398 C  CA   . TYR A 30 ? 0.1194 0.0982 0.0865 0.0370  0.0342  0.0020  30  TYR A CA   
399 C  C    . TYR A 30 ? 0.1177 0.1061 0.0664 0.0053  0.0250  0.0016  30  TYR A C    
400 O  O    . TYR A 30 ? 0.1069 0.1070 0.0916 0.0021  0.0190  0.0028  30  TYR A O    
401 C  CB   . TYR A 30 ? 0.0924 0.1149 0.0707 0.0024  0.0107  0.0108  30  TYR A CB   
402 C  CG   . TYR A 30 ? 0.1032 0.0908 0.0834 0.0139  -0.0013 -0.0059 30  TYR A CG   
403 C  CD1  . TYR A 30 ? 0.0994 0.0991 0.0884 0.0063  0.0033  0.0098  30  TYR A CD1  
404 C  CD2  . TYR A 30 ? 0.1100 0.1217 0.0785 0.0264  0.0010  -0.0003 30  TYR A CD2  
405 C  CE1  . TYR A 30 ? 0.1160 0.1140 0.0933 0.0271  0.0070  -0.0031 30  TYR A CE1  
406 C  CE2  . TYR A 30 ? 0.1197 0.1440 0.0913 0.0347  -0.0121 -0.0110 30  TYR A CE2  
407 C  CZ   . TYR A 30 ? 0.1308 0.1264 0.0752 0.0089  0.0090  -0.0055 30  TYR A CZ   
408 O  OH   . TYR A 30 ? 0.1461 0.1493 0.0954 0.0133  0.0019  -0.0200 30  TYR A OH   
409 H  H    . TYR A 30 ? 0.1372 0.1372 0.1372 0.0000  0.0000  0.0000  30  TYR A H    
410 H  HA   . TYR A 30 ? 0.1248 0.1248 0.1248 0.0000  0.0000  0.0000  30  TYR A HA   
411 H  HB2  . TYR A 30 ? 0.1140 0.1140 0.1140 0.0000  0.0000  0.0000  30  TYR A HB2  
412 H  HB3  . TYR A 30 ? 0.1140 0.1140 0.1140 0.0000  0.0000  0.0000  30  TYR A HB3  
413 H  HD1  . TYR A 30 ? 0.1177 0.1177 0.1177 0.0000  0.0000  0.0000  30  TYR A HD1  
414 H  HD2  . TYR A 30 ? 0.1273 0.1273 0.1273 0.0000  0.0000  0.0000  30  TYR A HD2  
415 H  HE1  . TYR A 30 ? 0.1326 0.1326 0.1326 0.0000  0.0000  0.0000  30  TYR A HE1  
416 H  HE2  . TYR A 30 ? 0.1455 0.1455 0.1455 0.0000  0.0000  0.0000  30  TYR A HE2  
417 H  HH   . TYR A 30 ? 0.2005 0.2005 0.2005 0.0000  0.0000  0.0000  30  TYR A HH   
418 N  N    . VAL A 31 ? 0.0981 0.0963 0.0640 0.0172  0.0161  0.0034  31  VAL A N    
419 C  CA   . VAL A 31 ? 0.1006 0.1008 0.0742 0.0317  0.0253  0.0257  31  VAL A CA   
420 C  C    . VAL A 31 ? 0.0889 0.0711 0.0560 -0.0011 0.0099  0.0086  31  VAL A C    
421 O  O    . VAL A 31 ? 0.1026 0.0894 0.0717 0.0117  0.0025  -0.0081 31  VAL A O    
422 C  CB   A VAL A 31 ? 0.1169 0.0853 0.0746 0.0130  0.0245  0.0192  31  VAL A CB   
423 C  CB   B VAL A 31 ? 0.0797 0.1003 0.0852 0.0323  0.0376  0.0128  31  VAL A CB   
424 C  CG1  A VAL A 31 ? 0.1606 0.0887 0.0827 0.0088  0.0132  0.0046  31  VAL A CG1  
425 C  CG1  B VAL A 31 ? 0.0602 0.0919 0.0548 0.0103  0.0087  -0.0042 31  VAL A CG1  
426 C  CG2  A VAL A 31 ? 0.1216 0.1001 0.0650 0.0200  0.0238  0.0179  31  VAL A CG2  
427 C  CG2  B VAL A 31 ? 0.0506 0.1054 0.1212 0.0073  0.0438  0.0692  31  VAL A CG2  
428 H  H    . VAL A 31 ? 0.1060 0.1060 0.1060 0.0000  0.0000  0.0000  31  VAL A H    
429 N  N    . ILE A 32 ? 0.0795 0.0759 0.0531 0.0049  0.0035  0.0081  32  ILE A N    
430 C  CA   . ILE A 32 ? 0.0796 0.0697 0.0596 -0.0020 0.0069  0.0067  32  ILE A CA   
431 C  C    . ILE A 32 ? 0.0794 0.0766 0.0533 0.0052  0.0080  0.0093  32  ILE A C    
432 O  O    . ILE A 32 ? 0.0828 0.0903 0.0565 0.0014  -0.0050 0.0173  32  ILE A O    
433 C  CB   . ILE A 32 ? 0.0776 0.0787 0.0486 -0.0027 0.0000  0.0025  32  ILE A CB   
434 C  CG1  . ILE A 32 ? 0.0740 0.0756 0.0585 -0.0049 -0.0050 0.0063  32  ILE A CG1  
435 C  CG2  . ILE A 32 ? 0.0905 0.0784 0.0645 0.0069  0.0063  0.0045  32  ILE A CG2  
436 C  CD1  . ILE A 32 ? 0.0794 0.0771 0.0709 -0.0051 -0.0014 0.0016  32  ILE A CD1  
437 H  H    . ILE A 32 ? 0.0855 0.0855 0.0855 0.0000  0.0000  0.0000  32  ILE A H    
438 H  HA   . ILE A 32 ? 0.0856 0.0856 0.0856 0.0000  0.0000  0.0000  32  ILE A HA   
439 H  HB   . ILE A 32 ? 0.0841 0.0841 0.0841 0.0000  0.0000  0.0000  32  ILE A HB   
440 H  HG12 . ILE A 32 ? 0.0852 0.0852 0.0852 0.0000  0.0000  0.0000  32  ILE A HG12 
441 H  HG13 . ILE A 32 ? 0.0852 0.0852 0.0852 0.0000  0.0000  0.0000  32  ILE A HG13 
442 H  HG21 . ILE A 32 ? 0.1197 0.1197 0.1197 0.0000  0.0000  0.0000  32  ILE A HG21 
443 H  HG22 . ILE A 32 ? 0.1197 0.1197 0.1197 0.0000  0.0000  0.0000  32  ILE A HG22 
444 H  HG23 . ILE A 32 ? 0.1197 0.1197 0.1197 0.0000  0.0000  0.0000  32  ILE A HG23 
445 H  HD11 . ILE A 32 ? 0.1166 0.1166 0.1166 0.0000  0.0000  0.0000  32  ILE A HD11 
446 H  HD12 . ILE A 32 ? 0.1166 0.1166 0.1166 0.0000  0.0000  0.0000  32  ILE A HD12 
447 H  HD13 . ILE A 32 ? 0.1166 0.1166 0.1166 0.0000  0.0000  0.0000  32  ILE A HD13 
448 N  N    . ASP A 33 ? 0.0809 0.0775 0.0504 0.0051  0.0061  0.0129  33  ASP A N    
449 C  CA   . ASP A 33 ? 0.0744 0.0861 0.0571 0.0016  0.0084  0.0112  33  ASP A CA   
450 C  C    . ASP A 33 ? 0.0683 0.0774 0.0568 0.0066  0.0072  0.0087  33  ASP A C    
451 O  O    . ASP A 33 ? 0.0748 0.0866 0.0572 0.0017  -0.0055 0.0129  33  ASP A O    
452 C  CB   . ASP A 33 ? 0.0832 0.0786 0.0720 -0.0038 0.0047  0.0079  33  ASP A CB   
453 C  CG   . ASP A 33 ? 0.0929 0.0961 0.0788 -0.0165 0.0044  0.0007  33  ASP A CG   
454 O  OD1  . ASP A 33 ? 0.1051 0.1118 0.0641 -0.0153 0.0054  0.0012  33  ASP A OD1  
455 O  OD2  . ASP A 33 ? 0.1030 0.1706 0.1073 -0.0540 -0.0136 0.0170  33  ASP A OD2  
456 H  H    . ASP A 33 ? 0.0856 0.0856 0.0856 0.0000  0.0000  0.0000  33  ASP A H    
457 H  HA   . ASP A 33 ? 0.0892 0.0892 0.0892 0.0000  0.0000  0.0000  33  ASP A HA   
458 H  HB2  . ASP A 33 ? 0.0959 0.0959 0.0959 0.0000  0.0000  0.0000  33  ASP A HB2  
459 H  HB3  . ASP A 33 ? 0.0959 0.0959 0.0959 0.0000  0.0000  0.0000  33  ASP A HB3  
460 N  N    . ALA A 34 ? 0.0724 0.0838 0.0568 0.0040  0.0027  0.0092  34  ALA A N    
461 C  CA   . ALA A 34 ? 0.0810 0.0858 0.0523 0.0092  0.0025  0.0134  34  ALA A CA   
462 C  C    . ALA A 34 ? 0.0822 0.0881 0.0508 0.0074  0.0048  0.0114  34  ALA A C    
463 O  O    . ALA A 34 ? 0.0821 0.0872 0.0809 0.0012  0.0131  0.0029  34  ALA A O    
464 C  CB   . ALA A 34 ? 0.0891 0.1001 0.0683 -0.0016 -0.0132 -0.0024 34  ALA A CB   
465 H  H    . ALA A 34 ? 0.0874 0.0874 0.0874 0.0000  0.0000  0.0000  34  ALA A H    
466 H  HA   . ALA A 34 ? 0.0899 0.0899 0.0899 0.0000  0.0000  0.0000  34  ALA A HA   
467 H  HB1  . ALA A 34 ? 0.1320 0.1320 0.1320 0.0000  0.0000  0.0000  34  ALA A HB1  
468 H  HB2  . ALA A 34 ? 0.1320 0.1320 0.1320 0.0000  0.0000  0.0000  34  ALA A HB2  
469 H  HB3  . ALA A 34 ? 0.1320 0.1320 0.1320 0.0000  0.0000  0.0000  34  ALA A HB3  
470 N  N    . ASP A 35 ? 0.0762 0.0798 0.0605 0.0097  0.0140  0.0058  35  ASP A N    
471 C  CA   . ASP A 35 ? 0.0830 0.0958 0.0511 0.0022  0.0058  0.0039  35  ASP A CA   
472 C  C    . ASP A 35 ? 0.0786 0.0844 0.0654 0.0090  0.0058  0.0088  35  ASP A C    
473 O  O    . ASP A 35 ? 0.0890 0.1167 0.0770 0.0105  0.0021  0.0217  35  ASP A O    
474 C  CB   . ASP A 35 ? 0.0754 0.0939 0.0705 -0.0031 -0.0016 0.0163  35  ASP A CB   
475 C  CG   . ASP A 35 ? 0.1136 0.1075 0.0697 0.0036  0.0047  0.0187  35  ASP A CG   
476 O  OD1  . ASP A 35 ? 0.1103 0.1466 0.0673 -0.0006 -0.0069 0.0152  35  ASP A OD1  
477 O  OD2  . ASP A 35 ? 0.1549 0.1084 0.1351 0.0070  -0.0187 0.0465  35  ASP A OD2  
478 H  H    . ASP A 35 ? 0.0888 0.0888 0.0888 0.0000  0.0000  0.0000  35  ASP A H    
479 H  HA   . ASP A 35 ? 0.0942 0.0942 0.0942 0.0000  0.0000  0.0000  35  ASP A HA   
480 H  HB2  . ASP A 35 ? 0.0984 0.0984 0.0984 0.0000  0.0000  0.0000  35  ASP A HB2  
481 H  HB3  . ASP A 35 ? 0.0984 0.0984 0.0984 0.0000  0.0000  0.0000  35  ASP A HB3  
482 N  N    . THR A 36 ? 0.0849 0.0991 0.0559 0.0034  -0.0020 0.0169  36  THR A N    
483 C  CA   . THR A 36 ? 0.0817 0.1121 0.0732 -0.0062 -0.0192 0.0384  36  THR A CA   
484 C  C    . THR A 36 ? 0.0789 0.0972 0.0508 0.0022  0.0015  0.0160  36  THR A C    
485 O  O    . THR A 36 ? 0.0786 0.1048 0.0654 0.0040  0.0087  0.0202  36  THR A O    
486 C  CB   . THR A 36 ? 0.1672 0.1092 0.0833 -0.0726 -0.0657 0.0490  36  THR A CB   
487 O  OG1  . THR A 36 ? 0.1582 0.1369 0.1022 -0.0500 -0.0267 0.0342  36  THR A OG1  
488 C  CG2  . THR A 36 ? 0.1732 0.1500 0.0932 -0.0243 -0.0561 0.0251  36  THR A CG2  
489 H  H    . THR A 36 ? 0.0984 0.0984 0.0984 0.0000  0.0000  0.0000  36  THR A H    
490 H  HA   . THR A 36 ? 0.1096 0.1096 0.1096 0.0000  0.0000  0.0000  36  THR A HA   
491 H  HB   . THR A 36 ? 0.1475 0.1475 0.1475 0.0000  0.0000  0.0000  36  THR A HB   
492 H  HG1  . THR A 36 ? 0.2037 0.2037 0.2037 0.0000  0.0000  0.0000  36  THR A HG1  
493 H  HG21 . THR A 36 ? 0.2134 0.2134 0.2134 0.0000  0.0000  0.0000  36  THR A HG21 
494 H  HG22 . THR A 36 ? 0.2134 0.2134 0.2134 0.0000  0.0000  0.0000  36  THR A HG22 
495 H  HG23 . THR A 36 ? 0.2134 0.2134 0.2134 0.0000  0.0000  0.0000  36  THR A HG23 
496 N  N    . CYS A 37 ? 0.0830 0.0822 0.0587 0.0013  -0.0035 0.0183  37  CYS A N    
497 C  CA   . CYS A 37 ? 0.0795 0.0755 0.0569 0.0085  0.0088  0.0071  37  CYS A CA   
498 C  C    . CYS A 37 ? 0.0720 0.0853 0.0640 0.0132  0.0040  0.0122  37  CYS A C    
499 O  O    . CYS A 37 ? 0.0859 0.0919 0.0563 0.0087  0.0132  0.0119  37  CYS A O    
500 C  CB   . CYS A 37 ? 0.0756 0.0790 0.0670 0.0199  -0.0045 0.0107  37  CYS A CB   
501 S  SG   . CYS A 37 ? 0.0767 0.0851 0.0576 0.0076  0.0045  0.0091  37  CYS A SG   
502 H  H    . CYS A 37 ? 0.0918 0.0918 0.0918 0.0000  0.0000  0.0000  37  CYS A H    
503 H  HA   . CYS A 37 ? 0.0869 0.0869 0.0869 0.0000  0.0000  0.0000  37  CYS A HA   
504 H  HB2  . CYS A 37 ? 0.0909 0.0909 0.0909 0.0000  0.0000  0.0000  37  CYS A HB2  
505 H  HB3  . CYS A 37 ? 0.0909 0.0909 0.0909 0.0000  0.0000  0.0000  37  CYS A HB3  
506 N  N    . ILE A 38 ? 0.0897 0.0880 0.0603 0.0269  0.0098  0.0135  38  ILE A N    
507 C  CA   . ILE A 38 ? 0.0767 0.0909 0.0620 0.0328  0.0152  0.0060  38  ILE A CA   
508 C  C    . ILE A 38 ? 0.0805 0.0894 0.0612 0.0316  0.0066  0.0025  38  ILE A C    
509 O  O    . ILE A 38 ? 0.0890 0.0932 0.0762 0.0236  0.0093  0.0136  38  ILE A O    
510 C  CB   . ILE A 38 ? 0.0774 0.0971 0.0696 0.0199  -0.0009 0.0141  38  ILE A CB   
511 C  CG1  . ILE A 38 ? 0.0790 0.1027 0.0775 0.0262  -0.0023 0.0097  38  ILE A CG1  
512 C  CG2  . ILE A 38 ? 0.0870 0.1072 0.0913 0.0045  0.0125  -0.0037 38  ILE A CG2  
513 C  CD1  . ILE A 38 ? 0.1097 0.1180 0.0790 0.0310  0.0242  0.0154  38  ILE A CD1  
514 H  H    . ILE A 38 ? 0.0976 0.0976 0.0976 0.0000  0.0000  0.0000  38  ILE A H    
515 H  HA   . ILE A 38 ? 0.0941 0.0941 0.0941 0.0000  0.0000  0.0000  38  ILE A HA   
516 H  HB   . ILE A 38 ? 0.1001 0.1001 0.1001 0.0000  0.0000  0.0000  38  ILE A HB   
517 H  HG12 . ILE A 38 ? 0.1063 0.1063 0.1063 0.0000  0.0000  0.0000  38  ILE A HG12 
518 H  HG13 . ILE A 38 ? 0.1063 0.1063 0.1063 0.0000  0.0000  0.0000  38  ILE A HG13 
519 H  HG21 . ILE A 38 ? 0.1464 0.1464 0.1464 0.0000  0.0000  0.0000  38  ILE A HG21 
520 H  HG22 . ILE A 38 ? 0.1464 0.1464 0.1464 0.0000  0.0000  0.0000  38  ILE A HG22 
521 H  HG23 . ILE A 38 ? 0.1464 0.1464 0.1464 0.0000  0.0000  0.0000  38  ILE A HG23 
522 H  HD11 . ILE A 38 ? 0.1572 0.1572 0.1572 0.0000  0.0000  0.0000  38  ILE A HD11 
523 H  HD12 . ILE A 38 ? 0.1572 0.1572 0.1572 0.0000  0.0000  0.0000  38  ILE A HD12 
524 H  HD13 . ILE A 38 ? 0.1572 0.1572 0.1572 0.0000  0.0000  0.0000  38  ILE A HD13 
525 N  N    . ASP A 39 ? 0.0861 0.0746 0.0802 0.0155  0.0087  0.0080  39  ASP A N    
526 C  CA   . ASP A 39 ? 0.0816 0.0864 0.0882 0.0101  0.0083  0.0086  39  ASP A CA   
527 C  C    . ASP A 39 ? 0.0900 0.0959 0.0973 -0.0035 0.0125  0.0110  39  ASP A C    
528 O  O    . ASP A 39 ? 0.1323 0.1016 0.1246 -0.0121 0.0066  0.0228  39  ASP A O    
529 C  CB   . ASP A 39 ? 0.0920 0.0984 0.0935 0.0061  0.0023  0.0084  39  ASP A CB   
530 C  CG   . ASP A 39 ? 0.0859 0.0931 0.0943 0.0055  0.0133  -0.0095 39  ASP A CG   
531 O  OD1  . ASP A 39 ? 0.1044 0.1045 0.0905 0.0188  0.0174  0.0104  39  ASP A OD1  
532 O  OD2  . ASP A 39 ? 0.1256 0.1076 0.1113 0.0262  0.0414  0.0101  39  ASP A OD2  
533 H  H    . ASP A 39 ? 0.0988 0.0988 0.0988 0.0000  0.0000  0.0000  39  ASP A H    
534 H  HA   . ASP A 39 ? 0.1051 0.1051 0.1051 0.0000  0.0000  0.0000  39  ASP A HA   
535 H  HB2  . ASP A 39 ? 0.1164 0.1164 0.1164 0.0000  0.0000  0.0000  39  ASP A HB2  
536 H  HB3  . ASP A 39 ? 0.1164 0.1164 0.1164 0.0000  0.0000  0.0000  39  ASP A HB3  
537 N  N    . CYS A 40 ? 0.0876 0.0857 0.0974 0.0323  0.0120  0.0193  40  CYS A N    
538 C  CA   . CYS A 40 ? 0.1051 0.0908 0.0850 0.0311  0.0285  0.0252  40  CYS A CA   
539 C  C    . CYS A 40 ? 0.0990 0.0885 0.0992 0.0174  0.0160  0.0150  40  CYS A C    
540 O  O    . CYS A 40 ? 0.1213 0.1044 0.1252 0.0231  0.0243  0.0516  40  CYS A O    
541 C  CB   . CYS A 40 ? 0.0866 0.1021 0.1032 0.0258  0.0137  0.0366  40  CYS A CB   
542 S  SG   . CYS A 40 ? 0.0847 0.1001 0.0883 0.0161  0.0011  0.0283  40  CYS A SG   
543 H  H    . CYS A 40 ? 0.1111 0.1111 0.1111 0.0000  0.0000  0.0000  40  CYS A H    
544 H  HA   . CYS A 40 ? 0.1153 0.1153 0.1153 0.0000  0.0000  0.0000  40  CYS A HA   
545 H  HB2  . CYS A 40 ? 0.1197 0.1197 0.1197 0.0000  0.0000  0.0000  40  CYS A HB2  
546 H  HB3  . CYS A 40 ? 0.1197 0.1197 0.1197 0.0000  0.0000  0.0000  40  CYS A HB3  
547 N  N    . GLY A 41 ? 0.0888 0.0775 0.0915 0.0089  0.0198  0.0105  41  GLY A N    
548 C  CA   . GLY A 41 ? 0.0936 0.0732 0.0907 -0.0119 0.0159  0.0016  41  GLY A CA   
549 C  C    . GLY A 41 ? 0.0903 0.0745 0.0747 0.0142  -0.0004 0.0203  41  GLY A C    
550 O  O    . GLY A 41 ? 0.0890 0.1011 0.0813 0.0059  0.0189  0.0140  41  GLY A O    
551 H  H    . GLY A 41 ? 0.1058 0.1058 0.1058 0.0000  0.0000  0.0000  41  GLY A H    
552 H  HA2  . GLY A 41 ? 0.1056 0.1056 0.1056 0.0000  0.0000  0.0000  41  GLY A HA2  
553 H  HA3  . GLY A 41 ? 0.1056 0.1056 0.1056 0.0000  0.0000  0.0000  41  GLY A HA3  
554 N  N    . ALA A 42 ? 0.0880 0.0826 0.0715 0.0117  0.0022  0.0179  42  ALA A N    
555 C  CA   . ALA A 42 ? 0.0992 0.0931 0.0601 0.0045  0.0043  0.0261  42  ALA A CA   
556 C  C    . ALA A 42 ? 0.0821 0.0958 0.0602 -0.0034 0.0102  0.0156  42  ALA A C    
557 O  O    . ALA A 42 ? 0.0937 0.1010 0.0706 -0.0017 0.0143  0.0227  42  ALA A O    
558 C  CB   . ALA A 42 ? 0.0894 0.1197 0.0745 0.0143  -0.0045 0.0168  42  ALA A CB   
559 H  H    . ALA A 42 ? 0.0993 0.0993 0.0993 0.0000  0.0000  0.0000  42  ALA A H    
560 H  HA   . ALA A 42 ? 0.1035 0.1035 0.1035 0.0000  0.0000  0.0000  42  ALA A HA   
561 H  HB1  . ALA A 42 ? 0.1454 0.1454 0.1454 0.0000  0.0000  0.0000  42  ALA A HB1  
562 H  HB2  . ALA A 42 ? 0.1454 0.1454 0.1454 0.0000  0.0000  0.0000  42  ALA A HB2  
563 H  HB3  . ALA A 42 ? 0.1454 0.1454 0.1454 0.0000  0.0000  0.0000  42  ALA A HB3  
564 N  N    . CYS A 43 ? 0.0739 0.0921 0.0617 -0.0045 0.0134  0.0155  43  CYS A N    
565 C  CA   . CYS A 43 ? 0.0814 0.0840 0.0522 0.0002  0.0037  0.0053  43  CYS A CA   
566 C  C    . CYS A 43 ? 0.0762 0.0894 0.0562 0.0030  -0.0007 0.0136  43  CYS A C    
567 O  O    . CYS A 43 ? 0.0843 0.0982 0.0666 0.0039  0.0115  -0.0042 43  CYS A O    
568 C  CB   . CYS A 43 ? 0.0787 0.0845 0.0595 0.0031  0.0106  0.0116  43  CYS A CB   
569 S  SG   . CYS A 43 ? 0.0788 0.0890 0.0563 0.0026  -0.0003 0.0149  43  CYS A SG   
570 H  H    . CYS A 43 ? 0.0935 0.0935 0.0935 0.0000  0.0000  0.0000  43  CYS A H    
571 H  HA   . CYS A 43 ? 0.0893 0.0893 0.0893 0.0000  0.0000  0.0000  43  CYS A HA   
572 H  HB2  . CYS A 43 ? 0.0913 0.0913 0.0913 0.0000  0.0000  0.0000  43  CYS A HB2  
573 H  HB3  . CYS A 43 ? 0.0913 0.0913 0.0913 0.0000  0.0000  0.0000  43  CYS A HB3  
574 N  N    . ALA A 44 ? 0.0779 0.0886 0.0573 -0.0045 0.0081  0.0117  44  ALA A N    
575 C  CA   . ALA A 44 ? 0.0812 0.0801 0.0597 -0.0054 -0.0031 0.0140  44  ALA A CA   
576 C  C    . ALA A 44 ? 0.0875 0.0859 0.0505 0.0071  0.0103  0.0148  44  ALA A C    
577 O  O    . ALA A 44 ? 0.0882 0.0872 0.0698 0.0076  0.0118  0.0149  44  ALA A O    
578 C  CB   . ALA A 44 ? 0.1037 0.0938 0.0623 -0.0005 -0.0024 0.0063  44  ALA A CB   
579 H  H    . ALA A 44 ? 0.0918 0.0918 0.0918 0.0000  0.0000  0.0000  44  ALA A H    
580 H  HA   . ALA A 44 ? 0.0906 0.0906 0.0906 0.0000  0.0000  0.0000  44  ALA A HA   
581 H  HB1  . ALA A 44 ? 0.1332 0.1332 0.1332 0.0000  0.0000  0.0000  44  ALA A HB1  
582 H  HB2  . ALA A 44 ? 0.1332 0.1332 0.1332 0.0000  0.0000  0.0000  44  ALA A HB2  
583 H  HB3  . ALA A 44 ? 0.1332 0.1332 0.1332 0.0000  0.0000  0.0000  44  ALA A HB3  
584 N  N    . GLY A 45 ? 0.0798 0.0925 0.0513 0.0019  0.0082  0.0167  45  GLY A N    
585 C  CA   . GLY A 45 ? 0.1067 0.0878 0.0666 0.0135  0.0152  0.0196  45  GLY A CA   
586 C  C    . GLY A 45 ? 0.0934 0.0811 0.0539 0.0122  0.0100  0.0127  45  GLY A C    
587 O  O    . GLY A 45 ? 0.1495 0.0866 0.0711 0.0150  0.0362  0.0179  45  GLY A O    
588 H  H    . GLY A 45 ? 0.0917 0.0917 0.0917 0.0000  0.0000  0.0000  45  GLY A H    
589 H  HA2  . GLY A 45 ? 0.1071 0.1071 0.1071 0.0000  0.0000  0.0000  45  GLY A HA2  
590 H  HA3  . GLY A 45 ? 0.1071 0.1071 0.1071 0.0000  0.0000  0.0000  45  GLY A HA3  
591 N  N    . VAL A 46 ? 0.0825 0.0844 0.0527 -0.0034 0.0006  0.0151  46  VAL A N    
592 C  CA   . VAL A 46 ? 0.0854 0.0892 0.0546 0.0009  0.0021  0.0092  46  VAL A CA   
593 C  C    . VAL A 46 ? 0.0884 0.0684 0.0578 -0.0004 0.0133  0.0200  46  VAL A C    
594 O  O    . VAL A 46 ? 0.1017 0.0947 0.0578 0.0145  0.0025  0.0078  46  VAL A O    
595 C  CB   . VAL A 46 ? 0.1004 0.0942 0.0560 -0.0033 -0.0041 -0.0015 46  VAL A CB   
596 C  CG1  . VAL A 46 ? 0.0880 0.1043 0.0735 0.0088  -0.0040 -0.0018 46  VAL A CG1  
597 C  CG2  . VAL A 46 ? 0.1081 0.1021 0.0731 -0.0127 0.0018  0.0113  46  VAL A CG2  
598 H  H    . VAL A 46 ? 0.0900 0.0900 0.0900 0.0000  0.0000  0.0000  46  VAL A H    
599 H  HA   . VAL A 46 ? 0.0940 0.0940 0.0940 0.0000  0.0000  0.0000  46  VAL A HA   
600 H  HB   . VAL A 46 ? 0.1027 0.1027 0.1027 0.0000  0.0000  0.0000  46  VAL A HB   
601 H  HG11 . VAL A 46 ? 0.1362 0.1362 0.1362 0.0000  0.0000  0.0000  46  VAL A HG11 
602 H  HG12 . VAL A 46 ? 0.1362 0.1362 0.1362 0.0000  0.0000  0.0000  46  VAL A HG12 
603 H  HG13 . VAL A 46 ? 0.1362 0.1362 0.1362 0.0000  0.0000  0.0000  46  VAL A HG13 
604 H  HG21 . VAL A 46 ? 0.1453 0.1453 0.1453 0.0000  0.0000  0.0000  46  VAL A HG21 
605 H  HG22 . VAL A 46 ? 0.1453 0.1453 0.1453 0.0000  0.0000  0.0000  46  VAL A HG22 
606 H  HG23 . VAL A 46 ? 0.1453 0.1453 0.1453 0.0000  0.0000  0.0000  46  VAL A HG23 
607 N  N    . CYS A 47 ? 0.0818 0.0704 0.0578 0.0041  0.0089  0.0077  47  CYS A N    
608 C  CA   . CYS A 47 ? 0.0869 0.0753 0.0485 0.0039  -0.0023 0.0134  47  CYS A CA   
609 C  C    . CYS A 47 ? 0.0899 0.0819 0.0551 -0.0144 -0.0023 0.0135  47  CYS A C    
610 O  O    . CYS A 47 ? 0.0903 0.0885 0.0628 -0.0072 -0.0005 0.0139  47  CYS A O    
611 C  CB   . CYS A 47 ? 0.0771 0.0803 0.0500 0.0043  0.0080  0.0034  47  CYS A CB   
612 S  SG   . CYS A 47 ? 0.0854 0.0843 0.0534 0.0021  0.0020  0.0123  47  CYS A SG   
613 H  H    . CYS A 47 ? 0.0861 0.0861 0.0861 0.0000  0.0000  0.0000  47  CYS A H    
614 H  HA   . CYS A 47 ? 0.0864 0.0864 0.0864 0.0000  0.0000  0.0000  47  CYS A HA   
615 H  HB2  . CYS A 47 ? 0.0851 0.0851 0.0851 0.0000  0.0000  0.0000  47  CYS A HB2  
616 H  HB3  . CYS A 47 ? 0.0851 0.0851 0.0851 0.0000  0.0000  0.0000  47  CYS A HB3  
617 N  N    . PRO A 48 ? 0.0916 0.0883 0.0618 -0.0034 0.0074  0.0151  48  PRO A N    
618 C  CA   . PRO A 48 ? 0.0899 0.1037 0.0741 -0.0065 0.0102  0.0186  48  PRO A CA   
619 C  C    . PRO A 48 ? 0.0970 0.0992 0.0797 0.0002  0.0078  0.0209  48  PRO A C    
620 O  O    . PRO A 48 ? 0.1200 0.1296 0.1009 -0.0361 -0.0067 0.0456  48  PRO A O    
621 C  CB   . PRO A 48 ? 0.0857 0.1153 0.0836 0.0108  0.0020  0.0099  48  PRO A CB   
622 C  CG   . PRO A 48 ? 0.0873 0.1073 0.0667 0.0087  0.0159  0.0035  48  PRO A CG   
623 C  CD   . PRO A 48 ? 0.1017 0.0855 0.0629 0.0133  -0.0001 0.0062  48  PRO A CD   
624 H  HA   . PRO A 48 ? 0.1098 0.1098 0.1098 0.0000  0.0000  0.0000  48  PRO A HA   
625 H  HB2  . PRO A 48 ? 0.1166 0.1166 0.1166 0.0000  0.0000  0.0000  48  PRO A HB2  
626 H  HB3  . PRO A 48 ? 0.1166 0.1166 0.1166 0.0000  0.0000  0.0000  48  PRO A HB3  
627 H  HG2  . PRO A 48 ? 0.1071 0.1071 0.1071 0.0000  0.0000  0.0000  48  PRO A HG2  
628 H  HG3  . PRO A 48 ? 0.1071 0.1071 0.1071 0.0000  0.0000  0.0000  48  PRO A HG3  
629 H  HD2  . PRO A 48 ? 0.1026 0.1026 0.1026 0.0000  0.0000  0.0000  48  PRO A HD2  
630 H  HD3  . PRO A 48 ? 0.1026 0.1026 0.1026 0.0000  0.0000  0.0000  48  PRO A HD3  
631 N  N    . VAL A 49 ? 0.0879 0.1053 0.0766 -0.0134 0.0029  0.0330  49  VAL A N    
632 C  CA   . VAL A 49 ? 0.0984 0.1159 0.0814 -0.0154 -0.0002 0.0216  49  VAL A CA   
633 C  C    . VAL A 49 ? 0.1012 0.0971 0.0837 -0.0112 -0.0115 0.0245  49  VAL A C    
634 O  O    . VAL A 49 ? 0.1104 0.1614 0.0783 -0.0298 -0.0187 0.0264  49  VAL A O    
635 C  CB   . VAL A 49 ? 0.0896 0.1237 0.0950 0.0018  -0.0010 0.0203  49  VAL A CB   
636 C  CG1  . VAL A 49 ? 0.1098 0.1708 0.1023 0.0180  0.0264  0.0363  49  VAL A CG1  
637 C  CG2  . VAL A 49 ? 0.1079 0.1362 0.1407 0.0060  0.0249  0.0683  49  VAL A CG2  
638 H  H    . VAL A 49 ? 0.1107 0.1107 0.1107 0.0000  0.0000  0.0000  49  VAL A H    
639 H  HA   . VAL A 49 ? 0.1212 0.1212 0.1212 0.0000  0.0000  0.0000  49  VAL A HA   
640 H  HB   . VAL A 49 ? 0.1264 0.1264 0.1264 0.0000  0.0000  0.0000  49  VAL A HB   
641 H  HG11 . VAL A 49 ? 0.1964 0.1964 0.1964 0.0000  0.0000  0.0000  49  VAL A HG11 
642 H  HG12 . VAL A 49 ? 0.1964 0.1964 0.1964 0.0000  0.0000  0.0000  49  VAL A HG12 
643 H  HG13 . VAL A 49 ? 0.1964 0.1964 0.1964 0.0000  0.0000  0.0000  49  VAL A HG13 
644 H  HG21 . VAL A 49 ? 0.1972 0.1972 0.1972 0.0000  0.0000  0.0000  49  VAL A HG21 
645 H  HG22 . VAL A 49 ? 0.1972 0.1972 0.1972 0.0000  0.0000  0.0000  49  VAL A HG22 
646 H  HG23 . VAL A 49 ? 0.1972 0.1972 0.1972 0.0000  0.0000  0.0000  49  VAL A HG23 
647 N  N    . ASP A 50 ? 0.1005 0.0954 0.0696 -0.0117 -0.0011 0.0190  50  ASP A N    
648 C  CA   . ASP A 50 ? 0.1061 0.0758 0.0748 -0.0078 -0.0220 0.0045  50  ASP A CA   
649 C  C    . ASP A 50 ? 0.1028 0.0929 0.0719 -0.0380 -0.0026 0.0045  50  ASP A C    
650 O  O    . ASP A 50 ? 0.1327 0.1065 0.0760 -0.0305 -0.0234 0.0022  50  ASP A O    
651 C  CB   . ASP A 50 ? 0.1296 0.0894 0.0927 -0.0237 -0.0203 0.0120  50  ASP A CB   
652 C  CG   . ASP A 50 ? 0.1478 0.0910 0.0764 -0.0315 -0.0146 -0.0047 50  ASP A CG   
653 O  OD1  . ASP A 50 ? 0.1442 0.1099 0.1170 -0.0153 0.0243  -0.0193 50  ASP A OD1  
654 O  OD2  . ASP A 50 ? 0.2316 0.1575 0.1345 -0.0428 -0.0175 -0.0445 50  ASP A OD2  
655 H  H    . ASP A 50 ? 0.1089 0.1089 0.1089 0.0000  0.0000  0.0000  50  ASP A H    
656 H  HA   . ASP A 50 ? 0.1052 0.1052 0.1052 0.0000  0.0000  0.0000  50  ASP A HA   
657 H  HB2  . ASP A 50 ? 0.1278 0.1278 0.1278 0.0000  0.0000  0.0000  50  ASP A HB2  
658 H  HB3  . ASP A 50 ? 0.1278 0.1278 0.1278 0.0000  0.0000  0.0000  50  ASP A HB3  
659 N  N    . ALA A 51 ? 0.0867 0.0828 0.0536 -0.0192 0.0011  0.0132  51  ALA A N    
660 C  CA   . ALA A 51 ? 0.0726 0.0889 0.0641 -0.0080 0.0074  0.0161  51  ALA A CA   
661 C  C    . ALA A 51 ? 0.0953 0.0861 0.0463 0.0016  0.0022  0.0118  51  ALA A C    
662 O  O    . ALA A 51 ? 0.0821 0.0956 0.0627 0.0005  -0.0022 0.0086  51  ALA A O    
663 C  CB   . ALA A 51 ? 0.0808 0.0856 0.0729 0.0130  0.0084  0.0150  51  ALA A CB   
664 H  H    . ALA A 51 ? 0.0914 0.0914 0.0914 0.0000  0.0000  0.0000  51  ALA A H    
665 H  HA   . ALA A 51 ? 0.0926 0.0926 0.0926 0.0000  0.0000  0.0000  51  ALA A HA   
666 H  HB1  . ALA A 51 ? 0.1227 0.1227 0.1227 0.0000  0.0000  0.0000  51  ALA A HB1  
667 H  HB2  . ALA A 51 ? 0.1227 0.1227 0.1227 0.0000  0.0000  0.0000  51  ALA A HB2  
668 H  HB3  . ALA A 51 ? 0.1227 0.1227 0.1227 0.0000  0.0000  0.0000  51  ALA A HB3  
669 N  N    . PRO A 52 ? 0.0902 0.0699 0.0487 0.0042  -0.0016 0.0058  52  PRO A N    
670 C  CA   . PRO A 52 ? 0.0875 0.0665 0.0587 -0.0067 -0.0055 0.0047  52  PRO A CA   
671 C  C    . PRO A 52 ? 0.0815 0.0846 0.0534 0.0108  -0.0058 0.0077  52  PRO A C    
672 O  O    . PRO A 52 ? 0.1109 0.0775 0.0618 0.0028  -0.0108 0.0096  52  PRO A O    
673 C  CB   . PRO A 52 ? 0.0848 0.0735 0.0659 0.0084  -0.0084 0.0085  52  PRO A CB   
674 C  CG   . PRO A 52 ? 0.0824 0.0959 0.0686 -0.0076 -0.0066 0.0024  52  PRO A CG   
675 C  CD   . PRO A 52 ? 0.0763 0.0791 0.0544 -0.0062 -0.0038 0.0101  52  PRO A CD   
676 H  HA   . PRO A 52 ? 0.0873 0.0873 0.0873 0.0000  0.0000  0.0000  52  PRO A HA   
677 H  HB2  . PRO A 52 ? 0.0919 0.0919 0.0919 0.0000  0.0000  0.0000  52  PRO A HB2  
678 H  HB3  . PRO A 52 ? 0.0919 0.0919 0.0919 0.0000  0.0000  0.0000  52  PRO A HB3  
679 H  HG2  . PRO A 52 ? 0.1013 0.1013 0.1013 0.0000  0.0000  0.0000  52  PRO A HG2  
680 H  HG3  . PRO A 52 ? 0.1013 0.1013 0.1013 0.0000  0.0000  0.0000  52  PRO A HG3  
681 H  HD2  . PRO A 52 ? 0.0860 0.0860 0.0860 0.0000  0.0000  0.0000  52  PRO A HD2  
682 H  HD3  . PRO A 52 ? 0.0860 0.0860 0.0860 0.0000  0.0000  0.0000  52  PRO A HD3  
683 N  N    . VAL A 53 ? 0.0791 0.0644 0.0619 0.0069  -0.0021 0.0082  53  VAL A N    
684 C  CA   . VAL A 53 ? 0.0838 0.0772 0.0620 0.0010  0.0055  0.0071  53  VAL A CA   
685 C  C    . VAL A 53 ? 0.0784 0.0862 0.0705 0.0069  0.0049  0.0003  53  VAL A C    
686 O  O    . VAL A 53 ? 0.0893 0.0797 0.0787 -0.0108 0.0147  0.0042  53  VAL A O    
687 C  CB   . VAL A 53 ? 0.0917 0.0963 0.0620 -0.0109 -0.0008 -0.0076 53  VAL A CB   
688 C  CG1  . VAL A 53 ? 0.0868 0.1254 0.0921 -0.0191 0.0102  0.0064  53  VAL A CG1  
689 C  CG2  . VAL A 53 ? 0.0907 0.1176 0.0790 -0.0026 -0.0093 0.0091  53  VAL A CG2  
690 H  H    . VAL A 53 ? 0.0842 0.0842 0.0842 0.0000  0.0000  0.0000  53  VAL A H    
691 H  HA   . VAL A 53 ? 0.0914 0.0914 0.0914 0.0000  0.0000  0.0000  53  VAL A HA   
692 H  HB   . VAL A 53 ? 0.1025 0.1025 0.1025 0.0000  0.0000  0.0000  53  VAL A HB   
693 H  HG11 . VAL A 53 ? 0.1559 0.1559 0.1559 0.0000  0.0000  0.0000  53  VAL A HG11 
694 H  HG12 . VAL A 53 ? 0.1559 0.1559 0.1559 0.0000  0.0000  0.0000  53  VAL A HG12 
695 H  HG13 . VAL A 53 ? 0.1559 0.1559 0.1559 0.0000  0.0000  0.0000  53  VAL A HG13 
696 H  HG21 . VAL A 53 ? 0.1472 0.1472 0.1472 0.0000  0.0000  0.0000  53  VAL A HG21 
697 H  HG22 . VAL A 53 ? 0.1472 0.1472 0.1472 0.0000  0.0000  0.0000  53  VAL A HG22 
698 H  HG23 . VAL A 53 ? 0.1472 0.1472 0.1472 0.0000  0.0000  0.0000  53  VAL A HG23 
699 N  N    . GLN A 54 ? 0.0933 0.0851 0.0747 0.0099  0.0099  -0.0097 54  GLN A N    
700 C  CA   . GLN A 54 ? 0.0869 0.0723 0.0737 0.0072  0.0086  0.0015  54  GLN A CA   
701 C  C    . GLN A 54 ? 0.0883 0.0740 0.0745 -0.0056 0.0075  0.0015  54  GLN A C    
702 O  O    . GLN A 54 ? 0.1064 0.0931 0.0842 -0.0233 -0.0193 0.0191  54  GLN A O    
703 C  CB   . GLN A 54 ? 0.1035 0.0795 0.0953 0.0130  0.0192  0.0000  54  GLN A CB   
704 C  CG   A GLN A 54 ? 0.1093 0.1004 0.0964 0.0005  0.0193  -0.0256 54  GLN A CG   
705 C  CG   B GLN A 54 ? 0.1137 0.0784 0.0774 0.0165  0.0179  -0.0006 54  GLN A CG   
706 C  CD   A GLN A 54 ? 0.1107 0.0937 0.0688 0.0033  0.0016  0.0084  54  GLN A CD   
707 C  CD   B GLN A 54 ? 0.1035 0.0588 0.0812 0.0038  0.0301  0.0045  54  GLN A CD   
708 O  OE1  A GLN A 54 ? 0.1331 0.1104 0.0947 0.0231  -0.0025 0.0079  54  GLN A OE1  
709 O  OE1  B GLN A 54 ? 0.1419 0.1243 0.0547 0.0499  0.0436  0.0127  54  GLN A OE1  
710 N  NE2  A GLN A 54 ? 0.1076 0.0965 0.0937 0.0125  0.0120  0.0143  54  GLN A NE2  
711 N  NE2  B GLN A 54 ? 0.1325 0.0693 0.0667 0.0275  0.0434  0.0205  54  GLN A NE2  
712 H  H    . GLN A 54 ? 0.1039 0.1039 0.1039 0.0000  0.0000  0.0000  54  GLN A H    
713 H  HA   . GLN A 54 ? 0.0955 0.0955 0.0955 0.0000  0.0000  0.0000  54  GLN A HA   
714 H  HB2  . GLN A 54 ? 0.1141 0.1141 0.1141 0.0000  0.0000  0.0000  54  GLN A HB2  
715 H  HB3  . GLN A 54 ? 0.1141 0.1141 0.1141 0.0000  0.0000  0.0000  54  GLN A HB3  
716 N  N    . ALA A 55 ? 0.0894 0.0911 0.0798 -0.0117 -0.0072 0.0116  55  ALA A N    
717 C  CA   . ALA A 55 ? 0.1065 0.1041 0.0846 -0.0142 -0.0058 0.0250  55  ALA A CA   
718 C  C    . ALA A 55 ? 0.1183 0.1049 0.0840 0.0036  -0.0096 0.0204  55  ALA A C    
719 O  O    . ALA A 55 ? 0.1086 0.1105 0.0825 -0.0081 0.0014  0.0048  55  ALA A O    
720 C  CB   . ALA A 55 ? 0.1262 0.1058 0.1388 -0.0018 0.0138  0.0497  55  ALA A CB   
721 O  OXT  . ALA A 55 ? 0.1206 0.1412 0.1061 -0.0040 0.0140  0.0406  55  ALA A OXT  
722 H  H    . ALA A 55 ? 0.1068 0.1068 0.1068 0.0000  0.0000  0.0000  55  ALA A H    
723 H  HA   . ALA A 55 ? 0.1211 0.1211 0.1211 0.0000  0.0000  0.0000  55  ALA A HA   
724 H  HB1  . ALA A 55 ? 0.1901 0.1901 0.1901 0.0000  0.0000  0.0000  55  ALA A HB1  
725 H  HB2  . ALA A 55 ? 0.1901 0.1901 0.1901 0.0000  0.0000  0.0000  55  ALA A HB2  
726 H  HB3  . ALA A 55 ? 0.1901 0.1901 0.1901 0.0000  0.0000  0.0000  55  ALA A HB3  
727 FE FE1  . SF4 B .  ? 0.0878 0.0777 0.0629 0.0143  0.0113  0.0137  61  SF4 A FE1  
728 FE FE2  . SF4 B .  ? 0.0917 0.0813 0.0575 0.0078  0.0128  0.0061  61  SF4 A FE2  
729 FE FE3  . SF4 B .  ? 0.0823 0.0778 0.0576 0.0056  0.0087  0.0068  61  SF4 A FE3  
730 FE FE4  . SF4 B .  ? 0.0826 0.0759 0.0588 0.0057  0.0059  0.0116  61  SF4 A FE4  
731 S  S1   . SF4 B .  ? 0.0829 0.0840 0.0562 0.0035  0.0016  0.0099  61  SF4 A S1   
732 S  S2   . SF4 B .  ? 0.0845 0.0807 0.0571 0.0088  0.0094  0.0085  61  SF4 A S2   
733 S  S3   . SF4 B .  ? 0.0871 0.0895 0.0698 0.0118  0.0155  0.0171  61  SF4 A S3   
734 S  S4   . SF4 B .  ? 0.0981 0.0807 0.0631 0.0070  0.0125  0.0054  61  SF4 A S4   
735 FE FE1  . SF4 C .  ? 0.0751 0.0826 0.0558 0.0068  0.0062  0.0113  62  SF4 A FE1  
736 FE FE2  . SF4 C .  ? 0.0778 0.0853 0.0629 0.0111  0.0018  0.0154  62  SF4 A FE2  
737 FE FE3  . SF4 C .  ? 0.0740 0.0821 0.0563 0.0063  0.0052  0.0148  62  SF4 A FE3  
738 FE FE4  . SF4 C .  ? 0.0779 0.0869 0.0550 0.0059  0.0021  0.0105  62  SF4 A FE4  
739 S  S1   . SF4 C .  ? 0.0787 0.0922 0.0588 0.0058  0.0025  0.0177  62  SF4 A S1   
740 S  S2   . SF4 C .  ? 0.0819 0.0820 0.0547 0.0050  0.0059  0.0153  62  SF4 A S2   
741 S  S3   . SF4 C .  ? 0.0748 0.0886 0.0604 0.0081  0.0049  0.0091  62  SF4 A S3   
742 S  S4   . SF4 C .  ? 0.0789 0.0803 0.0652 0.0073  0.0022  0.0141  62  SF4 A S4   
743 O  O    . HOH D .  ? 0.0923 0.0809 0.0638 -0.0037 0.0041  0.0133  101 HOH A O    
744 O  O    . HOH D .  ? 0.0990 0.0816 0.0604 0.0013  -0.0086 0.0055  102 HOH A O    
745 O  O    . HOH D .  ? 0.0853 0.0816 0.0955 0.0107  0.0060  0.0151  103 HOH A O    
746 O  O    . HOH D .  ? 0.0880 0.1002 0.0846 0.0073  -0.0041 0.0135  104 HOH A O    
747 O  O    . HOH D .  ? 0.1138 0.0935 0.0698 -0.0006 0.0021  0.0092  105 HOH A O    
748 O  O    . HOH D .  ? 0.1036 0.1322 0.0795 -0.0228 -0.0136 0.0142  106 HOH A O    
749 O  O    . HOH D .  ? 0.0895 0.1041 0.0913 0.0202  0.0047  0.0248  107 HOH A O    
750 O  O    . HOH D .  ? 0.1021 0.1503 0.0657 0.0038  0.0105  0.0007  108 HOH A O    
751 O  O    . HOH D .  ? 0.1754 0.0979 0.0964 -0.0149 -0.0012 -0.0022 109 HOH A O    
752 O  O    . HOH D .  ? 0.1390 0.1288 0.0887 -0.0347 -0.0144 0.0301  110 HOH A O    
753 O  O    . HOH D .  ? 0.0970 0.0908 0.0521 0.0190  0.0242  0.0029  111 HOH A O    
754 O  O    . HOH D .  ? 0.1237 0.1614 0.0853 -0.0036 -0.0038 0.0048  112 HOH A O    
755 O  O    . HOH D .  ? 0.1891 0.1150 0.0928 0.0050  0.0160  0.0064  113 HOH A O    
756 O  O    . HOH D .  ? 0.1603 0.1153 0.1236 -0.0109 0.0178  0.0289  114 HOH A O    
757 O  O    . HOH D .  ? 0.1346 0.1760 0.0896 -0.0060 0.0098  0.0308  115 HOH A O    
758 O  O    . HOH D .  ? 0.1486 0.1385 0.1476 -0.0064 0.0001  0.0053  116 HOH A O    
759 O  O    . HOH D .  ? 0.1320 0.2327 0.1039 -0.0097 0.0002  0.0300  117 HOH A O    
760 O  O    . HOH D .  ? 0.1351 0.1038 0.1190 -0.0172 -0.0266 -0.0043 118 HOH A O    
761 O  O    . HOH D .  ? 0.1711 0.1778 0.1148 0.0470  0.0315  0.0661  119 HOH A O    
762 O  O    . HOH D .  ? 0.1057 0.2988 0.1047 -0.0272 -0.0003 0.0346  120 HOH A O    
763 O  O    . HOH D .  ? 0.1552 0.2043 0.1139 -0.0365 -0.0014 0.0320  121 HOH A O    
764 O  O    . HOH D .  ? 0.1589 0.1436 0.1624 -0.0371 -0.0482 0.0365  122 HOH A O    
765 O  O    . HOH D .  ? 0.1776 0.2010 0.1383 0.0131  -0.0163 0.0831  123 HOH A O    
766 O  O    . HOH D .  ? 0.1239 0.2840 0.1050 0.0640  -0.0098 -0.0825 124 HOH A O    
767 O  O    . HOH D .  ? 0.1194 0.1504 0.1814 0.0012  -0.0377 -0.0160 125 HOH A O    
768 O  O    . HOH D .  ? 0.1470 0.2132 0.0774 -0.0716 -0.0276 0.0097  126 HOH A O    
769 O  O    . HOH D .  ? 0.2013 0.1622 0.0982 -0.0166 -0.0104 -0.0224 127 HOH A O    
770 O  O    . HOH D .  ? 0.1587 0.1140 0.1338 0.0132  -0.0265 0.0273  128 HOH A O    
771 O  O    . HOH D .  ? 0.2703 0.1568 0.1795 0.0029  -0.0928 0.0228  129 HOH A O    
772 O  O    . HOH D .  ? 0.2341 0.2070 0.1910 0.0717  0.0795  0.0689  130 HOH A O    
773 O  O    . HOH D .  ? 0.2081 0.1366 0.2941 -0.0152 -0.1155 0.0178  131 HOH A O    
774 O  O    . HOH D .  ? 0.2622 0.2605 0.0930 -0.0572 -0.0192 0.0000  132 HOH A O    
775 O  O    . HOH D .  ? 0.2236 0.2626 0.0932 -0.0212 0.0370  -0.0196 133 HOH A O    
776 O  O    . HOH D .  ? 0.2418 0.2839 0.1634 0.0898  0.0072  -0.0111 134 HOH A O    
777 O  O    . HOH D .  ? 0.3410 0.1895 0.2253 0.0304  -0.1211 -0.0453 135 HOH A O    
778 O  O    . HOH D .  ? 0.2683 0.2825 0.1685 -0.1971 0.0472  0.0052  136 HOH A O    
779 O  O    . HOH D .  ? 0.1796 0.2667 0.2071 0.0016  -0.0368 0.0719  137 HOH A O    
780 O  O    . HOH D .  ? 0.3319 0.1562 0.2028 0.0314  -0.0184 0.0045  138 HOH A O    
781 O  O    . HOH D .  ? 0.2981 0.2137 0.0994 0.0357  -0.0038 0.0402  139 HOH A O    
782 O  O    . HOH D .  ? 0.3366 0.2282 0.2469 0.1360  -0.1080 -0.0660 140 HOH A O    
783 O  O    . HOH D .  ? 0.1679 0.1822 0.3083 -0.0183 -0.0206 -0.1231 141 HOH A O    
784 O  O    . HOH D .  ? 0.1691 0.2195 0.1675 -0.0459 0.0363  -0.0722 142 HOH A O    
785 O  O    . HOH D .  ? 0.1978 0.1423 0.3702 0.0378  -0.0021 0.0044  143 HOH A O    
786 O  O    . HOH D .  ? 0.2705 0.3151 0.1973 -0.0061 0.1320  -0.0859 144 HOH A O    
787 O  O    . HOH D .  ? 0.4494 0.1734 0.4309 0.0281  -0.2259 -0.0725 145 HOH A O    
788 O  O    . HOH D .  ? 0.2484 0.2816 0.2804 0.0136  -0.0615 0.0135  146 HOH A O    
789 O  O    . HOH D .  ? 0.2338 0.3660 0.1885 -0.1518 -0.0628 -0.0684 147 HOH A O    
790 O  O    . HOH D .  ? 0.1331 0.1366 0.3015 -0.0338 -0.0238 0.0414  148 HOH A O    
791 O  O    . HOH D .  ? 0.3226 0.2589 0.3042 -0.1581 0.0008  0.0608  149 HOH A O    
792 O  O    . HOH D .  ? 0.4341 0.1411 0.2369 0.0009  -0.0480 0.0867  150 HOH A O    
793 O  O    . HOH D .  ? 0.2123 0.2878 0.0859 -0.0035 -0.0040 -0.0199 151 HOH A O    
794 O  O    . HOH D .  ? 0.4771 0.2255 0.2602 -0.1015 0.1534  -0.0567 152 HOH A O    
795 O  O    . HOH D .  ? 0.3637 0.2708 0.3297 0.0227  -0.0394 0.0780  153 HOH A O    
796 O  O    . HOH D .  ? 0.1731 0.2072 0.2221 0.0491  0.0285  0.0304  154 HOH A O    
797 O  O    . HOH D .  ? 0.2579 0.4190 0.2908 -0.0751 -0.0688 0.2247  155 HOH A O    
798 O  O    . HOH D .  ? 0.4834 0.1762 0.3137 0.0601  -0.0949 0.1079  156 HOH A O    
799 O  O    . HOH D .  ? 0.2488 0.2537 0.2959 0.0402  0.0734  0.0938  157 HOH A O    
800 O  O    . HOH D .  ? 0.3620 0.2039 0.3427 0.1268  0.1468  0.0413  158 HOH A O    
801 O  O    . HOH D .  ? 0.3938 0.2934 0.3083 -0.0771 0.0059  -0.0380 159 HOH A O    
802 O  O    . HOH D .  ? 0.3462 0.3392 0.6640 0.0711  0.0871  -0.0784 160 HOH A O    
803 O  O    . HOH D .  ? 0.4467 0.2494 0.3770 0.0606  -0.1900 -0.0159 161 HOH A O    
804 O  O    . HOH D .  ? 0.0870 0.1422 0.0924 -0.0166 0.0151  -0.0088 162 HOH A O    
805 O  O    . HOH D .  ? 0.1491 0.0888 0.0636 -0.0273 0.0031  0.0104  163 HOH A O    
806 O  O    . HOH D .  ? 0.2520 0.2579 0.5792 -0.0587 -0.0893 -0.1043 164 HOH A O    
807 O  O    . HOH D .  ? 0.1411 0.1140 0.1078 0.0111  -0.0205 0.0060  165 HOH A O    
808 O  O    . HOH D .  ? 0.2446 0.1403 0.2797 -0.0002 0.0007  0.0100  166 HOH A O    
809 O  O    . HOH D .  ? 0.2035 0.0854 0.1276 0.0185  0.0415  -0.0084 167 HOH A O    
810 O  O    . HOH D .  ? 0.0857 0.1169 0.1401 0.0118  -0.0197 -0.0572 168 HOH A O    
811 O  O    . HOH D .  ? 0.1209 0.1866 0.1973 0.0034  0.0130  0.0425  169 HOH A O    
812 O  O    . HOH D .  ? 0.1057 0.2695 0.1888 0.0182  -0.0495 -0.0772 170 HOH A O    
813 O  O    . HOH D .  ? 0.1749 0.4321 0.3829 0.1264  -0.1034 -0.1852 171 HOH A O    
814 O  O    . HOH D .  ? 0.2383 0.1463 0.1948 0.0128  -0.0599 0.0334  172 HOH A O    
815 O  O    . HOH D .  ? 0.1360 0.2968 0.2730 -0.1186 0.1109  -0.2106 173 HOH A O    
816 O  O    . HOH D .  ? 0.2822 0.1330 0.2284 -0.0104 -0.0467 0.0225  174 HOH A O    
817 O  O    . HOH D .  ? 0.2476 0.5532 0.2667 -0.0009 -0.0763 -0.1669 175 HOH A O    
818 O  O    . HOH D .  ? 0.1641 0.2236 0.2188 0.0205  -0.0052 -0.0720 177 HOH A O    
819 O  O    . HOH D .  ? 0.4998 0.2852 0.3653 0.2034  -0.1536 -0.1323 179 HOH A O    
820 O  O    . HOH D .  ? 0.4422 0.1816 0.1985 0.0301  0.0639  -0.0368 180 HOH A O    
821 O  O    . HOH D .  ? 0.5330 0.2945 0.3625 -0.0201 -0.0973 -0.1669 181 HOH A O    
822 O  O    . HOH D .  ? 0.2080 0.3373 0.2877 -0.1296 -0.1285 -0.0345 182 HOH A O    
823 O  O    . HOH D .  ? 0.5966 0.1931 0.4724 -0.0811 -0.1525 0.1151  183 HOH A O    
824 O  O    . HOH D .  ? 0.2828 0.2755 0.3604 0.0265  -0.0109 -0.0003 184 HOH A O    
825 O  O    . HOH D .  ? 0.4110 0.2535 0.3755 -0.0338 -0.1856 -0.0224 185 HOH A O    
826 O  O    . HOH D .  ? 0.5356 0.8157 0.2628 -0.0684 0.0371  -0.0109 186 HOH A O    
827 O  O    . HOH D .  ? 0.3297 0.2296 0.2393 -0.1160 -0.0301 0.0645  187 HOH A O    
828 O  O    . HOH D .  ? 0.7626 0.1949 0.2088 -0.0273 0.1198  -0.0319 188 HOH A O    
829 O  O    . HOH D .  ? 0.2429 0.4639 0.3994 -0.1730 -0.0599 -0.0502 189 HOH A O    
830 O  O    . HOH D .  ? 0.4805 0.2447 0.4051 -0.0715 -0.1692 0.0248  190 HOH A O    
831 O  O    . HOH D .  ? 0.5557 0.3414 0.1308 -0.0083 0.0453  0.1236  191 HOH A O    
832 O  O    . HOH D .  ? 0.3135 0.4449 0.2463 0.2121  -0.0018 0.0384  192 HOH A O    
833 O  O    . HOH D .  ? 0.2091 0.5919 0.1659 0.0417  -0.0118 -0.1224 193 HOH A O    
834 O  O    . HOH D .  ? 0.4652 0.3540 0.3831 -0.0339 0.1339  0.0837  194 HOH A O    
835 O  O    . HOH D .  ? 0.2098 0.2385 0.3524 -0.0943 0.0182  0.0861  195 HOH A O    
836 O  O    . HOH D .  ? 0.2619 0.1285 0.4961 -0.0646 -0.0242 0.0156  196 HOH A O    
# 
